data_7CNB
# 
_entry.id   7CNB 
# 
_audit_conform.dict_name       mmcif_pdbx.dic 
_audit_conform.dict_version    5.387 
_audit_conform.dict_location   http://mmcif.pdb.org/dictionaries/ascii/mmcif_pdbx.dic 
# 
loop_
_database_2.database_id 
_database_2.database_code 
_database_2.pdbx_database_accession 
_database_2.pdbx_DOI 
PDB   7CNB         pdb_00007cnb 10.2210/pdb7cnb/pdb 
WWPDB D_1300017912 ?            ?                   
# 
loop_
_pdbx_audit_revision_history.ordinal 
_pdbx_audit_revision_history.data_content_type 
_pdbx_audit_revision_history.major_revision 
_pdbx_audit_revision_history.minor_revision 
_pdbx_audit_revision_history.revision_date 
1 'Structure model' 1 0 2021-03-24 
2 'Structure model' 1 1 2021-03-31 
3 'Structure model' 1 2 2021-04-07 
4 'Structure model' 1 3 2024-03-27 
# 
_pdbx_audit_revision_details.ordinal             1 
_pdbx_audit_revision_details.revision_ordinal    1 
_pdbx_audit_revision_details.data_content_type   'Structure model' 
_pdbx_audit_revision_details.provider            repository 
_pdbx_audit_revision_details.type                'Initial release' 
_pdbx_audit_revision_details.description         ? 
_pdbx_audit_revision_details.details             ? 
# 
loop_
_pdbx_audit_revision_group.ordinal 
_pdbx_audit_revision_group.revision_ordinal 
_pdbx_audit_revision_group.data_content_type 
_pdbx_audit_revision_group.group 
1 2 'Structure model' 'Database references' 
2 3 'Structure model' 'Database references' 
3 4 'Structure model' 'Data collection'     
4 4 'Structure model' 'Database references' 
# 
loop_
_pdbx_audit_revision_category.ordinal 
_pdbx_audit_revision_category.revision_ordinal 
_pdbx_audit_revision_category.data_content_type 
_pdbx_audit_revision_category.category 
1 2 'Structure model' citation        
2 3 'Structure model' citation        
3 3 'Structure model' citation_author 
4 4 'Structure model' chem_comp_atom  
5 4 'Structure model' chem_comp_bond  
6 4 'Structure model' database_2      
# 
loop_
_pdbx_audit_revision_item.ordinal 
_pdbx_audit_revision_item.revision_ordinal 
_pdbx_audit_revision_item.data_content_type 
_pdbx_audit_revision_item.item 
1 2 'Structure model' '_citation.title'                     
2 3 'Structure model' '_citation.journal_volume'            
3 3 'Structure model' '_citation.page_first'                
4 3 'Structure model' '_citation.page_last'                 
5 3 'Structure model' '_citation.title'                     
6 3 'Structure model' '_citation_author.identifier_ORCID'   
7 4 'Structure model' '_database_2.pdbx_DOI'                
8 4 'Structure model' '_database_2.pdbx_database_accession' 
# 
_pdbx_database_status.status_code                     REL 
_pdbx_database_status.status_code_sf                  REL 
_pdbx_database_status.status_code_mr                  ? 
_pdbx_database_status.entry_id                        7CNB 
_pdbx_database_status.recvd_initial_deposition_date   2020-07-30 
_pdbx_database_status.SG_entry                        N 
_pdbx_database_status.deposit_site                    PDBJ 
_pdbx_database_status.process_site                    PDBJ 
_pdbx_database_status.status_code_cs                  ? 
_pdbx_database_status.status_code_nmr_data            ? 
_pdbx_database_status.methods_development_category    ? 
_pdbx_database_status.pdb_format_compatible           Y 
# 
loop_
_audit_author.name 
_audit_author.pdbx_ordinal 
_audit_author.identifier_ORCID 
'Ouyang, S.Y.'    1 ? 
'Saeed, A.F.U.H.' 2 ? 
# 
_citation.abstract                  ? 
_citation.abstract_id_CAS           ? 
_citation.book_id_ISBN              ? 
_citation.book_publisher            ? 
_citation.book_publisher_city       ? 
_citation.book_title                ? 
_citation.coordinate_linkage        ? 
_citation.country                   US 
_citation.database_id_Medline       ? 
_citation.details                   ? 
_citation.id                        primary 
_citation.journal_abbrev            Biochemistry 
_citation.journal_id_ASTM           BICHAW 
_citation.journal_id_CSD            0033 
_citation.journal_id_ISSN           0006-2960 
_citation.journal_full              ? 
_citation.journal_issue             ? 
_citation.journal_volume            60 
_citation.language                  ? 
_citation.page_first                886 
_citation.page_last                 897 
_citation.title                     'Structural Insights into gp16 ATPase in the Bacteriophage &#966;29 DNA Packaging Motor.' 
_citation.year                      2021 
_citation.database_id_CSD           ? 
_citation.pdbx_database_id_DOI      10.1021/acs.biochem.0c00935 
_citation.pdbx_database_id_PubMed   33689296 
_citation.unpublished_flag          ? 
# 
loop_
_citation_author.citation_id 
_citation_author.name 
_citation_author.ordinal 
_citation_author.identifier_ORCID 
primary 'Saeed, A.F.U.H.' 1 ? 
primary 'Chan, C.'        2 ? 
primary 'Guan, H.'        3 ? 
primary 'Gong, B.'        4 ? 
primary 'Guo, P.'         5 ? 
primary 'Cheng, X.'       6 ? 
primary 'Ouyang, S.'      7 ? 
# 
_entity.id                         1 
_entity.type                       polymer 
_entity.src_method                 man 
_entity.pdbx_description           'DNA packaging protein' 
_entity.formula_weight             12675.441 
_entity.pdbx_number_of_molecules   1 
_entity.pdbx_ec                    3.6.4.- 
_entity.pdbx_mutation              ? 
_entity.pdbx_fragment              ? 
_entity.details                    ? 
# 
_entity_name_com.entity_id   1 
_entity_name_com.name        'Gp16, ATPase gp16,Gene product 16,gp16,Protein p16' 
# 
_entity_poly.entity_id                      1 
_entity_poly.type                           'polypeptide(L)' 
_entity_poly.nstd_linkage                   no 
_entity_poly.nstd_monomer                   no 
_entity_poly.pdbx_seq_one_letter_code       
;DSQVFIEKRSKDSKFVFSIVYNGFTLGVWVDVNQGLMYIDTAHDPSTKNVYTLTTDDLNENMMLITNYKNNYHLRKLASA
FMNGYLRFDNQVIRNIAYELFRKMRIQ
;
_entity_poly.pdbx_seq_one_letter_code_can   
;DSQVFIEKRSKDSKFVFSIVYNGFTLGVWVDVNQGLMYIDTAHDPSTKNVYTLTTDDLNENMMLITNYKNNYHLRKLASA
FMNGYLRFDNQVIRNIAYELFRKMRIQ
;
_entity_poly.pdbx_strand_id                 A 
_entity_poly.pdbx_target_identifier         ? 
# 
loop_
_entity_poly_seq.entity_id 
_entity_poly_seq.num 
_entity_poly_seq.mon_id 
_entity_poly_seq.hetero 
1 1   ASP n 
1 2   SER n 
1 3   GLN n 
1 4   VAL n 
1 5   PHE n 
1 6   ILE n 
1 7   GLU n 
1 8   LYS n 
1 9   ARG n 
1 10  SER n 
1 11  LYS n 
1 12  ASP n 
1 13  SER n 
1 14  LYS n 
1 15  PHE n 
1 16  VAL n 
1 17  PHE n 
1 18  SER n 
1 19  ILE n 
1 20  VAL n 
1 21  TYR n 
1 22  ASN n 
1 23  GLY n 
1 24  PHE n 
1 25  THR n 
1 26  LEU n 
1 27  GLY n 
1 28  VAL n 
1 29  TRP n 
1 30  VAL n 
1 31  ASP n 
1 32  VAL n 
1 33  ASN n 
1 34  GLN n 
1 35  GLY n 
1 36  LEU n 
1 37  MET n 
1 38  TYR n 
1 39  ILE n 
1 40  ASP n 
1 41  THR n 
1 42  ALA n 
1 43  HIS n 
1 44  ASP n 
1 45  PRO n 
1 46  SER n 
1 47  THR n 
1 48  LYS n 
1 49  ASN n 
1 50  VAL n 
1 51  TYR n 
1 52  THR n 
1 53  LEU n 
1 54  THR n 
1 55  THR n 
1 56  ASP n 
1 57  ASP n 
1 58  LEU n 
1 59  ASN n 
1 60  GLU n 
1 61  ASN n 
1 62  MET n 
1 63  MET n 
1 64  LEU n 
1 65  ILE n 
1 66  THR n 
1 67  ASN n 
1 68  TYR n 
1 69  LYS n 
1 70  ASN n 
1 71  ASN n 
1 72  TYR n 
1 73  HIS n 
1 74  LEU n 
1 75  ARG n 
1 76  LYS n 
1 77  LEU n 
1 78  ALA n 
1 79  SER n 
1 80  ALA n 
1 81  PHE n 
1 82  MET n 
1 83  ASN n 
1 84  GLY n 
1 85  TYR n 
1 86  LEU n 
1 87  ARG n 
1 88  PHE n 
1 89  ASP n 
1 90  ASN n 
1 91  GLN n 
1 92  VAL n 
1 93  ILE n 
1 94  ARG n 
1 95  ASN n 
1 96  ILE n 
1 97  ALA n 
1 98  TYR n 
1 99  GLU n 
1 100 LEU n 
1 101 PHE n 
1 102 ARG n 
1 103 LYS n 
1 104 MET n 
1 105 ARG n 
1 106 ILE n 
1 107 GLN n 
# 
_entity_src_gen.entity_id                          1 
_entity_src_gen.pdbx_src_id                        1 
_entity_src_gen.pdbx_alt_source_flag               sample 
_entity_src_gen.pdbx_seq_type                      'Biological sequence' 
_entity_src_gen.pdbx_beg_seq_num                   1 
_entity_src_gen.pdbx_end_seq_num                   107 
_entity_src_gen.gene_src_common_name               ? 
_entity_src_gen.gene_src_genus                     ? 
_entity_src_gen.pdbx_gene_src_gene                 16 
_entity_src_gen.gene_src_species                   ? 
_entity_src_gen.gene_src_strain                    ? 
_entity_src_gen.gene_src_tissue                    ? 
_entity_src_gen.gene_src_tissue_fraction           ? 
_entity_src_gen.gene_src_details                   ? 
_entity_src_gen.pdbx_gene_src_fragment             ? 
_entity_src_gen.pdbx_gene_src_scientific_name      'Bacillus phage phi29' 
_entity_src_gen.pdbx_gene_src_ncbi_taxonomy_id     10756 
_entity_src_gen.pdbx_gene_src_variant              ? 
_entity_src_gen.pdbx_gene_src_cell_line            ? 
_entity_src_gen.pdbx_gene_src_atcc                 ? 
_entity_src_gen.pdbx_gene_src_organ                ? 
_entity_src_gen.pdbx_gene_src_organelle            ? 
_entity_src_gen.pdbx_gene_src_cell                 ? 
_entity_src_gen.pdbx_gene_src_cellular_location    ? 
_entity_src_gen.host_org_common_name               ? 
_entity_src_gen.pdbx_host_org_scientific_name      'Escherichia coli' 
_entity_src_gen.pdbx_host_org_ncbi_taxonomy_id     562 
_entity_src_gen.host_org_genus                     ? 
_entity_src_gen.pdbx_host_org_gene                 ? 
_entity_src_gen.pdbx_host_org_organ                ? 
_entity_src_gen.host_org_species                   ? 
_entity_src_gen.pdbx_host_org_tissue               ? 
_entity_src_gen.pdbx_host_org_tissue_fraction      ? 
_entity_src_gen.pdbx_host_org_strain               ? 
_entity_src_gen.pdbx_host_org_variant              ? 
_entity_src_gen.pdbx_host_org_cell_line            ? 
_entity_src_gen.pdbx_host_org_atcc                 ? 
_entity_src_gen.pdbx_host_org_culture_collection   ? 
_entity_src_gen.pdbx_host_org_cell                 ? 
_entity_src_gen.pdbx_host_org_organelle            ? 
_entity_src_gen.pdbx_host_org_cellular_location    ? 
_entity_src_gen.pdbx_host_org_vector_type          ? 
_entity_src_gen.pdbx_host_org_vector               ? 
_entity_src_gen.host_org_details                   ? 
_entity_src_gen.expression_system_id               ? 
_entity_src_gen.plasmid_name                       ? 
_entity_src_gen.plasmid_details                    ? 
_entity_src_gen.pdbx_description                   ? 
# 
loop_
_chem_comp.id 
_chem_comp.type 
_chem_comp.mon_nstd_flag 
_chem_comp.name 
_chem_comp.pdbx_synonyms 
_chem_comp.formula 
_chem_comp.formula_weight 
ALA 'L-peptide linking' y ALANINE         ? 'C3 H7 N O2'     89.093  
ARG 'L-peptide linking' y ARGININE        ? 'C6 H15 N4 O2 1' 175.209 
ASN 'L-peptide linking' y ASPARAGINE      ? 'C4 H8 N2 O3'    132.118 
ASP 'L-peptide linking' y 'ASPARTIC ACID' ? 'C4 H7 N O4'     133.103 
GLN 'L-peptide linking' y GLUTAMINE       ? 'C5 H10 N2 O3'   146.144 
GLU 'L-peptide linking' y 'GLUTAMIC ACID' ? 'C5 H9 N O4'     147.129 
GLY 'peptide linking'   y GLYCINE         ? 'C2 H5 N O2'     75.067  
HIS 'L-peptide linking' y HISTIDINE       ? 'C6 H10 N3 O2 1' 156.162 
ILE 'L-peptide linking' y ISOLEUCINE      ? 'C6 H13 N O2'    131.173 
LEU 'L-peptide linking' y LEUCINE         ? 'C6 H13 N O2'    131.173 
LYS 'L-peptide linking' y LYSINE          ? 'C6 H15 N2 O2 1' 147.195 
MET 'L-peptide linking' y METHIONINE      ? 'C5 H11 N O2 S'  149.211 
PHE 'L-peptide linking' y PHENYLALANINE   ? 'C9 H11 N O2'    165.189 
PRO 'L-peptide linking' y PROLINE         ? 'C5 H9 N O2'     115.130 
SER 'L-peptide linking' y SERINE          ? 'C3 H7 N O3'     105.093 
THR 'L-peptide linking' y THREONINE       ? 'C4 H9 N O3'     119.119 
TRP 'L-peptide linking' y TRYPTOPHAN      ? 'C11 H12 N2 O2'  204.225 
TYR 'L-peptide linking' y TYROSINE        ? 'C9 H11 N O3'    181.189 
VAL 'L-peptide linking' y VALINE          ? 'C5 H11 N O2'    117.146 
# 
loop_
_pdbx_poly_seq_scheme.asym_id 
_pdbx_poly_seq_scheme.entity_id 
_pdbx_poly_seq_scheme.seq_id 
_pdbx_poly_seq_scheme.mon_id 
_pdbx_poly_seq_scheme.ndb_seq_num 
_pdbx_poly_seq_scheme.pdb_seq_num 
_pdbx_poly_seq_scheme.auth_seq_num 
_pdbx_poly_seq_scheme.pdb_mon_id 
_pdbx_poly_seq_scheme.auth_mon_id 
_pdbx_poly_seq_scheme.pdb_strand_id 
_pdbx_poly_seq_scheme.pdb_ins_code 
_pdbx_poly_seq_scheme.hetero 
A 1 1   ASP 1   18  18  ASP ASP A . n 
A 1 2   SER 2   19  19  SER SER A . n 
A 1 3   GLN 3   20  20  GLN GLN A . n 
A 1 4   VAL 4   21  21  VAL VAL A . n 
A 1 5   PHE 5   22  22  PHE PHE A . n 
A 1 6   ILE 6   23  23  ILE ILE A . n 
A 1 7   GLU 7   24  24  GLU GLU A . n 
A 1 8   LYS 8   25  25  LYS LYS A . n 
A 1 9   ARG 9   26  26  ARG ARG A . n 
A 1 10  SER 10  27  27  SER SER A . n 
A 1 11  LYS 11  28  28  LYS LYS A . n 
A 1 12  ASP 12  29  29  ASP ASP A . n 
A 1 13  SER 13  30  30  SER SER A . n 
A 1 14  LYS 14  31  31  LYS LYS A . n 
A 1 15  PHE 15  32  32  PHE PHE A . n 
A 1 16  VAL 16  33  33  VAL VAL A . n 
A 1 17  PHE 17  34  34  PHE PHE A . n 
A 1 18  SER 18  35  35  SER SER A . n 
A 1 19  ILE 19  36  36  ILE ILE A . n 
A 1 20  VAL 20  37  37  VAL VAL A . n 
A 1 21  TYR 21  38  38  TYR TYR A . n 
A 1 22  ASN 22  39  39  ASN ASN A . n 
A 1 23  GLY 23  40  40  GLY GLY A . n 
A 1 24  PHE 24  41  41  PHE PHE A . n 
A 1 25  THR 25  42  42  THR THR A . n 
A 1 26  LEU 26  43  43  LEU LEU A . n 
A 1 27  GLY 27  44  44  GLY GLY A . n 
A 1 28  VAL 28  45  45  VAL VAL A . n 
A 1 29  TRP 29  46  46  TRP TRP A . n 
A 1 30  VAL 30  47  47  VAL VAL A . n 
A 1 31  ASP 31  48  48  ASP ASP A . n 
A 1 32  VAL 32  49  49  VAL VAL A . n 
A 1 33  ASN 33  50  50  ASN ASN A . n 
A 1 34  GLN 34  51  51  GLN GLN A . n 
A 1 35  GLY 35  52  52  GLY GLY A . n 
A 1 36  LEU 36  53  53  LEU LEU A . n 
A 1 37  MET 37  54  54  MET MET A . n 
A 1 38  TYR 38  55  55  TYR TYR A . n 
A 1 39  ILE 39  56  56  ILE ILE A . n 
A 1 40  ASP 40  57  57  ASP ASP A . n 
A 1 41  THR 41  58  58  THR THR A . n 
A 1 42  ALA 42  59  59  ALA ALA A . n 
A 1 43  HIS 43  60  60  HIS HIS A . n 
A 1 44  ASP 44  61  61  ASP ASP A . n 
A 1 45  PRO 45  62  62  PRO PRO A . n 
A 1 46  SER 46  63  63  SER SER A . n 
A 1 47  THR 47  64  64  THR THR A . n 
A 1 48  LYS 48  65  65  LYS LYS A . n 
A 1 49  ASN 49  66  66  ASN ASN A . n 
A 1 50  VAL 50  67  67  VAL VAL A . n 
A 1 51  TYR 51  68  68  TYR TYR A . n 
A 1 52  THR 52  69  69  THR THR A . n 
A 1 53  LEU 53  70  70  LEU LEU A . n 
A 1 54  THR 54  71  71  THR THR A . n 
A 1 55  THR 55  72  72  THR THR A . n 
A 1 56  ASP 56  73  73  ASP ASP A . n 
A 1 57  ASP 57  74  74  ASP ASP A . n 
A 1 58  LEU 58  75  75  LEU LEU A . n 
A 1 59  ASN 59  76  76  ASN ASN A . n 
A 1 60  GLU 60  77  77  GLU GLU A . n 
A 1 61  ASN 61  78  78  ASN ASN A . n 
A 1 62  MET 62  79  79  MET MET A . n 
A 1 63  MET 63  80  80  MET MET A . n 
A 1 64  LEU 64  81  81  LEU LEU A . n 
A 1 65  ILE 65  82  82  ILE ILE A . n 
A 1 66  THR 66  83  83  THR THR A . n 
A 1 67  ASN 67  84  84  ASN ASN A . n 
A 1 68  TYR 68  85  85  TYR TYR A . n 
A 1 69  LYS 69  86  86  LYS LYS A . n 
A 1 70  ASN 70  87  87  ASN ASN A . n 
A 1 71  ASN 71  88  88  ASN ASN A . n 
A 1 72  TYR 72  89  89  TYR TYR A . n 
A 1 73  HIS 73  90  90  HIS HIS A . n 
A 1 74  LEU 74  91  91  LEU LEU A . n 
A 1 75  ARG 75  92  92  ARG ARG A . n 
A 1 76  LYS 76  93  93  LYS LYS A . n 
A 1 77  LEU 77  94  94  LEU LEU A . n 
A 1 78  ALA 78  95  95  ALA ALA A . n 
A 1 79  SER 79  96  96  SER SER A . n 
A 1 80  ALA 80  97  97  ALA ALA A . n 
A 1 81  PHE 81  98  98  PHE PHE A . n 
A 1 82  MET 82  99  99  MET MET A . n 
A 1 83  ASN 83  100 100 ASN ASN A . n 
A 1 84  GLY 84  101 101 GLY GLY A . n 
A 1 85  TYR 85  102 102 TYR TYR A . n 
A 1 86  LEU 86  103 103 LEU LEU A . n 
A 1 87  ARG 87  104 104 ARG ARG A . n 
A 1 88  PHE 88  105 105 PHE PHE A . n 
A 1 89  ASP 89  106 106 ASP ASP A . n 
A 1 90  ASN 90  107 107 ASN ASN A . n 
A 1 91  GLN 91  108 108 GLN GLN A . n 
A 1 92  VAL 92  109 109 VAL VAL A . n 
A 1 93  ILE 93  110 110 ILE ILE A . n 
A 1 94  ARG 94  111 111 ARG ARG A . n 
A 1 95  ASN 95  112 112 ASN ASN A . n 
A 1 96  ILE 96  113 113 ILE ILE A . n 
A 1 97  ALA 97  114 114 ALA ALA A . n 
A 1 98  TYR 98  115 115 TYR TYR A . n 
A 1 99  GLU 99  116 116 GLU GLU A . n 
A 1 100 LEU 100 117 117 LEU LEU A . n 
A 1 101 PHE 101 118 118 PHE PHE A . n 
A 1 102 ARG 102 119 119 ARG ARG A . n 
A 1 103 LYS 103 120 120 LYS LYS A . n 
A 1 104 MET 104 121 121 MET MET A . n 
A 1 105 ARG 105 122 122 ARG ARG A . n 
A 1 106 ILE 106 123 123 ILE ILE A . n 
A 1 107 GLN 107 124 124 GLN GLN A . n 
# 
loop_
_pdbx_unobs_or_zero_occ_atoms.id 
_pdbx_unobs_or_zero_occ_atoms.PDB_model_num 
_pdbx_unobs_or_zero_occ_atoms.polymer_flag 
_pdbx_unobs_or_zero_occ_atoms.occupancy_flag 
_pdbx_unobs_or_zero_occ_atoms.auth_asym_id 
_pdbx_unobs_or_zero_occ_atoms.auth_comp_id 
_pdbx_unobs_or_zero_occ_atoms.auth_seq_id 
_pdbx_unobs_or_zero_occ_atoms.PDB_ins_code 
_pdbx_unobs_or_zero_occ_atoms.auth_atom_id 
_pdbx_unobs_or_zero_occ_atoms.label_alt_id 
_pdbx_unobs_or_zero_occ_atoms.label_asym_id 
_pdbx_unobs_or_zero_occ_atoms.label_comp_id 
_pdbx_unobs_or_zero_occ_atoms.label_seq_id 
_pdbx_unobs_or_zero_occ_atoms.label_atom_id 
1  1 Y 1 A GLU 24  ? CG  ? A GLU 7  CG  
2  1 Y 1 A GLU 24  ? CD  ? A GLU 7  CD  
3  1 Y 1 A GLU 24  ? OE1 ? A GLU 7  OE1 
4  1 Y 1 A GLU 24  ? OE2 ? A GLU 7  OE2 
5  1 Y 1 A ARG 104 ? CG  ? A ARG 87 CG  
6  1 Y 1 A ARG 104 ? CD  ? A ARG 87 CD  
7  1 Y 1 A ARG 104 ? NE  ? A ARG 87 NE  
8  1 Y 1 A ARG 104 ? CZ  ? A ARG 87 CZ  
9  1 Y 1 A ARG 104 ? NH1 ? A ARG 87 NH1 
10 1 Y 1 A ARG 104 ? NH2 ? A ARG 87 NH2 
# 
loop_
_software.citation_id 
_software.classification 
_software.compiler_name 
_software.compiler_version 
_software.contact_author 
_software.contact_author_email 
_software.date 
_software.description 
_software.dependencies 
_software.hardware 
_software.language 
_software.location 
_software.mods 
_software.name 
_software.os 
_software.os_version 
_software.type 
_software.version 
_software.pdbx_ordinal 
? refinement        ? ? ? ? ? ? ? ? ? ? ? PHENIX   ? ? ? 1.11.1_2575 1 
? 'data scaling'    ? ? ? ? ? ? ? ? ? ? ? Aimless  ? ? ? .           2 
? 'data collection' ? ? ? ? ? ? ? ? ? ? ? HKL-2000 ? ? ? .           3 
? 'model building'  ? ? ? ? ? ? ? ? ? ? ? Coot     ? ? ? .           4 
? phasing           ? ? ? ? ? ? ? ? ? ? ? PHENIX   ? ? ? .           5 
# 
_cell.angle_alpha                  90.000 
_cell.angle_alpha_esd              ? 
_cell.angle_beta                   90.000 
_cell.angle_beta_esd               ? 
_cell.angle_gamma                  90.000 
_cell.angle_gamma_esd              ? 
_cell.entry_id                     7CNB 
_cell.details                      ? 
_cell.formula_units_Z              ? 
_cell.length_a                     42.682 
_cell.length_a_esd                 ? 
_cell.length_b                     42.682 
_cell.length_b_esd                 ? 
_cell.length_c                     135.856 
_cell.length_c_esd                 ? 
_cell.volume                       ? 
_cell.volume_esd                   ? 
_cell.Z_PDB                        8 
_cell.reciprocal_angle_alpha       ? 
_cell.reciprocal_angle_beta        ? 
_cell.reciprocal_angle_gamma       ? 
_cell.reciprocal_angle_alpha_esd   ? 
_cell.reciprocal_angle_beta_esd    ? 
_cell.reciprocal_angle_gamma_esd   ? 
_cell.reciprocal_length_a          ? 
_cell.reciprocal_length_b          ? 
_cell.reciprocal_length_c          ? 
_cell.reciprocal_length_a_esd      ? 
_cell.reciprocal_length_b_esd      ? 
_cell.reciprocal_length_c_esd      ? 
_cell.pdbx_unique_axis             ? 
# 
_symmetry.entry_id                         7CNB 
_symmetry.cell_setting                     ? 
_symmetry.Int_Tables_number                91 
_symmetry.space_group_name_Hall            ? 
_symmetry.space_group_name_H-M             'P 41 2 2' 
_symmetry.pdbx_full_space_group_name_H-M   ? 
# 
_exptl.absorpt_coefficient_mu     ? 
_exptl.absorpt_correction_T_max   ? 
_exptl.absorpt_correction_T_min   ? 
_exptl.absorpt_correction_type    ? 
_exptl.absorpt_process_details    ? 
_exptl.entry_id                   7CNB 
_exptl.crystals_number            1 
_exptl.details                    ? 
_exptl.method                     'X-RAY DIFFRACTION' 
_exptl.method_details             ? 
# 
_exptl_crystal.colour                      ? 
_exptl_crystal.density_diffrn              ? 
_exptl_crystal.density_Matthews            2.44 
_exptl_crystal.density_method              ? 
_exptl_crystal.density_percent_sol         49.6 
_exptl_crystal.description                 ? 
_exptl_crystal.F_000                       ? 
_exptl_crystal.id                          1 
_exptl_crystal.preparation                 ? 
_exptl_crystal.size_max                    ? 
_exptl_crystal.size_mid                    ? 
_exptl_crystal.size_min                    ? 
_exptl_crystal.size_rad                    ? 
_exptl_crystal.colour_lustre               ? 
_exptl_crystal.colour_modifier             ? 
_exptl_crystal.colour_primary              ? 
_exptl_crystal.density_meas                ? 
_exptl_crystal.density_meas_esd            ? 
_exptl_crystal.density_meas_gt             ? 
_exptl_crystal.density_meas_lt             ? 
_exptl_crystal.density_meas_temp           ? 
_exptl_crystal.density_meas_temp_esd       ? 
_exptl_crystal.density_meas_temp_gt        ? 
_exptl_crystal.density_meas_temp_lt        ? 
_exptl_crystal.pdbx_crystal_image_url      ? 
_exptl_crystal.pdbx_crystal_image_format   ? 
_exptl_crystal.pdbx_mosaicity              ? 
_exptl_crystal.pdbx_mosaicity_esd          ? 
# 
_exptl_crystal_grow.apparatus       ? 
_exptl_crystal_grow.atmosphere      ? 
_exptl_crystal_grow.crystal_id      1 
_exptl_crystal_grow.details         ? 
_exptl_crystal_grow.method          'VAPOR DIFFUSION, HANGING DROP' 
_exptl_crystal_grow.method_ref      ? 
_exptl_crystal_grow.pH              ? 
_exptl_crystal_grow.pressure        ? 
_exptl_crystal_grow.pressure_esd    ? 
_exptl_crystal_grow.seeding         ? 
_exptl_crystal_grow.seeding_ref     ? 
_exptl_crystal_grow.temp            289.15 
_exptl_crystal_grow.temp_details    ? 
_exptl_crystal_grow.temp_esd        ? 
_exptl_crystal_grow.time            ? 
_exptl_crystal_grow.pdbx_details    '0.1 M Bis-Tris pH 6.5, 1.8 M ammonium sulfate, 2% PEG monoethyl ether 550' 
_exptl_crystal_grow.pdbx_pH_range   ? 
# 
_diffrn.ambient_environment              ? 
_diffrn.ambient_temp                     100 
_diffrn.ambient_temp_details             ? 
_diffrn.ambient_temp_esd                 ? 
_diffrn.crystal_id                       1 
_diffrn.crystal_support                  ? 
_diffrn.crystal_treatment                ? 
_diffrn.details                          ? 
_diffrn.id                               1 
_diffrn.ambient_pressure                 ? 
_diffrn.ambient_pressure_esd             ? 
_diffrn.ambient_pressure_gt              ? 
_diffrn.ambient_pressure_lt              ? 
_diffrn.ambient_temp_gt                  ? 
_diffrn.ambient_temp_lt                  ? 
_diffrn.pdbx_serial_crystal_experiment   N 
# 
_diffrn_detector.details                      ? 
_diffrn_detector.detector                     PIXEL 
_diffrn_detector.diffrn_id                    1 
_diffrn_detector.type                         'DECTRIS EIGER X 16M' 
_diffrn_detector.area_resol_mean              ? 
_diffrn_detector.dtime                        ? 
_diffrn_detector.pdbx_frames_total            ? 
_diffrn_detector.pdbx_collection_time_total   ? 
_diffrn_detector.pdbx_collection_date         2018-11-21 
_diffrn_detector.pdbx_frequency               ? 
# 
_diffrn_radiation.collimation                      ? 
_diffrn_radiation.diffrn_id                        1 
_diffrn_radiation.filter_edge                      ? 
_diffrn_radiation.inhomogeneity                    ? 
_diffrn_radiation.monochromator                    ? 
_diffrn_radiation.polarisn_norm                    ? 
_diffrn_radiation.polarisn_ratio                   ? 
_diffrn_radiation.probe                            ? 
_diffrn_radiation.type                             ? 
_diffrn_radiation.xray_symbol                      ? 
_diffrn_radiation.wavelength_id                    1 
_diffrn_radiation.pdbx_monochromatic_or_laue_m_l   M 
_diffrn_radiation.pdbx_wavelength_list             ? 
_diffrn_radiation.pdbx_wavelength                  ? 
_diffrn_radiation.pdbx_diffrn_protocol             'SINGLE WAVELENGTH' 
_diffrn_radiation.pdbx_analyzer                    ? 
_diffrn_radiation.pdbx_scattering_type             x-ray 
# 
_diffrn_radiation_wavelength.id           1 
_diffrn_radiation_wavelength.wavelength   0.979 
_diffrn_radiation_wavelength.wt           1.0 
# 
_diffrn_source.current                     ? 
_diffrn_source.details                     ? 
_diffrn_source.diffrn_id                   1 
_diffrn_source.power                       ? 
_diffrn_source.size                        ? 
_diffrn_source.source                      SYNCHROTRON 
_diffrn_source.target                      ? 
_diffrn_source.type                        'SSRF BEAMLINE BL17U1' 
_diffrn_source.voltage                     ? 
_diffrn_source.take-off_angle              ? 
_diffrn_source.pdbx_wavelength_list        0.979 
_diffrn_source.pdbx_wavelength             ? 
_diffrn_source.pdbx_synchrotron_beamline   BL17U1 
_diffrn_source.pdbx_synchrotron_site       SSRF 
# 
_reflns.B_iso_Wilson_estimate            52.72 
_reflns.entry_id                         7CNB 
_reflns.data_reduction_details           ? 
_reflns.data_reduction_method            ? 
_reflns.d_resolution_high                2.32 
_reflns.d_resolution_low                 42.68 
_reflns.details                          ? 
_reflns.limit_h_max                      ? 
_reflns.limit_h_min                      ? 
_reflns.limit_k_max                      ? 
_reflns.limit_k_min                      ? 
_reflns.limit_l_max                      ? 
_reflns.limit_l_min                      ? 
_reflns.number_all                       ? 
_reflns.number_obs                       6004 
_reflns.observed_criterion               ? 
_reflns.observed_criterion_F_max         ? 
_reflns.observed_criterion_F_min         ? 
_reflns.observed_criterion_I_max         ? 
_reflns.observed_criterion_I_min         ? 
_reflns.observed_criterion_sigma_F       ? 
_reflns.observed_criterion_sigma_I       ? 
_reflns.percent_possible_obs             100 
_reflns.R_free_details                   ? 
_reflns.Rmerge_F_all                     ? 
_reflns.Rmerge_F_obs                     ? 
_reflns.Friedel_coverage                 ? 
_reflns.number_gt                        ? 
_reflns.threshold_expression             ? 
_reflns.pdbx_redundancy                  23.3 
_reflns.pdbx_Rmerge_I_obs                0.121 
_reflns.pdbx_Rmerge_I_all                ? 
_reflns.pdbx_Rsym_value                  ? 
_reflns.pdbx_netI_over_av_sigmaI         ? 
_reflns.pdbx_netI_over_sigmaI            17.8 
_reflns.pdbx_res_netI_over_av_sigmaI_2   ? 
_reflns.pdbx_res_netI_over_sigmaI_2      ? 
_reflns.pdbx_chi_squared                 ? 
_reflns.pdbx_scaling_rejects             ? 
_reflns.pdbx_d_res_high_opt              ? 
_reflns.pdbx_d_res_low_opt               ? 
_reflns.pdbx_d_res_opt_method            ? 
_reflns.phase_calculation_details        ? 
_reflns.pdbx_Rrim_I_all                  0.126 
_reflns.pdbx_Rpim_I_all                  ? 
_reflns.pdbx_d_opt                       ? 
_reflns.pdbx_number_measured_all         ? 
_reflns.pdbx_diffrn_id                   1 
_reflns.pdbx_ordinal                     1 
_reflns.pdbx_CC_half                     0.999 
_reflns.pdbx_CC_star                     ? 
_reflns.pdbx_R_split                     ? 
# 
_reflns_shell.d_res_high                  2.32 
_reflns_shell.d_res_low                   2.44 
_reflns_shell.meanI_over_sigI_all         ? 
_reflns_shell.meanI_over_sigI_obs         2.9 
_reflns_shell.number_measured_all         ? 
_reflns_shell.number_measured_obs         ? 
_reflns_shell.number_possible             ? 
_reflns_shell.number_unique_all           ? 
_reflns_shell.number_unique_obs           835 
_reflns_shell.percent_possible_all        100 
_reflns_shell.percent_possible_obs        ? 
_reflns_shell.Rmerge_F_all                ? 
_reflns_shell.Rmerge_F_obs                ? 
_reflns_shell.Rmerge_I_all                ? 
_reflns_shell.Rmerge_I_obs                1.380 
_reflns_shell.meanI_over_sigI_gt          ? 
_reflns_shell.meanI_over_uI_all           ? 
_reflns_shell.meanI_over_uI_gt            ? 
_reflns_shell.number_measured_gt          ? 
_reflns_shell.number_unique_gt            ? 
_reflns_shell.percent_possible_gt         ? 
_reflns_shell.Rmerge_F_gt                 ? 
_reflns_shell.Rmerge_I_gt                 ? 
_reflns_shell.pdbx_redundancy             ? 
_reflns_shell.pdbx_Rsym_value             ? 
_reflns_shell.pdbx_chi_squared            ? 
_reflns_shell.pdbx_netI_over_sigmaI_all   ? 
_reflns_shell.pdbx_netI_over_sigmaI_obs   ? 
_reflns_shell.pdbx_Rrim_I_all             1.434 
_reflns_shell.pdbx_Rpim_I_all             ? 
_reflns_shell.pdbx_rejects                ? 
_reflns_shell.pdbx_ordinal                1 
_reflns_shell.pdbx_diffrn_id              1 
_reflns_shell.pdbx_CC_half                0.883 
_reflns_shell.pdbx_CC_star                ? 
_reflns_shell.pdbx_R_split                ? 
# 
_refine.aniso_B[1][1]                            1.0400 
_refine.aniso_B[1][2]                            -0.0000 
_refine.aniso_B[1][3]                            -0.0000 
_refine.aniso_B[2][2]                            1.0400 
_refine.aniso_B[2][3]                            -0.0000 
_refine.aniso_B[3][3]                            -2.0800 
_refine.B_iso_max                                177.580 
_refine.B_iso_mean                               58.2470 
_refine.B_iso_min                                30.230 
_refine.correlation_coeff_Fo_to_Fc               0.9320 
_refine.correlation_coeff_Fo_to_Fc_free          ? 
_refine.details                                  
'HYDROGENS HAVE BEEN ADDED IN THE RIDING POSITIONS U VALUES      : REFINED INDIVIDUALLY' 
_refine.diff_density_max                         ? 
_refine.diff_density_max_esd                     ? 
_refine.diff_density_min                         ? 
_refine.diff_density_min_esd                     ? 
_refine.diff_density_rms                         ? 
_refine.diff_density_rms_esd                     ? 
_refine.entry_id                                 7CNB 
_refine.pdbx_refine_id                           'X-RAY DIFFRACTION' 
_refine.ls_abs_structure_details                 ? 
_refine.ls_abs_structure_Flack                   ? 
_refine.ls_abs_structure_Flack_esd               ? 
_refine.ls_abs_structure_Rogers                  ? 
_refine.ls_abs_structure_Rogers_esd              ? 
_refine.ls_d_res_high                            2.3200 
_refine.ls_d_res_low                             42.6800 
_refine.ls_extinction_coef                       ? 
_refine.ls_extinction_coef_esd                   ? 
_refine.ls_extinction_expression                 ? 
_refine.ls_extinction_method                     ? 
_refine.ls_goodness_of_fit_all                   ? 
_refine.ls_goodness_of_fit_all_esd               ? 
_refine.ls_goodness_of_fit_obs                   ? 
_refine.ls_goodness_of_fit_obs_esd               ? 
_refine.ls_hydrogen_treatment                    ? 
_refine.ls_matrix_type                           ? 
_refine.ls_number_constraints                    ? 
_refine.ls_number_parameters                     ? 
_refine.ls_number_reflns_all                     ? 
_refine.ls_number_reflns_obs                     5967 
_refine.ls_number_reflns_R_free                  ? 
_refine.ls_number_reflns_R_work                  ? 
_refine.ls_number_restraints                     ? 
_refine.ls_percent_reflns_obs                    99.9800 
_refine.ls_percent_reflns_R_free                 ? 
_refine.ls_R_factor_all                          ? 
_refine.ls_R_factor_obs                          0.2495 
_refine.ls_R_factor_R_free                       0.2708 
_refine.ls_R_factor_R_free_error                 ? 
_refine.ls_R_factor_R_free_error_details         ? 
_refine.ls_R_factor_R_work                       0.2495 
_refine.ls_R_Fsqd_factor_obs                     ? 
_refine.ls_R_I_factor_obs                        ? 
_refine.ls_redundancy_reflns_all                 ? 
_refine.ls_redundancy_reflns_obs                 ? 
_refine.ls_restrained_S_all                      ? 
_refine.ls_restrained_S_obs                      ? 
_refine.ls_shift_over_esd_max                    ? 
_refine.ls_shift_over_esd_mean                   ? 
_refine.ls_structure_factor_coef                 ? 
_refine.ls_weighting_details                     ? 
_refine.ls_weighting_scheme                      ? 
_refine.ls_wR_factor_all                         ? 
_refine.ls_wR_factor_obs                         ? 
_refine.ls_wR_factor_R_free                      ? 
_refine.ls_wR_factor_R_work                      ? 
_refine.occupancy_max                            ? 
_refine.occupancy_min                            ? 
_refine.solvent_model_details                    MASK 
_refine.solvent_model_param_bsol                 ? 
_refine.solvent_model_param_ksol                 ? 
_refine.pdbx_R_complete                          ? 
_refine.ls_R_factor_gt                           ? 
_refine.ls_goodness_of_fit_gt                    ? 
_refine.ls_goodness_of_fit_ref                   ? 
_refine.ls_shift_over_su_max                     ? 
_refine.ls_shift_over_su_max_lt                  ? 
_refine.ls_shift_over_su_mean                    ? 
_refine.ls_shift_over_su_mean_lt                 ? 
_refine.pdbx_ls_sigma_I                          ? 
_refine.pdbx_ls_sigma_F                          0.000 
_refine.pdbx_ls_sigma_Fsqd                       ? 
_refine.pdbx_data_cutoff_high_absF               ? 
_refine.pdbx_data_cutoff_high_rms_absF           ? 
_refine.pdbx_data_cutoff_low_absF                ? 
_refine.pdbx_isotropic_thermal_model             ? 
_refine.pdbx_ls_cross_valid_method               THROUGHOUT 
_refine.pdbx_method_to_determine_struct          SAD 
_refine.pdbx_starting_model                      ? 
_refine.pdbx_stereochemistry_target_values       'MAXIMUM LIKELIHOOD WITH PHASES' 
_refine.pdbx_R_Free_selection_details            ? 
_refine.pdbx_stereochem_target_val_spec_case     ? 
_refine.pdbx_overall_ESU_R                       0.3510 
_refine.pdbx_overall_ESU_R_Free                  ? 
_refine.pdbx_solvent_vdw_probe_radii             1.2000 
_refine.pdbx_solvent_ion_probe_radii             0.8000 
_refine.pdbx_solvent_shrinkage_radii             0.8000 
_refine.pdbx_real_space_R                        ? 
_refine.pdbx_density_correlation                 ? 
_refine.pdbx_pd_number_of_powder_patterns        ? 
_refine.pdbx_pd_number_of_points                 ? 
_refine.pdbx_pd_meas_number_of_points            ? 
_refine.pdbx_pd_proc_ls_prof_R_factor            ? 
_refine.pdbx_pd_proc_ls_prof_wR_factor           ? 
_refine.pdbx_pd_Marquardt_correlation_coeff      ? 
_refine.pdbx_pd_Fsqrd_R_factor                   ? 
_refine.pdbx_pd_ls_matrix_band_width             ? 
_refine.pdbx_overall_phase_error                 ? 
_refine.pdbx_overall_SU_R_free_Cruickshank_DPI   ? 
_refine.pdbx_overall_SU_R_free_Blow_DPI          ? 
_refine.pdbx_overall_SU_R_Blow_DPI               ? 
_refine.pdbx_TLS_residual_ADP_flag               ? 
_refine.pdbx_diffrn_id                           1 
_refine.overall_SU_B                             8.7610 
_refine.overall_SU_ML                            0.2190 
_refine.overall_SU_R_Cruickshank_DPI             ? 
_refine.overall_SU_R_free                        ? 
_refine.overall_FOM_free_R_set                   ? 
_refine.overall_FOM_work_R_set                   ? 
_refine.pdbx_average_fsc_overall                 ? 
_refine.pdbx_average_fsc_work                    ? 
_refine.pdbx_average_fsc_free                    ? 
# 
_refine_hist.pdbx_refine_id                   'X-RAY DIFFRACTION' 
_refine_hist.cycle_id                         final 
_refine_hist.details                          ? 
_refine_hist.d_res_high                       2.3200 
_refine_hist.d_res_low                        42.6800 
_refine_hist.number_atoms_solvent             0 
_refine_hist.number_atoms_total               881 
_refine_hist.number_reflns_all                ? 
_refine_hist.number_reflns_obs                ? 
_refine_hist.number_reflns_R_free             ? 
_refine_hist.number_reflns_R_work             ? 
_refine_hist.R_factor_all                     ? 
_refine_hist.R_factor_obs                     ? 
_refine_hist.R_factor_R_free                  ? 
_refine_hist.R_factor_R_work                  ? 
_refine_hist.pdbx_number_residues_total       107 
_refine_hist.pdbx_B_iso_mean_ligand           ? 
_refine_hist.pdbx_B_iso_mean_solvent          ? 
_refine_hist.pdbx_number_atoms_protein        881 
_refine_hist.pdbx_number_atoms_nucleic_acid   0 
_refine_hist.pdbx_number_atoms_ligand         0 
_refine_hist.pdbx_number_atoms_lipid          ? 
_refine_hist.pdbx_number_atoms_carb           ? 
_refine_hist.pdbx_pseudo_atom_details         ? 
# 
_refine_ls_shell.pdbx_refine_id                   'X-RAY DIFFRACTION' 
_refine_ls_shell.d_res_high                       2.32 
_refine_ls_shell.d_res_low                        2.3790 
_refine_ls_shell.number_reflns_all                ? 
_refine_ls_shell.number_reflns_obs                ? 
_refine_ls_shell.number_reflns_R_free             ? 
_refine_ls_shell.number_reflns_R_work             426 
_refine_ls_shell.percent_reflns_obs               100.0000 
_refine_ls_shell.percent_reflns_R_free            ? 
_refine_ls_shell.R_factor_all                     ? 
_refine_ls_shell.R_factor_obs                     ? 
_refine_ls_shell.R_factor_R_free                  ? 
_refine_ls_shell.R_factor_R_free_error            0.0000 
_refine_ls_shell.R_factor_R_work                  0.2910 
_refine_ls_shell.redundancy_reflns_all            ? 
_refine_ls_shell.redundancy_reflns_obs            ? 
_refine_ls_shell.wR_factor_all                    ? 
_refine_ls_shell.wR_factor_obs                    ? 
_refine_ls_shell.wR_factor_R_free                 ? 
_refine_ls_shell.wR_factor_R_work                 ? 
_refine_ls_shell.pdbx_R_complete                  ? 
_refine_ls_shell.pdbx_total_number_of_bins_used   ? 
_refine_ls_shell.pdbx_phase_error                 ? 
_refine_ls_shell.pdbx_fsc_work                    ? 
_refine_ls_shell.pdbx_fsc_free                    ? 
# 
_struct.entry_id                     7CNB 
_struct.title                        'Crystal structure of Gp16 C-terminal domain from Bacillus virus phi29' 
_struct.pdbx_model_details           ? 
_struct.pdbx_formula_weight          ? 
_struct.pdbx_formula_weight_method   ? 
_struct.pdbx_model_type_details      ? 
_struct.pdbx_CASP_flag               N 
# 
_struct_keywords.entry_id        7CNB 
_struct_keywords.text            'Crystal structure of Gp16 C-terminal domain from Bacillus virus phi29, MOTOR PROTEIN' 
_struct_keywords.pdbx_keywords   'MOTOR PROTEIN' 
# 
_struct_asym.id                            A 
_struct_asym.pdbx_blank_PDB_chainid_flag   N 
_struct_asym.pdbx_modified                 N 
_struct_asym.entity_id                     1 
_struct_asym.details                       ? 
# 
_struct_ref.id                         1 
_struct_ref.db_name                    UNP 
_struct_ref.db_code                    PKG16_BPPH2 
_struct_ref.pdbx_db_accession          P11014 
_struct_ref.pdbx_db_isoform            ? 
_struct_ref.entity_id                  1 
_struct_ref.pdbx_seq_one_letter_code   
;DSQVFIEKRSKDSKFVFSIVYNGFTLGVWVDVNQGLMYIDTAHDPSTKNVYTLTTDDLNENMMLITNYKNNYHLRKLASA
FMNGYLRFDNQVIRNIAYELFRKMRIQ
;
_struct_ref.pdbx_align_begin           226 
# 
_struct_ref_seq.align_id                      1 
_struct_ref_seq.ref_id                        1 
_struct_ref_seq.pdbx_PDB_id_code              7CNB 
_struct_ref_seq.pdbx_strand_id                A 
_struct_ref_seq.seq_align_beg                 1 
_struct_ref_seq.pdbx_seq_align_beg_ins_code   ? 
_struct_ref_seq.seq_align_end                 107 
_struct_ref_seq.pdbx_seq_align_end_ins_code   ? 
_struct_ref_seq.pdbx_db_accession             P11014 
_struct_ref_seq.db_align_beg                  226 
_struct_ref_seq.pdbx_db_align_beg_ins_code    ? 
_struct_ref_seq.db_align_end                  332 
_struct_ref_seq.pdbx_db_align_end_ins_code    ? 
_struct_ref_seq.pdbx_auth_seq_align_beg       18 
_struct_ref_seq.pdbx_auth_seq_align_end       124 
# 
_pdbx_struct_assembly.id                   1 
_pdbx_struct_assembly.details              author_and_software_defined_assembly 
_pdbx_struct_assembly.method_details       PISA 
_pdbx_struct_assembly.oligomeric_details   dimeric 
_pdbx_struct_assembly.oligomeric_count     2 
# 
loop_
_pdbx_struct_assembly_prop.biol_id 
_pdbx_struct_assembly_prop.type 
_pdbx_struct_assembly_prop.value 
_pdbx_struct_assembly_prop.details 
1 'ABSA (A^2)' 1640  ? 
1 MORE         -12   ? 
1 'SSA (A^2)'  11460 ? 
# 
_pdbx_struct_assembly_gen.assembly_id       1 
_pdbx_struct_assembly_gen.oper_expression   1,2 
_pdbx_struct_assembly_gen.asym_id_list      A 
# 
_pdbx_struct_assembly_auth_evidence.id                     1 
_pdbx_struct_assembly_auth_evidence.assembly_id            1 
_pdbx_struct_assembly_auth_evidence.experimental_support   'gel filtration' 
_pdbx_struct_assembly_auth_evidence.details                ? 
# 
loop_
_pdbx_struct_oper_list.id 
_pdbx_struct_oper_list.type 
_pdbx_struct_oper_list.name 
_pdbx_struct_oper_list.symmetry_operation 
_pdbx_struct_oper_list.matrix[1][1] 
_pdbx_struct_oper_list.matrix[1][2] 
_pdbx_struct_oper_list.matrix[1][3] 
_pdbx_struct_oper_list.vector[1] 
_pdbx_struct_oper_list.matrix[2][1] 
_pdbx_struct_oper_list.matrix[2][2] 
_pdbx_struct_oper_list.matrix[2][3] 
_pdbx_struct_oper_list.vector[2] 
_pdbx_struct_oper_list.matrix[3][1] 
_pdbx_struct_oper_list.matrix[3][2] 
_pdbx_struct_oper_list.matrix[3][3] 
_pdbx_struct_oper_list.vector[3] 
1 'identity operation'         1_555 x,y,z        1.0000000000  0.0000000000 0.0000000000 0.0000000000  0.0000000000 1.0000000000  0.0000000000 0.0000000000  0.0000000000 0.0000000000 1.0000000000 0.0000000000   
2 'crystal symmetry operation' 8_555 -y,-x,-z+1/4 -0.4585409255 0.3220598495 0.8282618384 15.1369191585 0.3220598495 -0.8084388063 0.4926501292 12.8169132260 0.8282618384 0.4926501292 0.2669797318 -14.8791539241 
# 
loop_
_struct_conf.conf_type_id 
_struct_conf.id 
_struct_conf.pdbx_PDB_helix_id 
_struct_conf.beg_label_comp_id 
_struct_conf.beg_label_asym_id 
_struct_conf.beg_label_seq_id 
_struct_conf.pdbx_beg_PDB_ins_code 
_struct_conf.end_label_comp_id 
_struct_conf.end_label_asym_id 
_struct_conf.end_label_seq_id 
_struct_conf.pdbx_end_PDB_ins_code 
_struct_conf.beg_auth_comp_id 
_struct_conf.beg_auth_asym_id 
_struct_conf.beg_auth_seq_id 
_struct_conf.end_auth_comp_id 
_struct_conf.end_auth_asym_id 
_struct_conf.end_auth_seq_id 
_struct_conf.pdbx_PDB_helix_class 
_struct_conf.details 
_struct_conf.pdbx_PDB_helix_length 
HELX_P HELX_P1 AA1 ASN A 71 ? ASN A 83  ? ASN A 88  ASN A 100 1 ? 13 
HELX_P HELX_P2 AA2 ASN A 90 ? MET A 104 ? ASN A 107 MET A 121 1 ? 15 
# 
_struct_conf_type.id          HELX_P 
_struct_conf_type.criteria    ? 
_struct_conf_type.reference   ? 
# 
_struct_sheet.id               AA1 
_struct_sheet.type             ? 
_struct_sheet.number_strands   5 
_struct_sheet.details          ? 
# 
loop_
_struct_sheet_order.sheet_id 
_struct_sheet_order.range_id_1 
_struct_sheet_order.range_id_2 
_struct_sheet_order.offset 
_struct_sheet_order.sense 
AA1 1 2 ? parallel      
AA1 2 3 ? anti-parallel 
AA1 3 4 ? anti-parallel 
AA1 4 5 ? parallel      
# 
loop_
_struct_sheet_range.sheet_id 
_struct_sheet_range.id 
_struct_sheet_range.beg_label_comp_id 
_struct_sheet_range.beg_label_asym_id 
_struct_sheet_range.beg_label_seq_id 
_struct_sheet_range.pdbx_beg_PDB_ins_code 
_struct_sheet_range.end_label_comp_id 
_struct_sheet_range.end_label_asym_id 
_struct_sheet_range.end_label_seq_id 
_struct_sheet_range.pdbx_end_PDB_ins_code 
_struct_sheet_range.beg_auth_comp_id 
_struct_sheet_range.beg_auth_asym_id 
_struct_sheet_range.beg_auth_seq_id 
_struct_sheet_range.end_auth_comp_id 
_struct_sheet_range.end_auth_asym_id 
_struct_sheet_range.end_auth_seq_id 
AA1 1 VAL A 50 ? LEU A 53 ? VAL A 67  LEU A 70  
AA1 2 LYS A 14 ? TYR A 21 ? LYS A 31  TYR A 38  
AA1 3 PHE A 24 ? ASP A 31 ? PHE A 41  ASP A 48  
AA1 4 LEU A 36 ? ASP A 40 ? LEU A 53  ASP A 57  
AA1 5 LEU A 86 ? PHE A 88 ? LEU A 103 PHE A 105 
# 
loop_
_pdbx_struct_sheet_hbond.sheet_id 
_pdbx_struct_sheet_hbond.range_id_1 
_pdbx_struct_sheet_hbond.range_id_2 
_pdbx_struct_sheet_hbond.range_1_label_atom_id 
_pdbx_struct_sheet_hbond.range_1_label_comp_id 
_pdbx_struct_sheet_hbond.range_1_label_asym_id 
_pdbx_struct_sheet_hbond.range_1_label_seq_id 
_pdbx_struct_sheet_hbond.range_1_PDB_ins_code 
_pdbx_struct_sheet_hbond.range_1_auth_atom_id 
_pdbx_struct_sheet_hbond.range_1_auth_comp_id 
_pdbx_struct_sheet_hbond.range_1_auth_asym_id 
_pdbx_struct_sheet_hbond.range_1_auth_seq_id 
_pdbx_struct_sheet_hbond.range_2_label_atom_id 
_pdbx_struct_sheet_hbond.range_2_label_comp_id 
_pdbx_struct_sheet_hbond.range_2_label_asym_id 
_pdbx_struct_sheet_hbond.range_2_label_seq_id 
_pdbx_struct_sheet_hbond.range_2_PDB_ins_code 
_pdbx_struct_sheet_hbond.range_2_auth_atom_id 
_pdbx_struct_sheet_hbond.range_2_auth_comp_id 
_pdbx_struct_sheet_hbond.range_2_auth_asym_id 
_pdbx_struct_sheet_hbond.range_2_auth_seq_id 
AA1 1 2 O LEU A 53 ? O LEU A 70 N VAL A 20 ? N VAL A 37  
AA1 2 3 N PHE A 17 ? N PHE A 34 O VAL A 28 ? O VAL A 45  
AA1 3 4 N GLY A 27 ? N GLY A 44 O ASP A 40 ? O ASP A 57  
AA1 4 5 N MET A 37 ? N MET A 54 O ARG A 87 ? O ARG A 104 
# 
_pdbx_validate_rmsd_angle.id                         1 
_pdbx_validate_rmsd_angle.PDB_model_num              1 
_pdbx_validate_rmsd_angle.auth_atom_id_1             CB 
_pdbx_validate_rmsd_angle.auth_asym_id_1             A 
_pdbx_validate_rmsd_angle.auth_comp_id_1             ASN 
_pdbx_validate_rmsd_angle.auth_seq_id_1              107 
_pdbx_validate_rmsd_angle.PDB_ins_code_1             ? 
_pdbx_validate_rmsd_angle.label_alt_id_1             ? 
_pdbx_validate_rmsd_angle.auth_atom_id_2             CA 
_pdbx_validate_rmsd_angle.auth_asym_id_2             A 
_pdbx_validate_rmsd_angle.auth_comp_id_2             ASN 
_pdbx_validate_rmsd_angle.auth_seq_id_2              107 
_pdbx_validate_rmsd_angle.PDB_ins_code_2             ? 
_pdbx_validate_rmsd_angle.label_alt_id_2             ? 
_pdbx_validate_rmsd_angle.auth_atom_id_3             C 
_pdbx_validate_rmsd_angle.auth_asym_id_3             A 
_pdbx_validate_rmsd_angle.auth_comp_id_3             ASN 
_pdbx_validate_rmsd_angle.auth_seq_id_3              107 
_pdbx_validate_rmsd_angle.PDB_ins_code_3             ? 
_pdbx_validate_rmsd_angle.label_alt_id_3             ? 
_pdbx_validate_rmsd_angle.angle_value                96.89 
_pdbx_validate_rmsd_angle.angle_target_value         110.40 
_pdbx_validate_rmsd_angle.angle_deviation            -13.51 
_pdbx_validate_rmsd_angle.angle_standard_deviation   2.00 
_pdbx_validate_rmsd_angle.linker_flag                N 
# 
loop_
_pdbx_validate_torsion.id 
_pdbx_validate_torsion.PDB_model_num 
_pdbx_validate_torsion.auth_comp_id 
_pdbx_validate_torsion.auth_asym_id 
_pdbx_validate_torsion.auth_seq_id 
_pdbx_validate_torsion.PDB_ins_code 
_pdbx_validate_torsion.label_alt_id 
_pdbx_validate_torsion.phi 
_pdbx_validate_torsion.psi 
1 1 SER A 19  ? ? 47.76   70.28   
2 1 GLN A 20  ? ? -82.20  39.77   
3 1 ASN A 39  ? ? 49.23   -117.21 
4 1 ASP A 74  ? ? 74.67   40.60   
5 1 ILE A 123 ? ? -108.92 76.40   
# 
_pdbx_validate_main_chain_plane.id                       1 
_pdbx_validate_main_chain_plane.PDB_model_num            1 
_pdbx_validate_main_chain_plane.auth_comp_id             ASN 
_pdbx_validate_main_chain_plane.auth_asym_id             A 
_pdbx_validate_main_chain_plane.auth_seq_id              107 
_pdbx_validate_main_chain_plane.PDB_ins_code             ? 
_pdbx_validate_main_chain_plane.label_alt_id             ? 
_pdbx_validate_main_chain_plane.improper_torsion_angle   -10.73 
# 
loop_
_chem_comp_atom.comp_id 
_chem_comp_atom.atom_id 
_chem_comp_atom.type_symbol 
_chem_comp_atom.pdbx_aromatic_flag 
_chem_comp_atom.pdbx_stereo_config 
_chem_comp_atom.pdbx_ordinal 
ALA N    N N N 1   
ALA CA   C N S 2   
ALA C    C N N 3   
ALA O    O N N 4   
ALA CB   C N N 5   
ALA OXT  O N N 6   
ALA H    H N N 7   
ALA H2   H N N 8   
ALA HA   H N N 9   
ALA HB1  H N N 10  
ALA HB2  H N N 11  
ALA HB3  H N N 12  
ALA HXT  H N N 13  
ARG N    N N N 14  
ARG CA   C N S 15  
ARG C    C N N 16  
ARG O    O N N 17  
ARG CB   C N N 18  
ARG CG   C N N 19  
ARG CD   C N N 20  
ARG NE   N N N 21  
ARG CZ   C N N 22  
ARG NH1  N N N 23  
ARG NH2  N N N 24  
ARG OXT  O N N 25  
ARG H    H N N 26  
ARG H2   H N N 27  
ARG HA   H N N 28  
ARG HB2  H N N 29  
ARG HB3  H N N 30  
ARG HG2  H N N 31  
ARG HG3  H N N 32  
ARG HD2  H N N 33  
ARG HD3  H N N 34  
ARG HE   H N N 35  
ARG HH11 H N N 36  
ARG HH12 H N N 37  
ARG HH21 H N N 38  
ARG HH22 H N N 39  
ARG HXT  H N N 40  
ASN N    N N N 41  
ASN CA   C N S 42  
ASN C    C N N 43  
ASN O    O N N 44  
ASN CB   C N N 45  
ASN CG   C N N 46  
ASN OD1  O N N 47  
ASN ND2  N N N 48  
ASN OXT  O N N 49  
ASN H    H N N 50  
ASN H2   H N N 51  
ASN HA   H N N 52  
ASN HB2  H N N 53  
ASN HB3  H N N 54  
ASN HD21 H N N 55  
ASN HD22 H N N 56  
ASN HXT  H N N 57  
ASP N    N N N 58  
ASP CA   C N S 59  
ASP C    C N N 60  
ASP O    O N N 61  
ASP CB   C N N 62  
ASP CG   C N N 63  
ASP OD1  O N N 64  
ASP OD2  O N N 65  
ASP OXT  O N N 66  
ASP H    H N N 67  
ASP H2   H N N 68  
ASP HA   H N N 69  
ASP HB2  H N N 70  
ASP HB3  H N N 71  
ASP HD2  H N N 72  
ASP HXT  H N N 73  
GLN N    N N N 74  
GLN CA   C N S 75  
GLN C    C N N 76  
GLN O    O N N 77  
GLN CB   C N N 78  
GLN CG   C N N 79  
GLN CD   C N N 80  
GLN OE1  O N N 81  
GLN NE2  N N N 82  
GLN OXT  O N N 83  
GLN H    H N N 84  
GLN H2   H N N 85  
GLN HA   H N N 86  
GLN HB2  H N N 87  
GLN HB3  H N N 88  
GLN HG2  H N N 89  
GLN HG3  H N N 90  
GLN HE21 H N N 91  
GLN HE22 H N N 92  
GLN HXT  H N N 93  
GLU N    N N N 94  
GLU CA   C N S 95  
GLU C    C N N 96  
GLU O    O N N 97  
GLU CB   C N N 98  
GLU CG   C N N 99  
GLU CD   C N N 100 
GLU OE1  O N N 101 
GLU OE2  O N N 102 
GLU OXT  O N N 103 
GLU H    H N N 104 
GLU H2   H N N 105 
GLU HA   H N N 106 
GLU HB2  H N N 107 
GLU HB3  H N N 108 
GLU HG2  H N N 109 
GLU HG3  H N N 110 
GLU HE2  H N N 111 
GLU HXT  H N N 112 
GLY N    N N N 113 
GLY CA   C N N 114 
GLY C    C N N 115 
GLY O    O N N 116 
GLY OXT  O N N 117 
GLY H    H N N 118 
GLY H2   H N N 119 
GLY HA2  H N N 120 
GLY HA3  H N N 121 
GLY HXT  H N N 122 
HIS N    N N N 123 
HIS CA   C N S 124 
HIS C    C N N 125 
HIS O    O N N 126 
HIS CB   C N N 127 
HIS CG   C Y N 128 
HIS ND1  N Y N 129 
HIS CD2  C Y N 130 
HIS CE1  C Y N 131 
HIS NE2  N Y N 132 
HIS OXT  O N N 133 
HIS H    H N N 134 
HIS H2   H N N 135 
HIS HA   H N N 136 
HIS HB2  H N N 137 
HIS HB3  H N N 138 
HIS HD1  H N N 139 
HIS HD2  H N N 140 
HIS HE1  H N N 141 
HIS HE2  H N N 142 
HIS HXT  H N N 143 
ILE N    N N N 144 
ILE CA   C N S 145 
ILE C    C N N 146 
ILE O    O N N 147 
ILE CB   C N S 148 
ILE CG1  C N N 149 
ILE CG2  C N N 150 
ILE CD1  C N N 151 
ILE OXT  O N N 152 
ILE H    H N N 153 
ILE H2   H N N 154 
ILE HA   H N N 155 
ILE HB   H N N 156 
ILE HG12 H N N 157 
ILE HG13 H N N 158 
ILE HG21 H N N 159 
ILE HG22 H N N 160 
ILE HG23 H N N 161 
ILE HD11 H N N 162 
ILE HD12 H N N 163 
ILE HD13 H N N 164 
ILE HXT  H N N 165 
LEU N    N N N 166 
LEU CA   C N S 167 
LEU C    C N N 168 
LEU O    O N N 169 
LEU CB   C N N 170 
LEU CG   C N N 171 
LEU CD1  C N N 172 
LEU CD2  C N N 173 
LEU OXT  O N N 174 
LEU H    H N N 175 
LEU H2   H N N 176 
LEU HA   H N N 177 
LEU HB2  H N N 178 
LEU HB3  H N N 179 
LEU HG   H N N 180 
LEU HD11 H N N 181 
LEU HD12 H N N 182 
LEU HD13 H N N 183 
LEU HD21 H N N 184 
LEU HD22 H N N 185 
LEU HD23 H N N 186 
LEU HXT  H N N 187 
LYS N    N N N 188 
LYS CA   C N S 189 
LYS C    C N N 190 
LYS O    O N N 191 
LYS CB   C N N 192 
LYS CG   C N N 193 
LYS CD   C N N 194 
LYS CE   C N N 195 
LYS NZ   N N N 196 
LYS OXT  O N N 197 
LYS H    H N N 198 
LYS H2   H N N 199 
LYS HA   H N N 200 
LYS HB2  H N N 201 
LYS HB3  H N N 202 
LYS HG2  H N N 203 
LYS HG3  H N N 204 
LYS HD2  H N N 205 
LYS HD3  H N N 206 
LYS HE2  H N N 207 
LYS HE3  H N N 208 
LYS HZ1  H N N 209 
LYS HZ2  H N N 210 
LYS HZ3  H N N 211 
LYS HXT  H N N 212 
MET N    N N N 213 
MET CA   C N S 214 
MET C    C N N 215 
MET O    O N N 216 
MET CB   C N N 217 
MET CG   C N N 218 
MET SD   S N N 219 
MET CE   C N N 220 
MET OXT  O N N 221 
MET H    H N N 222 
MET H2   H N N 223 
MET HA   H N N 224 
MET HB2  H N N 225 
MET HB3  H N N 226 
MET HG2  H N N 227 
MET HG3  H N N 228 
MET HE1  H N N 229 
MET HE2  H N N 230 
MET HE3  H N N 231 
MET HXT  H N N 232 
PHE N    N N N 233 
PHE CA   C N S 234 
PHE C    C N N 235 
PHE O    O N N 236 
PHE CB   C N N 237 
PHE CG   C Y N 238 
PHE CD1  C Y N 239 
PHE CD2  C Y N 240 
PHE CE1  C Y N 241 
PHE CE2  C Y N 242 
PHE CZ   C Y N 243 
PHE OXT  O N N 244 
PHE H    H N N 245 
PHE H2   H N N 246 
PHE HA   H N N 247 
PHE HB2  H N N 248 
PHE HB3  H N N 249 
PHE HD1  H N N 250 
PHE HD2  H N N 251 
PHE HE1  H N N 252 
PHE HE2  H N N 253 
PHE HZ   H N N 254 
PHE HXT  H N N 255 
PRO N    N N N 256 
PRO CA   C N S 257 
PRO C    C N N 258 
PRO O    O N N 259 
PRO CB   C N N 260 
PRO CG   C N N 261 
PRO CD   C N N 262 
PRO OXT  O N N 263 
PRO H    H N N 264 
PRO HA   H N N 265 
PRO HB2  H N N 266 
PRO HB3  H N N 267 
PRO HG2  H N N 268 
PRO HG3  H N N 269 
PRO HD2  H N N 270 
PRO HD3  H N N 271 
PRO HXT  H N N 272 
SER N    N N N 273 
SER CA   C N S 274 
SER C    C N N 275 
SER O    O N N 276 
SER CB   C N N 277 
SER OG   O N N 278 
SER OXT  O N N 279 
SER H    H N N 280 
SER H2   H N N 281 
SER HA   H N N 282 
SER HB2  H N N 283 
SER HB3  H N N 284 
SER HG   H N N 285 
SER HXT  H N N 286 
THR N    N N N 287 
THR CA   C N S 288 
THR C    C N N 289 
THR O    O N N 290 
THR CB   C N R 291 
THR OG1  O N N 292 
THR CG2  C N N 293 
THR OXT  O N N 294 
THR H    H N N 295 
THR H2   H N N 296 
THR HA   H N N 297 
THR HB   H N N 298 
THR HG1  H N N 299 
THR HG21 H N N 300 
THR HG22 H N N 301 
THR HG23 H N N 302 
THR HXT  H N N 303 
TRP N    N N N 304 
TRP CA   C N S 305 
TRP C    C N N 306 
TRP O    O N N 307 
TRP CB   C N N 308 
TRP CG   C Y N 309 
TRP CD1  C Y N 310 
TRP CD2  C Y N 311 
TRP NE1  N Y N 312 
TRP CE2  C Y N 313 
TRP CE3  C Y N 314 
TRP CZ2  C Y N 315 
TRP CZ3  C Y N 316 
TRP CH2  C Y N 317 
TRP OXT  O N N 318 
TRP H    H N N 319 
TRP H2   H N N 320 
TRP HA   H N N 321 
TRP HB2  H N N 322 
TRP HB3  H N N 323 
TRP HD1  H N N 324 
TRP HE1  H N N 325 
TRP HE3  H N N 326 
TRP HZ2  H N N 327 
TRP HZ3  H N N 328 
TRP HH2  H N N 329 
TRP HXT  H N N 330 
TYR N    N N N 331 
TYR CA   C N S 332 
TYR C    C N N 333 
TYR O    O N N 334 
TYR CB   C N N 335 
TYR CG   C Y N 336 
TYR CD1  C Y N 337 
TYR CD2  C Y N 338 
TYR CE1  C Y N 339 
TYR CE2  C Y N 340 
TYR CZ   C Y N 341 
TYR OH   O N N 342 
TYR OXT  O N N 343 
TYR H    H N N 344 
TYR H2   H N N 345 
TYR HA   H N N 346 
TYR HB2  H N N 347 
TYR HB3  H N N 348 
TYR HD1  H N N 349 
TYR HD2  H N N 350 
TYR HE1  H N N 351 
TYR HE2  H N N 352 
TYR HH   H N N 353 
TYR HXT  H N N 354 
VAL N    N N N 355 
VAL CA   C N S 356 
VAL C    C N N 357 
VAL O    O N N 358 
VAL CB   C N N 359 
VAL CG1  C N N 360 
VAL CG2  C N N 361 
VAL OXT  O N N 362 
VAL H    H N N 363 
VAL H2   H N N 364 
VAL HA   H N N 365 
VAL HB   H N N 366 
VAL HG11 H N N 367 
VAL HG12 H N N 368 
VAL HG13 H N N 369 
VAL HG21 H N N 370 
VAL HG22 H N N 371 
VAL HG23 H N N 372 
VAL HXT  H N N 373 
# 
loop_
_chem_comp_bond.comp_id 
_chem_comp_bond.atom_id_1 
_chem_comp_bond.atom_id_2 
_chem_comp_bond.value_order 
_chem_comp_bond.pdbx_aromatic_flag 
_chem_comp_bond.pdbx_stereo_config 
_chem_comp_bond.pdbx_ordinal 
ALA N   CA   sing N N 1   
ALA N   H    sing N N 2   
ALA N   H2   sing N N 3   
ALA CA  C    sing N N 4   
ALA CA  CB   sing N N 5   
ALA CA  HA   sing N N 6   
ALA C   O    doub N N 7   
ALA C   OXT  sing N N 8   
ALA CB  HB1  sing N N 9   
ALA CB  HB2  sing N N 10  
ALA CB  HB3  sing N N 11  
ALA OXT HXT  sing N N 12  
ARG N   CA   sing N N 13  
ARG N   H    sing N N 14  
ARG N   H2   sing N N 15  
ARG CA  C    sing N N 16  
ARG CA  CB   sing N N 17  
ARG CA  HA   sing N N 18  
ARG C   O    doub N N 19  
ARG C   OXT  sing N N 20  
ARG CB  CG   sing N N 21  
ARG CB  HB2  sing N N 22  
ARG CB  HB3  sing N N 23  
ARG CG  CD   sing N N 24  
ARG CG  HG2  sing N N 25  
ARG CG  HG3  sing N N 26  
ARG CD  NE   sing N N 27  
ARG CD  HD2  sing N N 28  
ARG CD  HD3  sing N N 29  
ARG NE  CZ   sing N N 30  
ARG NE  HE   sing N N 31  
ARG CZ  NH1  sing N N 32  
ARG CZ  NH2  doub N N 33  
ARG NH1 HH11 sing N N 34  
ARG NH1 HH12 sing N N 35  
ARG NH2 HH21 sing N N 36  
ARG NH2 HH22 sing N N 37  
ARG OXT HXT  sing N N 38  
ASN N   CA   sing N N 39  
ASN N   H    sing N N 40  
ASN N   H2   sing N N 41  
ASN CA  C    sing N N 42  
ASN CA  CB   sing N N 43  
ASN CA  HA   sing N N 44  
ASN C   O    doub N N 45  
ASN C   OXT  sing N N 46  
ASN CB  CG   sing N N 47  
ASN CB  HB2  sing N N 48  
ASN CB  HB3  sing N N 49  
ASN CG  OD1  doub N N 50  
ASN CG  ND2  sing N N 51  
ASN ND2 HD21 sing N N 52  
ASN ND2 HD22 sing N N 53  
ASN OXT HXT  sing N N 54  
ASP N   CA   sing N N 55  
ASP N   H    sing N N 56  
ASP N   H2   sing N N 57  
ASP CA  C    sing N N 58  
ASP CA  CB   sing N N 59  
ASP CA  HA   sing N N 60  
ASP C   O    doub N N 61  
ASP C   OXT  sing N N 62  
ASP CB  CG   sing N N 63  
ASP CB  HB2  sing N N 64  
ASP CB  HB3  sing N N 65  
ASP CG  OD1  doub N N 66  
ASP CG  OD2  sing N N 67  
ASP OD2 HD2  sing N N 68  
ASP OXT HXT  sing N N 69  
GLN N   CA   sing N N 70  
GLN N   H    sing N N 71  
GLN N   H2   sing N N 72  
GLN CA  C    sing N N 73  
GLN CA  CB   sing N N 74  
GLN CA  HA   sing N N 75  
GLN C   O    doub N N 76  
GLN C   OXT  sing N N 77  
GLN CB  CG   sing N N 78  
GLN CB  HB2  sing N N 79  
GLN CB  HB3  sing N N 80  
GLN CG  CD   sing N N 81  
GLN CG  HG2  sing N N 82  
GLN CG  HG3  sing N N 83  
GLN CD  OE1  doub N N 84  
GLN CD  NE2  sing N N 85  
GLN NE2 HE21 sing N N 86  
GLN NE2 HE22 sing N N 87  
GLN OXT HXT  sing N N 88  
GLU N   CA   sing N N 89  
GLU N   H    sing N N 90  
GLU N   H2   sing N N 91  
GLU CA  C    sing N N 92  
GLU CA  CB   sing N N 93  
GLU CA  HA   sing N N 94  
GLU C   O    doub N N 95  
GLU C   OXT  sing N N 96  
GLU CB  CG   sing N N 97  
GLU CB  HB2  sing N N 98  
GLU CB  HB3  sing N N 99  
GLU CG  CD   sing N N 100 
GLU CG  HG2  sing N N 101 
GLU CG  HG3  sing N N 102 
GLU CD  OE1  doub N N 103 
GLU CD  OE2  sing N N 104 
GLU OE2 HE2  sing N N 105 
GLU OXT HXT  sing N N 106 
GLY N   CA   sing N N 107 
GLY N   H    sing N N 108 
GLY N   H2   sing N N 109 
GLY CA  C    sing N N 110 
GLY CA  HA2  sing N N 111 
GLY CA  HA3  sing N N 112 
GLY C   O    doub N N 113 
GLY C   OXT  sing N N 114 
GLY OXT HXT  sing N N 115 
HIS N   CA   sing N N 116 
HIS N   H    sing N N 117 
HIS N   H2   sing N N 118 
HIS CA  C    sing N N 119 
HIS CA  CB   sing N N 120 
HIS CA  HA   sing N N 121 
HIS C   O    doub N N 122 
HIS C   OXT  sing N N 123 
HIS CB  CG   sing N N 124 
HIS CB  HB2  sing N N 125 
HIS CB  HB3  sing N N 126 
HIS CG  ND1  sing Y N 127 
HIS CG  CD2  doub Y N 128 
HIS ND1 CE1  doub Y N 129 
HIS ND1 HD1  sing N N 130 
HIS CD2 NE2  sing Y N 131 
HIS CD2 HD2  sing N N 132 
HIS CE1 NE2  sing Y N 133 
HIS CE1 HE1  sing N N 134 
HIS NE2 HE2  sing N N 135 
HIS OXT HXT  sing N N 136 
ILE N   CA   sing N N 137 
ILE N   H    sing N N 138 
ILE N   H2   sing N N 139 
ILE CA  C    sing N N 140 
ILE CA  CB   sing N N 141 
ILE CA  HA   sing N N 142 
ILE C   O    doub N N 143 
ILE C   OXT  sing N N 144 
ILE CB  CG1  sing N N 145 
ILE CB  CG2  sing N N 146 
ILE CB  HB   sing N N 147 
ILE CG1 CD1  sing N N 148 
ILE CG1 HG12 sing N N 149 
ILE CG1 HG13 sing N N 150 
ILE CG2 HG21 sing N N 151 
ILE CG2 HG22 sing N N 152 
ILE CG2 HG23 sing N N 153 
ILE CD1 HD11 sing N N 154 
ILE CD1 HD12 sing N N 155 
ILE CD1 HD13 sing N N 156 
ILE OXT HXT  sing N N 157 
LEU N   CA   sing N N 158 
LEU N   H    sing N N 159 
LEU N   H2   sing N N 160 
LEU CA  C    sing N N 161 
LEU CA  CB   sing N N 162 
LEU CA  HA   sing N N 163 
LEU C   O    doub N N 164 
LEU C   OXT  sing N N 165 
LEU CB  CG   sing N N 166 
LEU CB  HB2  sing N N 167 
LEU CB  HB3  sing N N 168 
LEU CG  CD1  sing N N 169 
LEU CG  CD2  sing N N 170 
LEU CG  HG   sing N N 171 
LEU CD1 HD11 sing N N 172 
LEU CD1 HD12 sing N N 173 
LEU CD1 HD13 sing N N 174 
LEU CD2 HD21 sing N N 175 
LEU CD2 HD22 sing N N 176 
LEU CD2 HD23 sing N N 177 
LEU OXT HXT  sing N N 178 
LYS N   CA   sing N N 179 
LYS N   H    sing N N 180 
LYS N   H2   sing N N 181 
LYS CA  C    sing N N 182 
LYS CA  CB   sing N N 183 
LYS CA  HA   sing N N 184 
LYS C   O    doub N N 185 
LYS C   OXT  sing N N 186 
LYS CB  CG   sing N N 187 
LYS CB  HB2  sing N N 188 
LYS CB  HB3  sing N N 189 
LYS CG  CD   sing N N 190 
LYS CG  HG2  sing N N 191 
LYS CG  HG3  sing N N 192 
LYS CD  CE   sing N N 193 
LYS CD  HD2  sing N N 194 
LYS CD  HD3  sing N N 195 
LYS CE  NZ   sing N N 196 
LYS CE  HE2  sing N N 197 
LYS CE  HE3  sing N N 198 
LYS NZ  HZ1  sing N N 199 
LYS NZ  HZ2  sing N N 200 
LYS NZ  HZ3  sing N N 201 
LYS OXT HXT  sing N N 202 
MET N   CA   sing N N 203 
MET N   H    sing N N 204 
MET N   H2   sing N N 205 
MET CA  C    sing N N 206 
MET CA  CB   sing N N 207 
MET CA  HA   sing N N 208 
MET C   O    doub N N 209 
MET C   OXT  sing N N 210 
MET CB  CG   sing N N 211 
MET CB  HB2  sing N N 212 
MET CB  HB3  sing N N 213 
MET CG  SD   sing N N 214 
MET CG  HG2  sing N N 215 
MET CG  HG3  sing N N 216 
MET SD  CE   sing N N 217 
MET CE  HE1  sing N N 218 
MET CE  HE2  sing N N 219 
MET CE  HE3  sing N N 220 
MET OXT HXT  sing N N 221 
PHE N   CA   sing N N 222 
PHE N   H    sing N N 223 
PHE N   H2   sing N N 224 
PHE CA  C    sing N N 225 
PHE CA  CB   sing N N 226 
PHE CA  HA   sing N N 227 
PHE C   O    doub N N 228 
PHE C   OXT  sing N N 229 
PHE CB  CG   sing N N 230 
PHE CB  HB2  sing N N 231 
PHE CB  HB3  sing N N 232 
PHE CG  CD1  doub Y N 233 
PHE CG  CD2  sing Y N 234 
PHE CD1 CE1  sing Y N 235 
PHE CD1 HD1  sing N N 236 
PHE CD2 CE2  doub Y N 237 
PHE CD2 HD2  sing N N 238 
PHE CE1 CZ   doub Y N 239 
PHE CE1 HE1  sing N N 240 
PHE CE2 CZ   sing Y N 241 
PHE CE2 HE2  sing N N 242 
PHE CZ  HZ   sing N N 243 
PHE OXT HXT  sing N N 244 
PRO N   CA   sing N N 245 
PRO N   CD   sing N N 246 
PRO N   H    sing N N 247 
PRO CA  C    sing N N 248 
PRO CA  CB   sing N N 249 
PRO CA  HA   sing N N 250 
PRO C   O    doub N N 251 
PRO C   OXT  sing N N 252 
PRO CB  CG   sing N N 253 
PRO CB  HB2  sing N N 254 
PRO CB  HB3  sing N N 255 
PRO CG  CD   sing N N 256 
PRO CG  HG2  sing N N 257 
PRO CG  HG3  sing N N 258 
PRO CD  HD2  sing N N 259 
PRO CD  HD3  sing N N 260 
PRO OXT HXT  sing N N 261 
SER N   CA   sing N N 262 
SER N   H    sing N N 263 
SER N   H2   sing N N 264 
SER CA  C    sing N N 265 
SER CA  CB   sing N N 266 
SER CA  HA   sing N N 267 
SER C   O    doub N N 268 
SER C   OXT  sing N N 269 
SER CB  OG   sing N N 270 
SER CB  HB2  sing N N 271 
SER CB  HB3  sing N N 272 
SER OG  HG   sing N N 273 
SER OXT HXT  sing N N 274 
THR N   CA   sing N N 275 
THR N   H    sing N N 276 
THR N   H2   sing N N 277 
THR CA  C    sing N N 278 
THR CA  CB   sing N N 279 
THR CA  HA   sing N N 280 
THR C   O    doub N N 281 
THR C   OXT  sing N N 282 
THR CB  OG1  sing N N 283 
THR CB  CG2  sing N N 284 
THR CB  HB   sing N N 285 
THR OG1 HG1  sing N N 286 
THR CG2 HG21 sing N N 287 
THR CG2 HG22 sing N N 288 
THR CG2 HG23 sing N N 289 
THR OXT HXT  sing N N 290 
TRP N   CA   sing N N 291 
TRP N   H    sing N N 292 
TRP N   H2   sing N N 293 
TRP CA  C    sing N N 294 
TRP CA  CB   sing N N 295 
TRP CA  HA   sing N N 296 
TRP C   O    doub N N 297 
TRP C   OXT  sing N N 298 
TRP CB  CG   sing N N 299 
TRP CB  HB2  sing N N 300 
TRP CB  HB3  sing N N 301 
TRP CG  CD1  doub Y N 302 
TRP CG  CD2  sing Y N 303 
TRP CD1 NE1  sing Y N 304 
TRP CD1 HD1  sing N N 305 
TRP CD2 CE2  doub Y N 306 
TRP CD2 CE3  sing Y N 307 
TRP NE1 CE2  sing Y N 308 
TRP NE1 HE1  sing N N 309 
TRP CE2 CZ2  sing Y N 310 
TRP CE3 CZ3  doub Y N 311 
TRP CE3 HE3  sing N N 312 
TRP CZ2 CH2  doub Y N 313 
TRP CZ2 HZ2  sing N N 314 
TRP CZ3 CH2  sing Y N 315 
TRP CZ3 HZ3  sing N N 316 
TRP CH2 HH2  sing N N 317 
TRP OXT HXT  sing N N 318 
TYR N   CA   sing N N 319 
TYR N   H    sing N N 320 
TYR N   H2   sing N N 321 
TYR CA  C    sing N N 322 
TYR CA  CB   sing N N 323 
TYR CA  HA   sing N N 324 
TYR C   O    doub N N 325 
TYR C   OXT  sing N N 326 
TYR CB  CG   sing N N 327 
TYR CB  HB2  sing N N 328 
TYR CB  HB3  sing N N 329 
TYR CG  CD1  doub Y N 330 
TYR CG  CD2  sing Y N 331 
TYR CD1 CE1  sing Y N 332 
TYR CD1 HD1  sing N N 333 
TYR CD2 CE2  doub Y N 334 
TYR CD2 HD2  sing N N 335 
TYR CE1 CZ   doub Y N 336 
TYR CE1 HE1  sing N N 337 
TYR CE2 CZ   sing Y N 338 
TYR CE2 HE2  sing N N 339 
TYR CZ  OH   sing N N 340 
TYR OH  HH   sing N N 341 
TYR OXT HXT  sing N N 342 
VAL N   CA   sing N N 343 
VAL N   H    sing N N 344 
VAL N   H2   sing N N 345 
VAL CA  C    sing N N 346 
VAL CA  CB   sing N N 347 
VAL CA  HA   sing N N 348 
VAL C   O    doub N N 349 
VAL C   OXT  sing N N 350 
VAL CB  CG1  sing N N 351 
VAL CB  CG2  sing N N 352 
VAL CB  HB   sing N N 353 
VAL CG1 HG11 sing N N 354 
VAL CG1 HG12 sing N N 355 
VAL CG1 HG13 sing N N 356 
VAL CG2 HG21 sing N N 357 
VAL CG2 HG22 sing N N 358 
VAL CG2 HG23 sing N N 359 
VAL OXT HXT  sing N N 360 
# 
_atom_sites.entry_id                    7CNB 
_atom_sites.Cartn_transf_matrix[1][1]   ? 
_atom_sites.Cartn_transf_matrix[1][2]   ? 
_atom_sites.Cartn_transf_matrix[1][3]   ? 
_atom_sites.Cartn_transf_matrix[2][1]   ? 
_atom_sites.Cartn_transf_matrix[2][2]   ? 
_atom_sites.Cartn_transf_matrix[2][3]   ? 
_atom_sites.Cartn_transf_matrix[3][1]   ? 
_atom_sites.Cartn_transf_matrix[3][2]   ? 
_atom_sites.Cartn_transf_matrix[3][3]   ? 
_atom_sites.Cartn_transf_vector[1]      ? 
_atom_sites.Cartn_transf_vector[2]      ? 
_atom_sites.Cartn_transf_vector[3]      ? 
_atom_sites.fract_transf_matrix[1][1]   -0.02257238 
_atom_sites.fract_transf_matrix[1][2]   -0.00460254 
_atom_sites.fract_transf_matrix[1][3]   -0.00426877 
_atom_sites.fract_transf_matrix[2][1]   -0.00533241 
_atom_sites.fract_transf_matrix[2][2]   0.00565179 
_atom_sites.fract_transf_matrix[2][3]   0.02210296 
_atom_sites.fract_transf_matrix[3][1]   -0.00104067 
_atom_sites.fract_transf_matrix[3][2]   0.00699573 
_atom_sites.fract_transf_matrix[3][3]   -0.00203989 
_atom_sites.fract_transf_vector[1]      0.310922 
_atom_sites.fract_transf_vector[2]      0.026229 
_atom_sites.fract_transf_vector[3]      0.072873 
_atom_sites.solution_primary            ? 
_atom_sites.solution_secondary          ? 
_atom_sites.solution_hydrogens          ? 
_atom_sites.special_details             ? 
# 
loop_
_atom_type.symbol 
C 
N 
O 
S 
# 
loop_
_atom_site.group_PDB 
_atom_site.id 
_atom_site.type_symbol 
_atom_site.label_atom_id 
_atom_site.label_alt_id 
_atom_site.label_comp_id 
_atom_site.label_asym_id 
_atom_site.label_entity_id 
_atom_site.label_seq_id 
_atom_site.pdbx_PDB_ins_code 
_atom_site.Cartn_x 
_atom_site.Cartn_y 
_atom_site.Cartn_z 
_atom_site.occupancy 
_atom_site.B_iso_or_equiv 
_atom_site.pdbx_formal_charge 
_atom_site.auth_seq_id 
_atom_site.auth_comp_id 
_atom_site.auth_asym_id 
_atom_site.auth_atom_id 
_atom_site.pdbx_PDB_model_num 
ATOM 1   N N   . ASP A 1 1   ? 8.376   -19.064 -4.597  1.00 133.85 ? 18  ASP A N   1 
ATOM 2   C CA  . ASP A 1 1   ? 8.448   -17.838 -5.475  1.00 138.82 ? 18  ASP A CA  1 
ATOM 3   C C   . ASP A 1 1   ? 9.017   -16.603 -4.737  1.00 136.03 ? 18  ASP A C   1 
ATOM 4   O O   . ASP A 1 1   ? 8.256   -15.727 -4.282  1.00 135.02 ? 18  ASP A O   1 
ATOM 5   C CB  . ASP A 1 1   ? 7.064   -17.485 -6.066  1.00 134.77 ? 18  ASP A CB  1 
ATOM 6   C CG  . ASP A 1 1   ? 6.591   -18.461 -7.137  1.00 131.30 ? 18  ASP A CG  1 
ATOM 7   O OD1 . ASP A 1 1   ? 7.432   -19.049 -7.854  1.00 121.06 ? 18  ASP A OD1 1 
ATOM 8   O OD2 . ASP A 1 1   ? 5.355   -18.612 -7.272  1.00 120.98 ? 18  ASP A OD2 1 
ATOM 9   N N   . SER A 1 2   ? 10.350  -16.565 -4.615  1.00 120.55 ? 19  SER A N   1 
ATOM 10  C CA  . SER A 1 2   ? 11.102  -15.372 -4.173  1.00 103.63 ? 19  SER A CA  1 
ATOM 11  C C   . SER A 1 2   ? 10.530  -14.693 -2.901  1.00 94.76  ? 19  SER A C   1 
ATOM 12  O O   . SER A 1 2   ? 9.978   -13.564 -2.929  1.00 80.37  ? 19  SER A O   1 
ATOM 13  C CB  . SER A 1 2   ? 11.219  -14.385 -5.349  1.00 103.56 ? 19  SER A CB  1 
ATOM 14  O OG  . SER A 1 2   ? 12.381  -13.585 -5.225  1.00 105.68 ? 19  SER A OG  1 
ATOM 15  N N   . GLN A 1 3   ? 10.684  -15.377 -1.771  1.00 81.64  ? 20  GLN A N   1 
ATOM 16  C CA  . GLN A 1 3   ? 10.151  -14.872 -0.522  1.00 74.11  ? 20  GLN A CA  1 
ATOM 17  C C   . GLN A 1 3   ? 11.054  -13.827 0.170   1.00 66.74  ? 20  GLN A C   1 
ATOM 18  O O   . GLN A 1 3   ? 11.128  -13.777 1.407   1.00 71.20  ? 20  GLN A O   1 
ATOM 19  C CB  . GLN A 1 3   ? 9.744   -16.026 0.391   1.00 75.14  ? 20  GLN A CB  1 
ATOM 20  C CG  . GLN A 1 3   ? 10.865  -16.830 1.036   1.00 83.31  ? 20  GLN A CG  1 
ATOM 21  C CD  . GLN A 1 3   ? 10.477  -17.394 2.408   1.00 91.38  ? 20  GLN A CD  1 
ATOM 22  O OE1 . GLN A 1 3   ? 9.285   -17.513 2.751   1.00 83.57  ? 20  GLN A OE1 1 
ATOM 23  N NE2 . GLN A 1 3   ? 11.490  -17.739 3.207   1.00 87.37  ? 20  GLN A NE2 1 
ATOM 24  N N   . VAL A 1 4   ? 11.661  -12.934 -0.617  1.00 57.36  ? 21  VAL A N   1 
ATOM 25  C CA  . VAL A 1 4   ? 12.640  -11.972 -0.102  1.00 62.47  ? 21  VAL A CA  1 
ATOM 26  C C   . VAL A 1 4   ? 12.002  -10.777 0.583   1.00 56.96  ? 21  VAL A C   1 
ATOM 27  O O   . VAL A 1 4   ? 12.397  -10.432 1.716   1.00 47.25  ? 21  VAL A O   1 
ATOM 28  C CB  . VAL A 1 4   ? 13.595  -11.471 -1.206  1.00 76.58  ? 21  VAL A CB  1 
ATOM 29  C CG1 . VAL A 1 4   ? 14.241  -10.115 -0.856  1.00 78.78  ? 21  VAL A CG1 1 
ATOM 30  C CG2 . VAL A 1 4   ? 14.648  -12.537 -1.495  1.00 76.46  ? 21  VAL A CG2 1 
ATOM 31  N N   . PHE A 1 5   ? 11.045  -10.117 -0.086  1.00 63.83  ? 22  PHE A N   1 
ATOM 32  C CA  . PHE A 1 5   ? 10.324  -8.978  0.545   1.00 56.18  ? 22  PHE A CA  1 
ATOM 33  C C   . PHE A 1 5   ? 9.144   -9.390  1.418   1.00 49.79  ? 22  PHE A C   1 
ATOM 34  O O   . PHE A 1 5   ? 8.308   -8.572  1.777   1.00 54.43  ? 22  PHE A O   1 
ATOM 35  C CB  . PHE A 1 5   ? 9.922   -7.944  -0.494  1.00 59.58  ? 22  PHE A CB  1 
ATOM 36  C CG  . PHE A 1 5   ? 11.038  -7.077  -0.951  1.00 62.45  ? 22  PHE A CG  1 
ATOM 37  C CD1 . PHE A 1 5   ? 11.928  -6.503  -0.043  1.00 67.93  ? 22  PHE A CD1 1 
ATOM 38  C CD2 . PHE A 1 5   ? 11.164  -6.751  -2.300  1.00 78.36  ? 22  PHE A CD2 1 
ATOM 39  C CE1 . PHE A 1 5   ? 12.949  -5.664  -0.472  1.00 67.37  ? 22  PHE A CE1 1 
ATOM 40  C CE2 . PHE A 1 5   ? 12.175  -5.895  -2.732  1.00 76.52  ? 22  PHE A CE2 1 
ATOM 41  C CZ  . PHE A 1 5   ? 13.067  -5.361  -1.813  1.00 73.78  ? 22  PHE A CZ  1 
ATOM 42  N N   . ILE A 1 6   ? 9.132   -10.653 1.814   1.00 48.55  ? 23  ILE A N   1 
ATOM 43  C CA  . ILE A 1 6   ? 8.088   -11.245 2.572   1.00 54.69  ? 23  ILE A CA  1 
ATOM 44  C C   . ILE A 1 6   ? 8.527   -11.182 4.026   1.00 53.40  ? 23  ILE A C   1 
ATOM 45  O O   . ILE A 1 6   ? 9.269   -12.035 4.448   1.00 58.77  ? 23  ILE A O   1 
ATOM 46  C CB  . ILE A 1 6   ? 7.849   -12.728 2.124   1.00 56.54  ? 23  ILE A CB  1 
ATOM 47  C CG1 . ILE A 1 6   ? 7.524   -12.809 0.636   1.00 58.28  ? 23  ILE A CG1 1 
ATOM 48  C CG2 . ILE A 1 6   ? 6.782   -13.410 2.949   1.00 58.63  ? 23  ILE A CG2 1 
ATOM 49  C CD1 . ILE A 1 6   ? 6.365   -11.942 0.200   1.00 61.29  ? 23  ILE A CD1 1 
ATOM 50  N N   . GLU A 1 7   ? 8.051   -10.182 4.778   1.00 49.72  ? 24  GLU A N   1 
ATOM 51  C CA  . GLU A 1 7   ? 8.246   -10.112 6.224   1.00 47.88  ? 24  GLU A CA  1 
ATOM 52  C C   . GLU A 1 7   ? 6.961   -9.703  6.935   1.00 48.60  ? 24  GLU A C   1 
ATOM 53  O O   . GLU A 1 7   ? 6.316   -8.757  6.513   1.00 50.11  ? 24  GLU A O   1 
ATOM 54  C CB  . GLU A 1 7   ? 9.330   -9.080  6.580   1.00 45.34  ? 24  GLU A CB  1 
ATOM 55  N N   . LYS A 1 8   ? 6.618   -10.390 8.025   1.00 46.61  ? 25  LYS A N   1 
ATOM 56  C CA  . LYS A 1 8   ? 5.493   -10.014 8.871   1.00 56.65  ? 25  LYS A CA  1 
ATOM 57  C C   . LYS A 1 8   ? 5.806   -8.687  9.537   1.00 50.95  ? 25  LYS A C   1 
ATOM 58  O O   . LYS A 1 8   ? 6.944   -8.370  9.735   1.00 49.73  ? 25  LYS A O   1 
ATOM 59  C CB  . LYS A 1 8   ? 5.221   -11.077 9.953   1.00 66.02  ? 25  LYS A CB  1 
ATOM 60  C CG  . LYS A 1 8   ? 4.575   -12.370 9.452   1.00 70.59  ? 25  LYS A CG  1 
ATOM 61  C CD  . LYS A 1 8   ? 4.206   -13.287 10.614  1.00 85.91  ? 25  LYS A CD  1 
ATOM 62  C CE  . LYS A 1 8   ? 2.896   -14.033 10.380  1.00 99.01  ? 25  LYS A CE  1 
ATOM 63  N NZ  . LYS A 1 8   ? 2.956   -14.919 9.187   1.00 97.96  ? 25  LYS A NZ  1 
ATOM 64  N N   . ARG A 1 9   ? 4.792   -7.913  9.882   1.00 53.79  ? 26  ARG A N   1 
ATOM 65  C CA  . ARG A 1 9   ? 5.025   -6.571  10.420  1.00 55.61  ? 26  ARG A CA  1 
ATOM 66  C C   . ARG A 1 9   ? 5.669   -6.660  11.816  1.00 56.33  ? 26  ARG A C   1 
ATOM 67  O O   . ARG A 1 9   ? 5.402   -7.581  12.559  1.00 48.67  ? 26  ARG A O   1 
ATOM 68  C CB  . ARG A 1 9   ? 3.738   -5.745  10.425  1.00 60.30  ? 26  ARG A CB  1 
ATOM 69  C CG  . ARG A 1 9   ? 2.880   -5.910  11.660  1.00 65.70  ? 26  ARG A CG  1 
ATOM 70  C CD  . ARG A 1 9   ? 1.448   -5.436  11.490  1.00 72.97  ? 26  ARG A CD  1 
ATOM 71  N NE  . ARG A 1 9   ? 0.863   -5.412  12.831  1.00 81.16  ? 26  ARG A NE  1 
ATOM 72  C CZ  . ARG A 1 9   ? -0.295  -5.965  13.201  1.00 87.74  ? 26  ARG A CZ  1 
ATOM 73  N NH1 . ARG A 1 9   ? -1.090  -6.613  12.339  1.00 89.68  ? 26  ARG A NH1 1 
ATOM 74  N NH2 . ARG A 1 9   ? -0.661  -5.871  14.479  1.00 93.90  ? 26  ARG A NH2 1 
ATOM 75  N N   . SER A 1 10  ? 6.533   -5.703  12.148  1.00 54.80  ? 27  SER A N   1 
ATOM 76  C CA  . SER A 1 10  ? 7.263   -5.730  13.410  1.00 50.23  ? 27  SER A CA  1 
ATOM 77  C C   . SER A 1 10  ? 6.381   -5.324  14.565  1.00 51.60  ? 27  SER A C   1 
ATOM 78  O O   . SER A 1 10  ? 5.325   -4.707  14.378  1.00 50.06  ? 27  SER A O   1 
ATOM 79  C CB  . SER A 1 10  ? 8.526   -4.834  13.331  1.00 49.59  ? 27  SER A CB  1 
ATOM 80  O OG  . SER A 1 10  ? 8.266   -3.469  13.615  1.00 46.16  ? 27  SER A OG  1 
ATOM 81  N N   . LYS A 1 11  ? 6.847   -5.638  15.769  1.00 66.28  ? 28  LYS A N   1 
ATOM 82  C CA  . LYS A 1 11  ? 6.115   -5.333  17.007  1.00 70.93  ? 28  LYS A CA  1 
ATOM 83  C C   . LYS A 1 11  ? 5.849   -3.828  17.129  1.00 62.36  ? 28  LYS A C   1 
ATOM 84  O O   . LYS A 1 11  ? 4.770   -3.420  17.521  1.00 56.06  ? 28  LYS A O   1 
ATOM 85  C CB  . LYS A 1 11  ? 6.857   -5.836  18.265  1.00 72.48  ? 28  LYS A CB  1 
ATOM 86  C CG  . LYS A 1 11  ? 7.100   -7.349  18.364  1.00 85.22  ? 28  LYS A CG  1 
ATOM 87  C CD  . LYS A 1 11  ? 5.832   -8.196  18.512  1.00 89.90  ? 28  LYS A CD  1 
ATOM 88  C CE  . LYS A 1 11  ? 6.035   -9.631  18.020  1.00 92.60  ? 28  LYS A CE  1 
ATOM 89  N NZ  . LYS A 1 11  ? 4.833   -10.167 17.317  1.00 90.65  ? 28  LYS A NZ  1 
ATOM 90  N N   . ASP A 1 12  ? 6.834   -3.016  16.784  1.00 65.52  ? 29  ASP A N   1 
ATOM 91  C CA  . ASP A 1 12  ? 6.714   -1.564  16.959  1.00 72.58  ? 29  ASP A CA  1 
ATOM 92  C C   . ASP A 1 12  ? 6.096   -0.821  15.776  1.00 65.03  ? 29  ASP A C   1 
ATOM 93  O O   . ASP A 1 12  ? 5.963   0.393   15.839  1.00 61.91  ? 29  ASP A O   1 
ATOM 94  C CB  . ASP A 1 12  ? 8.078   -0.936  17.303  1.00 81.37  ? 29  ASP A CB  1 
ATOM 95  C CG  . ASP A 1 12  ? 8.431   -1.055  18.790  1.00 92.20  ? 29  ASP A CG  1 
ATOM 96  O OD1 . ASP A 1 12  ? 7.557   -0.811  19.665  1.00 94.86  ? 29  ASP A OD1 1 
ATOM 97  O OD2 . ASP A 1 12  ? 9.605   -1.374  19.079  1.00 103.98 ? 29  ASP A OD2 1 
ATOM 98  N N   . SER A 1 13  ? 5.725   -1.526  14.709  1.00 57.12  ? 30  SER A N   1 
ATOM 99  C CA  . SER A 1 13  ? 5.137   -0.879  13.533  1.00 60.67  ? 30  SER A CA  1 
ATOM 100 C C   . SER A 1 13  ? 3.761   -0.278  13.880  1.00 47.33  ? 30  SER A C   1 
ATOM 101 O O   . SER A 1 13  ? 3.087   -0.784  14.714  1.00 53.51  ? 30  SER A O   1 
ATOM 102 C CB  . SER A 1 13  ? 5.028   -1.877  12.362  1.00 57.68  ? 30  SER A CB  1 
ATOM 103 O OG  . SER A 1 13  ? 3.828   -2.614  12.465  1.00 60.64  ? 30  SER A OG  1 
ATOM 104 N N   . LYS A 1 14  ? 3.361   0.786   13.227  1.00 45.40  ? 31  LYS A N   1 
ATOM 105 C CA  . LYS A 1 14  ? 2.101   1.495   13.540  1.00 52.90  ? 31  LYS A CA  1 
ATOM 106 C C   . LYS A 1 14  ? 1.265   1.563   12.295  1.00 42.50  ? 31  LYS A C   1 
ATOM 107 O O   . LYS A 1 14  ? 1.828   1.717   11.201  1.00 47.52  ? 31  LYS A O   1 
ATOM 108 C CB  . LYS A 1 14  ? 2.419   2.949   13.986  1.00 60.02  ? 31  LYS A CB  1 
ATOM 109 C CG  . LYS A 1 14  ? 1.186   3.802   14.266  1.00 72.07  ? 31  LYS A CG  1 
ATOM 110 C CD  . LYS A 1 14  ? 1.500   5.132   14.955  1.00 80.70  ? 31  LYS A CD  1 
ATOM 111 C CE  . LYS A 1 14  ? 0.261   5.774   15.588  1.00 87.17  ? 31  LYS A CE  1 
ATOM 112 N NZ  . LYS A 1 14  ? -0.261  4.996   16.761  1.00 82.12  ? 31  LYS A NZ  1 
ATOM 113 N N   . PHE A 1 15  ? -0.051  1.442   12.439  1.00 37.84  ? 32  PHE A N   1 
ATOM 114 C CA  . PHE A 1 15  ? -0.958  1.623   11.333  1.00 39.91  ? 32  PHE A CA  1 
ATOM 115 C C   . PHE A 1 15  ? -0.962  3.108   10.810  1.00 43.85  ? 32  PHE A C   1 
ATOM 116 O O   . PHE A 1 15  ? -0.806  4.024   11.543  1.00 41.32  ? 32  PHE A O   1 
ATOM 117 C CB  . PHE A 1 15  ? -2.326  1.155   11.734  1.00 42.09  ? 32  PHE A CB  1 
ATOM 118 C CG  . PHE A 1 15  ? -3.344  1.252   10.643  1.00 43.35  ? 32  PHE A CG  1 
ATOM 119 C CD1 . PHE A 1 15  ? -3.406  0.279   9.683   1.00 42.34  ? 32  PHE A CD1 1 
ATOM 120 C CD2 . PHE A 1 15  ? -4.247  2.305   10.585  1.00 46.63  ? 32  PHE A CD2 1 
ATOM 121 C CE1 . PHE A 1 15  ? -4.345  0.336   8.677   1.00 44.75  ? 32  PHE A CE1 1 
ATOM 122 C CE2 . PHE A 1 15  ? -5.211  2.363   9.572   1.00 47.25  ? 32  PHE A CE2 1 
ATOM 123 C CZ  . PHE A 1 15  ? -5.233  1.378   8.606   1.00 47.23  ? 32  PHE A CZ  1 
ATOM 124 N N   . VAL A 1 16  ? -1.030  3.295   9.506   1.00 45.74  ? 33  VAL A N   1 
ATOM 125 C CA  . VAL A 1 16  ? -1.083  4.629   8.897   1.00 46.30  ? 33  VAL A CA  1 
ATOM 126 C C   . VAL A 1 16  ? -2.343  4.756   8.017   1.00 43.15  ? 33  VAL A C   1 
ATOM 127 O O   . VAL A 1 16  ? -3.000  5.722   8.087   1.00 41.36  ? 33  VAL A O   1 
ATOM 128 C CB  . VAL A 1 16  ? 0.120   4.872   8.019   1.00 49.45  ? 33  VAL A CB  1 
ATOM 129 C CG1 . VAL A 1 16  ? 0.179   6.324   7.518   1.00 62.00  ? 33  VAL A CG1 1 
ATOM 130 C CG2 . VAL A 1 16  ? 1.363   4.561   8.795   1.00 59.77  ? 33  VAL A CG2 1 
ATOM 131 N N   . PHE A 1 17  ? -2.652  3.772   7.191   1.00 40.20  ? 34  PHE A N   1 
ATOM 132 C CA  . PHE A 1 17  ? -3.777  3.860   6.290   1.00 42.39  ? 34  PHE A CA  1 
ATOM 133 C C   . PHE A 1 17  ? -4.122  2.541   5.678   1.00 41.09  ? 34  PHE A C   1 
ATOM 134 O O   . PHE A 1 17  ? -3.412  1.554   5.843   1.00 38.21  ? 34  PHE A O   1 
ATOM 135 C CB  . PHE A 1 17  ? -3.567  4.902   5.179   1.00 43.67  ? 34  PHE A CB  1 
ATOM 136 C CG  . PHE A 1 17  ? -2.516  4.544   4.178   1.00 42.62  ? 34  PHE A CG  1 
ATOM 137 C CD1 . PHE A 1 17  ? -2.850  3.997   2.940   1.00 41.36  ? 34  PHE A CD1 1 
ATOM 138 C CD2 . PHE A 1 17  ? -1.209  4.814   4.450   1.00 36.72  ? 34  PHE A CD2 1 
ATOM 139 C CE1 . PHE A 1 17  ? -1.854  3.720   2.024   1.00 43.80  ? 34  PHE A CE1 1 
ATOM 140 C CE2 . PHE A 1 17  ? -0.215  4.499   3.564   1.00 39.40  ? 34  PHE A CE2 1 
ATOM 141 C CZ  . PHE A 1 17  ? -0.533  3.966   2.336   1.00 38.63  ? 34  PHE A CZ  1 
ATOM 142 N N   . SER A 1 18  ? -5.271  2.534   5.011   1.00 48.47  ? 35  SER A N   1 
ATOM 143 C CA  . SER A 1 18  ? -5.717  1.383   4.242   1.00 47.42  ? 35  SER A CA  1 
ATOM 144 C C   . SER A 1 18  ? -6.048  1.755   2.825   1.00 43.01  ? 35  SER A C   1 
ATOM 145 O O   . SER A 1 18  ? -6.306  2.908   2.509   1.00 50.73  ? 35  SER A O   1 
ATOM 146 C CB  . SER A 1 18  ? -6.914  0.748   4.925   1.00 47.25  ? 35  SER A CB  1 
ATOM 147 O OG  . SER A 1 18  ? -7.943  1.681   4.870   1.00 62.25  ? 35  SER A OG  1 
ATOM 148 N N   . ILE A 1 19  ? -5.977  0.754   1.966   1.00 46.33  ? 36  ILE A N   1 
ATOM 149 C CA  . ILE A 1 19  ? -6.395  0.809   0.598   1.00 41.34  ? 36  ILE A CA  1 
ATOM 150 C C   . ILE A 1 19  ? -7.443  -0.290  0.446   1.00 40.10  ? 36  ILE A C   1 
ATOM 151 O O   . ILE A 1 19  ? -7.203  -1.387  0.817   1.00 44.05  ? 36  ILE A O   1 
ATOM 152 C CB  . ILE A 1 19  ? -5.196  0.478   -0.294  1.00 43.81  ? 36  ILE A CB  1 
ATOM 153 C CG1 . ILE A 1 19  ? -4.319  1.692   -0.479  1.00 52.52  ? 36  ILE A CG1 1 
ATOM 154 C CG2 . ILE A 1 19  ? -5.613  -0.070  -1.654  1.00 45.84  ? 36  ILE A CG2 1 
ATOM 155 C CD1 . ILE A 1 19  ? -2.852  1.305   -0.520  1.00 59.55  ? 36  ILE A CD1 1 
ATOM 156 N N   . VAL A 1 20  ? -8.614  0.047   -0.080  1.00 46.55  ? 37  VAL A N   1 
ATOM 157 C CA  . VAL A 1 20  ? -9.603  -0.906  -0.537  1.00 46.33  ? 37  VAL A CA  1 
ATOM 158 C C   . VAL A 1 20  ? -9.461  -1.049  -2.062  1.00 47.48  ? 37  VAL A C   1 
ATOM 159 O O   . VAL A 1 20  ? -9.765  -0.128  -2.856  1.00 46.17  ? 37  VAL A O   1 
ATOM 160 C CB  . VAL A 1 20  ? -11.051 -0.442  -0.192  1.00 56.59  ? 37  VAL A CB  1 
ATOM 161 C CG1 . VAL A 1 20  ? -12.044 -1.565  -0.497  1.00 55.18  ? 37  VAL A CG1 1 
ATOM 162 C CG2 . VAL A 1 20  ? -11.181 0.013   1.261   1.00 58.27  ? 37  VAL A CG2 1 
ATOM 163 N N   . TYR A 1 21  ? -8.992  -2.207  -2.476  1.00 48.38  ? 38  TYR A N   1 
ATOM 164 C CA  . TYR A 1 21  ? -8.593  -2.402  -3.838  1.00 48.06  ? 38  TYR A CA  1 
ATOM 165 C C   . TYR A 1 21  ? -9.615  -3.389  -4.289  1.00 43.08  ? 38  TYR A C   1 
ATOM 166 O O   . TYR A 1 21  ? -9.707  -4.447  -3.742  1.00 56.12  ? 38  TYR A O   1 
ATOM 167 C CB  . TYR A 1 21  ? -7.132  -2.945  -3.916  1.00 50.02  ? 38  TYR A CB  1 
ATOM 168 C CG  . TYR A 1 21  ? -6.747  -3.490  -5.270  1.00 51.32  ? 38  TYR A CG  1 
ATOM 169 C CD1 . TYR A 1 21  ? -6.975  -2.739  -6.407  1.00 60.62  ? 38  TYR A CD1 1 
ATOM 170 C CD2 . TYR A 1 21  ? -6.202  -4.765  -5.428  1.00 54.94  ? 38  TYR A CD2 1 
ATOM 171 C CE1 . TYR A 1 21  ? -6.669  -3.221  -7.645  1.00 58.82  ? 38  TYR A CE1 1 
ATOM 172 C CE2 . TYR A 1 21  ? -5.889  -5.255  -6.682  1.00 55.06  ? 38  TYR A CE2 1 
ATOM 173 C CZ  . TYR A 1 21  ? -6.125  -4.461  -7.788  1.00 57.76  ? 38  TYR A CZ  1 
ATOM 174 O OH  . TYR A 1 21  ? -5.832  -4.835  -9.076  1.00 62.53  ? 38  TYR A OH  1 
ATOM 175 N N   . ASN A 1 22  ? -10.338 -3.042  -5.315  1.00 46.44  ? 39  ASN A N   1 
ATOM 176 C CA  . ASN A 1 22  ? -11.540 -3.733  -5.694  1.00 54.45  ? 39  ASN A CA  1 
ATOM 177 C C   . ASN A 1 22  ? -12.370 -3.866  -4.462  1.00 50.83  ? 39  ASN A C   1 
ATOM 178 O O   . ASN A 1 22  ? -12.736 -2.826  -3.919  1.00 73.74  ? 39  ASN A O   1 
ATOM 179 C CB  . ASN A 1 22  ? -11.219 -4.934  -6.555  1.00 56.41  ? 39  ASN A CB  1 
ATOM 180 C CG  . ASN A 1 22  ? -10.662 -4.460  -7.902  1.00 57.76  ? 39  ASN A CG  1 
ATOM 181 O OD1 . ASN A 1 22  ? -10.875 -3.282  -8.290  1.00 49.40  ? 39  ASN A OD1 1 
ATOM 182 N ND2 . ASN A 1 22  ? -9.937  -5.309  -8.585  1.00 56.44  ? 39  ASN A ND2 1 
ATOM 183 N N   . GLY A 1 23  ? -12.684 -5.006  -3.953  1.00 41.26  ? 40  GLY A N   1 
ATOM 184 C CA  . GLY A 1 23  ? -13.276 -4.875  -2.575  1.00 43.70  ? 40  GLY A CA  1 
ATOM 185 C C   . GLY A 1 23  ? -12.428 -5.296  -1.386  1.00 35.47  ? 40  GLY A C   1 
ATOM 186 O O   . GLY A 1 23  ? -12.880 -5.334  -0.301  1.00 37.47  ? 40  GLY A O   1 
ATOM 187 N N   . PHE A 1 24  ? -11.183 -5.631  -1.606  1.00 38.67  ? 41  PHE A N   1 
ATOM 188 C CA  . PHE A 1 24  ? -10.319 -6.147  -0.592  1.00 41.38  ? 41  PHE A CA  1 
ATOM 189 C C   . PHE A 1 24  ? -9.499  -5.012  0.092   1.00 41.99  ? 41  PHE A C   1 
ATOM 190 O O   . PHE A 1 24  ? -8.813  -4.247  -0.567  1.00 44.86  ? 41  PHE A O   1 
ATOM 191 C CB  . PHE A 1 24  ? -9.436  -7.081  -1.333  1.00 45.35  ? 41  PHE A CB  1 
ATOM 192 C CG  . PHE A 1 24  ? -8.565  -7.895  -0.508  1.00 46.07  ? 41  PHE A CG  1 
ATOM 193 C CD1 . PHE A 1 24  ? -9.037  -9.082  0.026   1.00 53.08  ? 41  PHE A CD1 1 
ATOM 194 C CD2 . PHE A 1 24  ? -7.205  -7.590  -0.399  1.00 50.38  ? 41  PHE A CD2 1 
ATOM 195 C CE1 . PHE A 1 24  ? -8.184  -9.913  0.741   1.00 48.64  ? 41  PHE A CE1 1 
ATOM 196 C CE2 . PHE A 1 24  ? -6.353  -8.425  0.310   1.00 48.71  ? 41  PHE A CE2 1 
ATOM 197 C CZ  . PHE A 1 24  ? -6.852  -9.559  0.886   1.00 42.16  ? 41  PHE A CZ  1 
ATOM 198 N N   . THR A 1 25  ? -9.551  -4.977  1.406   1.00 39.71  ? 42  THR A N   1 
ATOM 199 C CA  . THR A 1 25  ? -8.859  -4.061  2.247   1.00 45.63  ? 42  THR A CA  1 
ATOM 200 C C   . THR A 1 25  ? -7.445  -4.504  2.665   1.00 44.66  ? 42  THR A C   1 
ATOM 201 O O   . THR A 1 25  ? -7.261  -5.581  3.219   1.00 49.92  ? 42  THR A O   1 
ATOM 202 C CB  . THR A 1 25  ? -9.689  -3.797  3.529   1.00 44.43  ? 42  THR A CB  1 
ATOM 203 O OG1 . THR A 1 25  ? -11.033 -3.525  3.144   1.00 61.17  ? 42  THR A OG1 1 
ATOM 204 C CG2 . THR A 1 25  ? -9.169  -2.573  4.285   1.00 52.70  ? 42  THR A CG2 1 
ATOM 205 N N   . LEU A 1 26  ? -6.466  -3.632  2.402   1.00 43.60  ? 43  LEU A N   1 
ATOM 206 C CA  . LEU A 1 26  ? -5.061  -3.831  2.757   1.00 41.10  ? 43  LEU A CA  1 
ATOM 207 C C   . LEU A 1 26  ? -4.690  -2.748  3.743   1.00 38.42  ? 43  LEU A C   1 
ATOM 208 O O   . LEU A 1 26  ? -4.953  -1.585  3.501   1.00 43.26  ? 43  LEU A O   1 
ATOM 209 C CB  . LEU A 1 26  ? -4.199  -3.669  1.541   1.00 43.42  ? 43  LEU A CB  1 
ATOM 210 C CG  . LEU A 1 26  ? -4.379  -4.673  0.426   1.00 47.90  ? 43  LEU A CG  1 
ATOM 211 C CD1 . LEU A 1 26  ? -3.564  -4.241  -0.754  1.00 54.25  ? 43  LEU A CD1 1 
ATOM 212 C CD2 . LEU A 1 26  ? -3.939  -6.034  0.895   1.00 57.77  ? 43  LEU A CD2 1 
ATOM 213 N N   . GLY A 1 27  ? -4.114  -3.134  4.867   1.00 36.19  ? 44  GLY A N   1 
ATOM 214 C CA  . GLY A 1 27  ? -3.648  -2.179  5.862   1.00 42.85  ? 44  GLY A CA  1 
ATOM 215 C C   . GLY A 1 27  ? -2.163  -1.920  5.644   1.00 41.58  ? 44  GLY A C   1 
ATOM 216 O O   . GLY A 1 27  ? -1.381  -2.853  5.443   1.00 40.21  ? 44  GLY A O   1 
ATOM 217 N N   . VAL A 1 28  ? -1.793  -0.651  5.650   1.00 39.22  ? 45  VAL A N   1 
ATOM 218 C CA  . VAL A 1 28  ? -0.397  -0.266  5.509   1.00 42.26  ? 45  VAL A CA  1 
ATOM 219 C C   . VAL A 1 28  ? 0.115   0.225   6.852   1.00 37.55  ? 45  VAL A C   1 
ATOM 220 O O   . VAL A 1 28  ? -0.526  0.998   7.487   1.00 39.72  ? 45  VAL A O   1 
ATOM 221 C CB  . VAL A 1 28  ? -0.231  0.819   4.419   1.00 43.25  ? 45  VAL A CB  1 
ATOM 222 C CG1 . VAL A 1 28  ? 1.234   1.181   4.246   1.00 39.99  ? 45  VAL A CG1 1 
ATOM 223 C CG2 . VAL A 1 28  ? -0.856  0.296   3.123   1.00 48.46  ? 45  VAL A CG2 1 
ATOM 224 N N   . TRP A 1 29  ? 1.311   -0.211  7.225   1.00 44.19  ? 46  TRP A N   1 
ATOM 225 C CA  . TRP A 1 29  ? 1.894   -0.052  8.545   1.00 44.46  ? 46  TRP A CA  1 
ATOM 226 C C   . TRP A 1 29  ? 3.321   0.421   8.421   1.00 39.00  ? 46  TRP A C   1 
ATOM 227 O O   . TRP A 1 29  ? 3.993   0.016   7.540   1.00 38.41  ? 46  TRP A O   1 
ATOM 228 C CB  . TRP A 1 29  ? 1.944   -1.401  9.244   1.00 44.35  ? 46  TRP A CB  1 
ATOM 229 C CG  . TRP A 1 29  ? 0.949   -1.649  10.312  1.00 49.58  ? 46  TRP A CG  1 
ATOM 230 C CD1 . TRP A 1 29  ? 1.052   -1.374  11.684  1.00 53.81  ? 46  TRP A CD1 1 
ATOM 231 C CD2 . TRP A 1 29  ? -0.234  -2.338  10.154  1.00 42.47  ? 46  TRP A CD2 1 
ATOM 232 N NE1 . TRP A 1 29  ? -0.057  -1.820  12.372  1.00 45.97  ? 46  TRP A NE1 1 
ATOM 233 C CE2 . TRP A 1 29  ? -0.865  -2.424  11.443  1.00 54.46  ? 46  TRP A CE2 1 
ATOM 234 C CE3 . TRP A 1 29  ? -0.837  -2.871  9.081   1.00 42.65  ? 46  TRP A CE3 1 
ATOM 235 C CZ2 . TRP A 1 29  ? -2.062  -3.006  11.617  1.00 50.60  ? 46  TRP A CZ2 1 
ATOM 236 C CZ3 . TRP A 1 29  ? -1.980  -3.449  9.252   1.00 51.38  ? 46  TRP A CZ3 1 
ATOM 237 C CH2 . TRP A 1 29  ? -2.610  -3.514  10.510  1.00 59.66  ? 46  TRP A CH2 1 
ATOM 238 N N   . VAL A 1 30  ? 3.783   1.237   9.349   1.00 46.43  ? 47  VAL A N   1 
ATOM 239 C CA  . VAL A 1 30  ? 5.146   1.771   9.325   1.00 52.56  ? 47  VAL A CA  1 
ATOM 240 C C   . VAL A 1 30  ? 5.902   1.420   10.609  1.00 52.28  ? 47  VAL A C   1 
ATOM 241 O O   . VAL A 1 30  ? 5.370   1.591   11.704  1.00 62.90  ? 47  VAL A O   1 
ATOM 242 C CB  . VAL A 1 30  ? 5.113   3.285   9.188   1.00 50.84  ? 47  VAL A CB  1 
ATOM 243 C CG1 . VAL A 1 30  ? 6.508   3.865   9.286   1.00 59.24  ? 47  VAL A CG1 1 
ATOM 244 C CG2 . VAL A 1 30  ? 4.543   3.655   7.847   1.00 59.11  ? 47  VAL A CG2 1 
ATOM 245 N N   . ASP A 1 31  ? 7.128   0.935   10.445  1.00 51.99  ? 48  ASP A N   1 
ATOM 246 C CA  . ASP A 1 31  ? 8.124   0.872   11.504  1.00 50.03  ? 48  ASP A CA  1 
ATOM 247 C C   . ASP A 1 31  ? 9.043   2.059   11.286  1.00 50.31  ? 48  ASP A C   1 
ATOM 248 O O   . ASP A 1 31  ? 9.930   2.046   10.417  1.00 51.32  ? 48  ASP A O   1 
ATOM 249 C CB  . ASP A 1 31  ? 8.906   -0.438  11.425  1.00 50.62  ? 48  ASP A CB  1 
ATOM 250 C CG  . ASP A 1 31  ? 9.847   -0.662  12.612  1.00 54.90  ? 48  ASP A CG  1 
ATOM 251 O OD1 . ASP A 1 31  ? 10.538  0.309   13.048  1.00 49.88  ? 48  ASP A OD1 1 
ATOM 252 O OD2 . ASP A 1 31  ? 9.940   -1.846  13.073  1.00 57.49  ? 48  ASP A OD2 1 
ATOM 253 N N   . VAL A 1 32  ? 8.808   3.087   12.085  1.00 57.68  ? 49  VAL A N   1 
ATOM 254 C CA  . VAL A 1 32  ? 9.528   4.354   12.008  1.00 62.43  ? 49  VAL A CA  1 
ATOM 255 C C   . VAL A 1 32  ? 11.047  4.207   12.161  1.00 52.91  ? 49  VAL A C   1 
ATOM 256 O O   . VAL A 1 32  ? 11.828  4.734   11.337  1.00 55.90  ? 49  VAL A O   1 
ATOM 257 C CB  . VAL A 1 32  ? 8.968   5.401   13.038  1.00 70.38  ? 49  VAL A CB  1 
ATOM 258 C CG1 . VAL A 1 32  ? 7.489   5.669   12.784  1.00 73.99  ? 49  VAL A CG1 1 
ATOM 259 C CG2 . VAL A 1 32  ? 9.183   4.978   14.499  1.00 79.44  ? 49  VAL A CG2 1 
ATOM 260 N N   . ASN A 1 33  ? 11.474  3.514   13.205  1.00 57.75  ? 50  ASN A N   1 
ATOM 261 C CA  . ASN A 1 33  ? 12.922  3.354   13.454  1.00 61.99  ? 50  ASN A CA  1 
ATOM 262 C C   . ASN A 1 33  ? 13.665  2.527   12.366  1.00 51.56  ? 50  ASN A C   1 
ATOM 263 O O   . ASN A 1 33  ? 14.768  2.856   12.001  1.00 51.53  ? 50  ASN A O   1 
ATOM 264 C CB  . ASN A 1 33  ? 13.177  2.864   14.874  1.00 60.60  ? 50  ASN A CB  1 
ATOM 265 C CG  . ASN A 1 33  ? 13.011  3.982   15.917  1.00 76.20  ? 50  ASN A CG  1 
ATOM 266 O OD1 . ASN A 1 33  ? 13.274  5.173   15.644  1.00 82.42  ? 50  ASN A OD1 1 
ATOM 267 N ND2 . ASN A 1 33  ? 12.586  3.604   17.124  1.00 72.41  ? 50  ASN A ND2 1 
ATOM 268 N N   . GLN A 1 34  ? 13.011  1.537   11.782  1.00 51.44  ? 51  GLN A N   1 
ATOM 269 C CA  . GLN A 1 34  ? 13.638  0.713   10.784  1.00 49.07  ? 51  GLN A CA  1 
ATOM 270 C C   . GLN A 1 34  ? 13.549  1.353   9.428   1.00 48.54  ? 51  GLN A C   1 
ATOM 271 O O   . GLN A 1 34  ? 14.375  1.072   8.583   1.00 60.24  ? 51  GLN A O   1 
ATOM 272 C CB  . GLN A 1 34  ? 13.065  -0.715  10.842  1.00 55.93  ? 51  GLN A CB  1 
ATOM 273 C CG  . GLN A 1 34  ? 14.062  -1.856  10.943  1.00 58.18  ? 51  GLN A CG  1 
ATOM 274 C CD  . GLN A 1 34  ? 15.177  -1.659  11.965  1.00 65.86  ? 51  GLN A CD  1 
ATOM 275 O OE1 . GLN A 1 34  ? 15.013  -0.980  12.988  1.00 75.76  ? 51  GLN A OE1 1 
ATOM 276 N NE2 . GLN A 1 34  ? 16.331  -2.256  11.684  1.00 67.02  ? 51  GLN A NE2 1 
ATOM 277 N N   . GLY A 1 35  ? 12.626  2.277   9.204   1.00 55.93  ? 52  GLY A N   1 
ATOM 278 C CA  . GLY A 1 35  ? 12.456  2.816   7.852   1.00 58.27  ? 52  GLY A CA  1 
ATOM 279 C C   . GLY A 1 35  ? 11.773  1.848   6.883   1.00 50.76  ? 52  GLY A C   1 
ATOM 280 O O   . GLY A 1 35  ? 12.050  1.868   5.685   1.00 57.85  ? 52  GLY A O   1 
ATOM 281 N N   . LEU A 1 36  ? 10.906  0.987   7.404   1.00 45.22  ? 53  LEU A N   1 
ATOM 282 C CA  . LEU A 1 36  ? 10.170  0.022   6.595   1.00 43.05  ? 53  LEU A CA  1 
ATOM 283 C C   . LEU A 1 36  ? 8.671   0.169   6.722   1.00 37.34  ? 53  LEU A C   1 
ATOM 284 O O   . LEU A 1 36  ? 8.139   0.615   7.740   1.00 41.82  ? 53  LEU A O   1 
ATOM 285 C CB  . LEU A 1 36  ? 10.597  -1.386  6.963   1.00 51.13  ? 53  LEU A CB  1 
ATOM 286 C CG  . LEU A 1 36  ? 11.994  -1.875  6.576   1.00 51.07  ? 53  LEU A CG  1 
ATOM 287 C CD1 . LEU A 1 36  ? 12.281  -3.325  7.064   1.00 52.53  ? 53  LEU A CD1 1 
ATOM 288 C CD2 . LEU A 1 36  ? 12.181  -1.821  5.070   1.00 53.00  ? 53  LEU A CD2 1 
ATOM 289 N N   . MET A 1 37  ? 8.008   -0.128  5.628   1.00 37.28  ? 54  MET A N   1 
ATOM 290 C CA  . MET A 1 37  ? 6.584   -0.111  5.504   1.00 43.80  ? 54  MET A CA  1 
ATOM 291 C C   . MET A 1 37  ? 6.116   -1.535  5.201   1.00 37.59  ? 54  MET A C   1 
ATOM 292 O O   . MET A 1 37  ? 6.755   -2.220  4.369   1.00 35.58  ? 54  MET A O   1 
ATOM 293 C CB  . MET A 1 37  ? 6.145   0.830   4.378   1.00 49.53  ? 54  MET A CB  1 
ATOM 294 C CG  . MET A 1 37  ? 5.631   2.185   4.908   1.00 70.72  ? 54  MET A CG  1 
ATOM 295 S SD  . MET A 1 37  ? 5.118   3.555   3.774   1.00 77.50  ? 54  MET A SD  1 
ATOM 296 C CE  . MET A 1 37  ? 3.524   4.158   4.396   1.00 82.82  ? 54  MET A CE  1 
ATOM 297 N N   . TYR A 1 38  ? 4.974   -1.935  5.779   1.00 30.68  ? 55  TYR A N   1 
ATOM 298 C CA  . TYR A 1 38  ? 4.406   -3.291  5.583   1.00 34.51  ? 55  TYR A CA  1 
ATOM 299 C C   . TYR A 1 38  ? 2.911   -3.268  5.122   1.00 32.99  ? 55  TYR A C   1 
ATOM 300 O O   . TYR A 1 38  ? 2.107   -2.518  5.601   1.00 33.01  ? 55  TYR A O   1 
ATOM 301 C CB  . TYR A 1 38  ? 4.483   -4.133  6.857   1.00 34.22  ? 55  TYR A CB  1 
ATOM 302 C CG  . TYR A 1 38  ? 5.800   -4.275  7.561   1.00 38.93  ? 55  TYR A CG  1 
ATOM 303 C CD1 . TYR A 1 38  ? 6.542   -5.421  7.436   1.00 43.13  ? 55  TYR A CD1 1 
ATOM 304 C CD2 . TYR A 1 38  ? 6.280   -3.275  8.397   1.00 47.02  ? 55  TYR A CD2 1 
ATOM 305 C CE1 . TYR A 1 38  ? 7.734   -5.579  8.091   1.00 46.76  ? 55  TYR A CE1 1 
ATOM 306 C CE2 . TYR A 1 38  ? 7.502   -3.409  9.072   1.00 44.30  ? 55  TYR A CE2 1 
ATOM 307 C CZ  . TYR A 1 38  ? 8.215   -4.573  8.913   1.00 48.44  ? 55  TYR A CZ  1 
ATOM 308 O OH  . TYR A 1 38  ? 9.419   -4.762  9.545   1.00 48.26  ? 55  TYR A OH  1 
ATOM 309 N N   . ILE A 1 39  ? 2.568   -4.137  4.218   1.00 33.96  ? 56  ILE A N   1 
ATOM 310 C CA  . ILE A 1 39  ? 1.196   -4.284  3.757   1.00 42.28  ? 56  ILE A CA  1 
ATOM 311 C C   . ILE A 1 39  ? 0.741   -5.629  4.263   1.00 33.99  ? 56  ILE A C   1 
ATOM 312 O O   . ILE A 1 39  ? 1.395   -6.621  3.988   1.00 45.03  ? 56  ILE A O   1 
ATOM 313 C CB  . ILE A 1 39  ? 1.084   -4.248  2.225   1.00 43.26  ? 56  ILE A CB  1 
ATOM 314 C CG1 . ILE A 1 39  ? 1.444   -2.866  1.747   1.00 49.38  ? 56  ILE A CG1 1 
ATOM 315 C CG2 . ILE A 1 39  ? -0.359  -4.532  1.806   1.00 53.15  ? 56  ILE A CG2 1 
ATOM 316 C CD1 . ILE A 1 39  ? 1.624   -2.725  0.257   1.00 49.39  ? 56  ILE A CD1 1 
ATOM 317 N N   . ASP A 1 40  ? -0.370  -5.632  4.963   1.00 36.05  ? 57  ASP A N   1 
ATOM 318 C CA  . ASP A 1 40  ? -0.979  -6.799  5.605   1.00 42.30  ? 57  ASP A CA  1 
ATOM 319 C C   . ASP A 1 40  ? -2.500  -6.705  5.445   1.00 39.35  ? 57  ASP A C   1 
ATOM 320 O O   . ASP A 1 40  ? -2.973  -5.700  5.043   1.00 39.46  ? 57  ASP A O   1 
ATOM 321 C CB  . ASP A 1 40  ? -0.613  -6.775  7.085   1.00 44.10  ? 57  ASP A CB  1 
ATOM 322 C CG  . ASP A 1 40  ? -0.990  -8.023  7.797   1.00 50.72  ? 57  ASP A CG  1 
ATOM 323 O OD1 . ASP A 1 40  ? -0.823  -9.140  7.247   1.00 65.70  ? 57  ASP A OD1 1 
ATOM 324 O OD2 . ASP A 1 40  ? -1.476  -7.905  8.932   1.00 62.99  ? 57  ASP A OD2 1 
ATOM 325 N N   . THR A 1 41  ? -3.252  -7.750  5.755   1.00 44.24  ? 58  THR A N   1 
ATOM 326 C CA  . THR A 1 41  ? -4.700  -7.674  5.778   1.00 47.63  ? 58  THR A CA  1 
ATOM 327 C C   . THR A 1 41  ? -5.185  -7.002  7.008   1.00 42.49  ? 58  THR A C   1 
ATOM 328 O O   . THR A 1 41  ? -6.247  -6.468  6.977   1.00 45.45  ? 58  THR A O   1 
ATOM 329 C CB  . THR A 1 41  ? -5.399  -9.042  5.737   1.00 48.81  ? 58  THR A CB  1 
ATOM 330 O OG1 . THR A 1 41  ? -4.900  -9.863  6.781   1.00 46.86  ? 58  THR A OG1 1 
ATOM 331 C CG2 . THR A 1 41  ? -5.159  -9.733  4.400   1.00 50.86  ? 58  THR A CG2 1 
ATOM 332 N N   . ALA A 1 42  ? -4.445  -7.046  8.101   1.00 43.92  ? 59  ALA A N   1 
ATOM 333 C CA  . ALA A 1 42  ? -4.886  -6.327  9.312   1.00 48.19  ? 59  ALA A CA  1 
ATOM 334 C C   . ALA A 1 42  ? -5.041  -4.830  9.018   1.00 57.29  ? 59  ALA A C   1 
ATOM 335 O O   . ALA A 1 42  ? -4.312  -4.279  8.217   1.00 55.61  ? 59  ALA A O   1 
ATOM 336 C CB  . ALA A 1 42  ? -3.920  -6.536  10.491  1.00 44.54  ? 59  ALA A CB  1 
ATOM 337 N N   . HIS A 1 43  ? -5.996  -4.193  9.685   1.00 64.22  ? 60  HIS A N   1 
ATOM 338 C CA  . HIS A 1 43  ? -6.231  -2.776  9.582   1.00 67.10  ? 60  HIS A CA  1 
ATOM 339 C C   . HIS A 1 43  ? -7.128  -2.319  10.762  1.00 63.04  ? 60  HIS A C   1 
ATOM 340 O O   . HIS A 1 43  ? -7.650  -3.124  11.518  1.00 59.47  ? 60  HIS A O   1 
ATOM 341 C CB  . HIS A 1 43  ? -6.862  -2.418  8.209   1.00 66.49  ? 60  HIS A CB  1 
ATOM 342 C CG  . HIS A 1 43  ? -8.285  -2.863  8.062   1.00 67.28  ? 60  HIS A CG  1 
ATOM 343 N ND1 . HIS A 1 43  ? -8.646  -4.188  7.924   1.00 65.96  ? 60  HIS A ND1 1 
ATOM 344 C CD2 . HIS A 1 43  ? -9.436  -2.155  8.056   1.00 57.62  ? 60  HIS A CD2 1 
ATOM 345 C CE1 . HIS A 1 43  ? -9.962  -4.274  7.846   1.00 66.52  ? 60  HIS A CE1 1 
ATOM 346 N NE2 . HIS A 1 43  ? -10.462 -3.052  7.918   1.00 61.40  ? 60  HIS A NE2 1 
ATOM 347 N N   . ASP A 1 44  ? -7.225  -1.010  10.900  1.00 65.26  ? 61  ASP A N   1 
ATOM 348 C CA  . ASP A 1 44  ? -8.135  -0.344  11.796  1.00 72.10  ? 61  ASP A CA  1 
ATOM 349 C C   . ASP A 1 44  ? -9.415  0.070   11.062  1.00 68.76  ? 61  ASP A C   1 
ATOM 350 O O   . ASP A 1 44  ? -9.382  1.003   10.230  1.00 59.93  ? 61  ASP A O   1 
ATOM 351 C CB  . ASP A 1 44  ? -7.480  0.895   12.360  1.00 74.89  ? 61  ASP A CB  1 
ATOM 352 C CG  . ASP A 1 44  ? -8.278  1.479   13.447  1.00 83.31  ? 61  ASP A CG  1 
ATOM 353 O OD1 . ASP A 1 44  ? -9.436  1.021   13.574  1.00 71.20  ? 61  ASP A OD1 1 
ATOM 354 O OD2 . ASP A 1 44  ? -7.750  2.356   14.173  1.00 96.75  ? 61  ASP A OD2 1 
ATOM 355 N N   . PRO A 1 45  ? -10.547 -0.617  11.361  1.00 76.21  ? 62  PRO A N   1 
ATOM 356 C CA  . PRO A 1 45  ? -11.779 -0.316  10.598  1.00 82.40  ? 62  PRO A CA  1 
ATOM 357 C C   . PRO A 1 45  ? -12.324 1.123   10.731  1.00 75.11  ? 62  PRO A C   1 
ATOM 358 O O   . PRO A 1 45  ? -13.175 1.516   9.940   1.00 78.62  ? 62  PRO A O   1 
ATOM 359 C CB  . PRO A 1 45  ? -12.798 -1.355  11.120  1.00 83.95  ? 62  PRO A CB  1 
ATOM 360 C CG  . PRO A 1 45  ? -11.970 -2.437  11.739  1.00 85.51  ? 62  PRO A CG  1 
ATOM 361 C CD  . PRO A 1 45  ? -10.746 -1.754  12.284  1.00 75.99  ? 62  PRO A CD  1 
ATOM 362 N N   . SER A 1 46  ? -11.864 1.876   11.727  1.00 69.99  ? 63  SER A N   1 
ATOM 363 C CA  . SER A 1 46  ? -12.228 3.273   11.857  1.00 82.36  ? 63  SER A CA  1 
ATOM 364 C C   . SER A 1 46  ? -10.961 4.058   11.710  1.00 93.09  ? 63  SER A C   1 
ATOM 365 O O   . SER A 1 46  ? -10.244 4.288   12.696  1.00 101.78 ? 63  SER A O   1 
ATOM 366 C CB  . SER A 1 46  ? -12.841 3.547   13.222  1.00 86.97  ? 63  SER A CB  1 
ATOM 367 O OG  . SER A 1 46  ? -11.929 3.218   14.254  1.00 80.35  ? 63  SER A OG  1 
ATOM 368 N N   . THR A 1 47  ? -10.653 4.410   10.468  1.00 83.17  ? 64  THR A N   1 
ATOM 369 C CA  . THR A 1 47  ? -9.599  5.365   10.174  1.00 74.30  ? 64  THR A CA  1 
ATOM 370 C C   . THR A 1 47  ? -10.191 6.317   9.172   1.00 68.68  ? 64  THR A C   1 
ATOM 371 O O   . THR A 1 47  ? -11.169 5.987   8.495   1.00 65.44  ? 64  THR A O   1 
ATOM 372 C CB  . THR A 1 47  ? -8.309  4.690   9.625   1.00 78.97  ? 64  THR A CB  1 
ATOM 373 O OG1 . THR A 1 47  ? -7.267  5.663   9.485   1.00 73.56  ? 64  THR A OG1 1 
ATOM 374 C CG2 . THR A 1 47  ? -8.525  3.987   8.261   1.00 75.55  ? 64  THR A CG2 1 
ATOM 375 N N   . LYS A 1 48  ? -9.606  7.501   9.103   1.00 69.81  ? 65  LYS A N   1 
ATOM 376 C CA  . LYS A 1 48  ? -10.010 8.492   8.117   1.00 76.89  ? 65  LYS A CA  1 
ATOM 377 C C   . LYS A 1 48  ? -9.218  8.319   6.815   1.00 73.40  ? 65  LYS A C   1 
ATOM 378 O O   . LYS A 1 48  ? -9.657  8.783   5.734   1.00 60.21  ? 65  LYS A O   1 
ATOM 379 C CB  . LYS A 1 48  ? -9.875  9.905   8.703   1.00 85.21  ? 65  LYS A CB  1 
ATOM 380 C CG  . LYS A 1 48  ? -10.911 10.151  9.793   1.00 95.99  ? 65  LYS A CG  1 
ATOM 381 C CD  . LYS A 1 48  ? -10.865 11.556  10.380  1.00 105.15 ? 65  LYS A CD  1 
ATOM 382 C CE  . LYS A 1 48  ? -11.783 11.646  11.600  1.00 104.31 ? 65  LYS A CE  1 
ATOM 383 N NZ  . LYS A 1 48  ? -12.083 13.052  11.985  1.00 103.50 ? 65  LYS A NZ  1 
ATOM 384 N N   . ASN A 1 49  ? -8.084  7.613   6.901   1.00 60.13  ? 66  ASN A N   1 
ATOM 385 C CA  . ASN A 1 49  ? -7.169  7.512   5.769   1.00 55.39  ? 66  ASN A CA  1 
ATOM 386 C C   . ASN A 1 49  ? -7.461  6.273   4.976   1.00 40.93  ? 66  ASN A C   1 
ATOM 387 O O   . ASN A 1 49  ? -6.868  5.271   5.178   1.00 43.88  ? 66  ASN A O   1 
ATOM 388 C CB  . ASN A 1 49  ? -5.750  7.517   6.303   1.00 62.91  ? 66  ASN A CB  1 
ATOM 389 C CG  . ASN A 1 49  ? -5.503  8.668   7.243   1.00 65.72  ? 66  ASN A CG  1 
ATOM 390 O OD1 . ASN A 1 49  ? -4.731  8.551   8.188   1.00 77.44  ? 66  ASN A OD1 1 
ATOM 391 N ND2 . ASN A 1 49  ? -6.164  9.789   6.992   1.00 69.75  ? 66  ASN A ND2 1 
ATOM 392 N N   . VAL A 1 50  ? -8.424  6.349   4.098   1.00 47.41  ? 67  VAL A N   1 
ATOM 393 C CA  . VAL A 1 50  ? -8.922  5.196   3.350   1.00 51.25  ? 67  VAL A CA  1 
ATOM 394 C C   . VAL A 1 50  ? -8.945  5.649   1.905   1.00 45.23  ? 67  VAL A C   1 
ATOM 395 O O   . VAL A 1 50  ? -9.301  6.786   1.628   1.00 52.92  ? 67  VAL A O   1 
ATOM 396 C CB  . VAL A 1 50  ? -10.364 4.766   3.773   1.00 54.95  ? 67  VAL A CB  1 
ATOM 397 C CG1 . VAL A 1 50  ? -10.694 3.384   3.240   1.00 57.18  ? 67  VAL A CG1 1 
ATOM 398 C CG2 . VAL A 1 50  ? -10.538 4.749   5.263   1.00 56.82  ? 67  VAL A CG2 1 
ATOM 399 N N   . TYR A 1 51  ? -8.558  4.762   0.998   1.00 45.05  ? 68  TYR A N   1 
ATOM 400 C CA  . TYR A 1 51  ? -8.430  5.058   -0.421  1.00 47.32  ? 68  TYR A CA  1 
ATOM 401 C C   . TYR A 1 51  ? -8.972  3.897   -1.166  1.00 47.44  ? 68  TYR A C   1 
ATOM 402 O O   . TYR A 1 51  ? -8.457  2.794   -1.022  1.00 49.83  ? 68  TYR A O   1 
ATOM 403 C CB  . TYR A 1 51  ? -6.967  5.215   -0.861  1.00 51.43  ? 68  TYR A CB  1 
ATOM 404 C CG  . TYR A 1 51  ? -6.241  6.349   -0.205  1.00 55.54  ? 68  TYR A CG  1 
ATOM 405 C CD1 . TYR A 1 51  ? -6.196  7.623   -0.810  1.00 59.63  ? 68  TYR A CD1 1 
ATOM 406 C CD2 . TYR A 1 51  ? -5.612  6.176   1.028   1.00 56.01  ? 68  TYR A CD2 1 
ATOM 407 C CE1 . TYR A 1 51  ? -5.541  8.667   -0.189  1.00 57.21  ? 68  TYR A CE1 1 
ATOM 408 C CE2 . TYR A 1 51  ? -4.963  7.227   1.660   1.00 54.98  ? 68  TYR A CE2 1 
ATOM 409 C CZ  . TYR A 1 51  ? -4.931  8.456   1.048   1.00 59.20  ? 68  TYR A CZ  1 
ATOM 410 O OH  . TYR A 1 51  ? -4.269  9.469   1.657   1.00 65.78  ? 68  TYR A OH  1 
ATOM 411 N N   . THR A 1 52  ? -9.992  4.168   -1.975  1.00 49.65  ? 69  THR A N   1 
ATOM 412 C CA  . THR A 1 52  ? -10.626 3.225   -2.790  1.00 49.62  ? 69  THR A CA  1 
ATOM 413 C C   . THR A 1 52  ? -9.882  3.277   -4.140  1.00 49.93  ? 69  THR A C   1 
ATOM 414 O O   . THR A 1 52  ? -9.857  4.301   -4.835  1.00 55.93  ? 69  THR A O   1 
ATOM 415 C CB  . THR A 1 52  ? -12.139 3.509   -2.909  1.00 54.72  ? 69  THR A CB  1 
ATOM 416 O OG1 . THR A 1 52  ? -12.347 4.628   -3.763  1.00 85.12  ? 69  THR A OG1 1 
ATOM 417 C CG2 . THR A 1 52  ? -12.758 3.843   -1.569  1.00 54.68  ? 69  THR A CG2 1 
ATOM 418 N N   . LEU A 1 53  ? -9.276  2.152   -4.495  1.00 44.60  ? 70  LEU A N   1 
ATOM 419 C CA  . LEU A 1 53  ? -8.606  1.954   -5.761  1.00 53.40  ? 70  LEU A CA  1 
ATOM 420 C C   . LEU A 1 53  ? -9.365  0.801   -6.492  1.00 57.59  ? 70  LEU A C   1 
ATOM 421 O O   . LEU A 1 53  ? -9.706  -0.203  -5.874  1.00 54.40  ? 70  LEU A O   1 
ATOM 422 C CB  . LEU A 1 53  ? -7.114  1.653   -5.516  1.00 57.22  ? 70  LEU A CB  1 
ATOM 423 C CG  . LEU A 1 53  ? -6.148  2.819   -5.063  1.00 61.59  ? 70  LEU A CG  1 
ATOM 424 C CD1 . LEU A 1 53  ? -6.657  3.759   -3.981  1.00 66.12  ? 70  LEU A CD1 1 
ATOM 425 C CD2 . LEU A 1 53  ? -4.770  2.314   -4.610  1.00 63.09  ? 70  LEU A CD2 1 
ATOM 426 N N   . THR A 1 54  ? -9.656  0.987   -7.787  1.00 63.33  ? 71  THR A N   1 
ATOM 427 C CA  . THR A 1 54  ? -10.471 0.056   -8.623  1.00 61.62  ? 71  THR A CA  1 
ATOM 428 C C   . THR A 1 54  ? -9.813  -0.136  -9.989  1.00 58.07  ? 71  THR A C   1 
ATOM 429 O O   . THR A 1 54  ? -9.189  0.796   -10.523 1.00 54.51  ? 71  THR A O   1 
ATOM 430 C CB  . THR A 1 54  ? -11.915 0.583   -8.858  1.00 65.81  ? 71  THR A CB  1 
ATOM 431 O OG1 . THR A 1 54  ? -11.887 1.804   -9.626  1.00 69.60  ? 71  THR A OG1 1 
ATOM 432 C CG2 . THR A 1 54  ? -12.639 0.852   -7.514  1.00 70.06  ? 71  THR A CG2 1 
ATOM 433 N N   . THR A 1 55  ? -9.953  -1.333  -10.554 1.00 70.02  ? 72  THR A N   1 
ATOM 434 C CA  . THR A 1 55  ? -9.299  -1.693  -11.829 1.00 71.76  ? 72  THR A CA  1 
ATOM 435 C C   . THR A 1 55  ? -9.677  -0.748  -12.990 1.00 63.50  ? 72  THR A C   1 
ATOM 436 O O   . THR A 1 55  ? -8.797  -0.289  -13.709 1.00 72.15  ? 72  THR A O   1 
ATOM 437 C CB  . THR A 1 55  ? -9.513  -3.190  -12.179 1.00 77.31  ? 72  THR A CB  1 
ATOM 438 O OG1 . THR A 1 55  ? -8.879  -4.002  -11.180 1.00 74.61  ? 72  THR A OG1 1 
ATOM 439 C CG2 . THR A 1 55  ? -8.898  -3.552  -13.546 1.00 84.77  ? 72  THR A CG2 1 
ATOM 440 N N   . ASP A 1 56  ? -10.953 -0.417  -13.118 1.00 66.10  ? 73  ASP A N   1 
ATOM 441 C CA  . ASP A 1 56  ? -11.432 0.586   -14.112 1.00 80.92  ? 73  ASP A CA  1 
ATOM 442 C C   . ASP A 1 56  ? -11.097 2.073   -13.799 1.00 82.85  ? 73  ASP A C   1 
ATOM 443 O O   . ASP A 1 56  ? -11.086 2.911   -14.706 1.00 87.84  ? 73  ASP A O   1 
ATOM 444 C CB  . ASP A 1 56  ? -12.947 0.454   -14.292 1.00 80.88  ? 73  ASP A CB  1 
ATOM 445 C CG  . ASP A 1 56  ? -13.704 0.697   -13.005 1.00 88.26  ? 73  ASP A CG  1 
ATOM 446 O OD1 . ASP A 1 56  ? -13.250 1.541   -12.197 1.00 75.94  ? 73  ASP A OD1 1 
ATOM 447 O OD2 . ASP A 1 56  ? -14.744 0.025   -12.795 1.00 100.81 ? 73  ASP A OD2 1 
ATOM 448 N N   . ASP A 1 57  ? -10.928 2.383   -12.508 1.00 79.27  ? 74  ASP A N   1 
ATOM 449 C CA  . ASP A 1 57  ? -10.266 3.597   -12.010 1.00 69.97  ? 74  ASP A CA  1 
ATOM 450 C C   . ASP A 1 57  ? -11.056 4.922   -12.116 1.00 70.82  ? 74  ASP A C   1 
ATOM 451 O O   . ASP A 1 57  ? -10.491 5.977   -12.405 1.00 61.33  ? 74  ASP A O   1 
ATOM 452 C CB  . ASP A 1 57  ? -8.884  3.727   -12.654 1.00 76.01  ? 74  ASP A CB  1 
ATOM 453 C CG  . ASP A 1 57  ? -8.047  4.821   -12.022 1.00 77.82  ? 74  ASP A CG  1 
ATOM 454 O OD1 . ASP A 1 57  ? -7.982  4.872   -10.766 1.00 61.08  ? 74  ASP A OD1 1 
ATOM 455 O OD2 . ASP A 1 57  ? -7.490  5.649   -12.800 1.00 85.15  ? 74  ASP A OD2 1 
ATOM 456 N N   . LEU A 1 58  ? -12.355 4.874   -11.830 1.00 79.54  ? 75  LEU A N   1 
ATOM 457 C CA  . LEU A 1 58  ? -13.217 6.063   -11.959 1.00 76.73  ? 75  LEU A CA  1 
ATOM 458 C C   . LEU A 1 58  ? -12.819 7.279   -11.146 1.00 69.46  ? 75  LEU A C   1 
ATOM 459 O O   . LEU A 1 58  ? -12.907 8.417   -11.642 1.00 71.82  ? 75  LEU A O   1 
ATOM 460 C CB  . LEU A 1 58  ? -14.678 5.735   -11.656 1.00 89.42  ? 75  LEU A CB  1 
ATOM 461 C CG  . LEU A 1 58  ? -15.489 5.480   -12.923 1.00 94.31  ? 75  LEU A CG  1 
ATOM 462 C CD1 . LEU A 1 58  ? -14.902 4.314   -13.718 1.00 101.75 ? 75  LEU A CD1 1 
ATOM 463 C CD2 . LEU A 1 58  ? -16.946 5.248   -12.538 1.00 94.19  ? 75  LEU A CD2 1 
ATOM 464 N N   . ASN A 1 59  ? -12.387 7.051   -9.908  1.00 56.89  ? 76  ASN A N   1 
ATOM 465 C CA  . ASN A 1 59  ? -11.945 8.131   -9.038  1.00 46.84  ? 76  ASN A CA  1 
ATOM 466 C C   . ASN A 1 59  ? -10.516 8.660   -9.329  1.00 53.14  ? 76  ASN A C   1 
ATOM 467 O O   . ASN A 1 59  ? -10.053 9.613   -8.666  1.00 42.07  ? 76  ASN A O   1 
ATOM 468 C CB  . ASN A 1 59  ? -12.121 7.747   -7.574  1.00 54.54  ? 76  ASN A CB  1 
ATOM 469 C CG  . ASN A 1 59  ? -11.108 6.694   -7.064  1.00 59.26  ? 76  ASN A CG  1 
ATOM 470 O OD1 . ASN A 1 59  ? -10.200 6.196   -7.776  1.00 49.92  ? 76  ASN A OD1 1 
ATOM 471 N ND2 . ASN A 1 59  ? -11.299 6.325   -5.799  1.00 59.71  ? 76  ASN A ND2 1 
ATOM 472 N N   . GLU A 1 60  ? -9.843  8.039   -10.314 1.00 54.10  ? 77  GLU A N   1 
ATOM 473 C CA  . GLU A 1 60  ? -8.501  8.416   -10.828 1.00 60.89  ? 77  GLU A CA  1 
ATOM 474 C C   . GLU A 1 60  ? -7.365  8.259   -9.820  1.00 56.91  ? 77  GLU A C   1 
ATOM 475 O O   . GLU A 1 60  ? -6.311  8.904   -9.975  1.00 58.05  ? 77  GLU A O   1 
ATOM 476 C CB  . GLU A 1 60  ? -8.482  9.811   -11.482 1.00 65.60  ? 77  GLU A CB  1 
ATOM 477 C CG  . GLU A 1 60  ? -8.916  9.819   -12.949 1.00 73.79  ? 77  GLU A CG  1 
ATOM 478 C CD  . GLU A 1 60  ? -9.170  11.218  -13.524 1.00 79.83  ? 77  GLU A CD  1 
ATOM 479 O OE1 . GLU A 1 60  ? -9.412  12.179  -12.745 1.00 87.91  ? 77  GLU A OE1 1 
ATOM 480 O OE2 . GLU A 1 60  ? -9.133  11.362  -14.775 1.00 86.10  ? 77  GLU A OE2 1 
ATOM 481 N N   . ASN A 1 61  ? -7.555  7.374   -8.833  1.00 47.66  ? 78  ASN A N   1 
ATOM 482 C CA  . ASN A 1 61  ? -6.563  7.169   -7.759  1.00 53.03  ? 78  ASN A CA  1 
ATOM 483 C C   . ASN A 1 61  ? -5.264  6.419   -8.218  1.00 44.09  ? 78  ASN A C   1 
ATOM 484 O O   . ASN A 1 61  ? -4.261  6.467   -7.562  1.00 51.12  ? 78  ASN A O   1 
ATOM 485 C CB  . ASN A 1 61  ? -7.206  6.492   -6.550  1.00 50.73  ? 78  ASN A CB  1 
ATOM 486 C CG  . ASN A 1 61  ? -7.734  7.484   -5.537  1.00 54.48  ? 78  ASN A CG  1 
ATOM 487 O OD1 . ASN A 1 61  ? -7.409  8.668   -5.575  1.00 54.23  ? 78  ASN A OD1 1 
ATOM 488 N ND2 . ASN A 1 61  ? -8.537  6.991   -4.595  1.00 52.34  ? 78  ASN A ND2 1 
ATOM 489 N N   . MET A 1 62  ? -5.326  5.793   -9.384  1.00 47.45  ? 79  MET A N   1 
ATOM 490 C CA  . MET A 1 62  ? -4.198  5.221   -10.041 1.00 50.83  ? 79  MET A CA  1 
ATOM 491 C C   . MET A 1 62  ? -3.357  6.269   -10.729 1.00 52.10  ? 79  MET A C   1 
ATOM 492 O O   . MET A 1 62  ? -2.339  5.928   -11.226 1.00 55.96  ? 79  MET A O   1 
ATOM 493 C CB  . MET A 1 62  ? -4.648  4.200   -11.071 1.00 57.57  ? 79  MET A CB  1 
ATOM 494 C CG  . MET A 1 62  ? -5.424  2.991   -10.525 1.00 58.10  ? 79  MET A CG  1 
ATOM 495 S SD  . MET A 1 62  ? -4.505  1.910   -9.384  1.00 47.57  ? 79  MET A SD  1 
ATOM 496 C CE  . MET A 1 62  ? -5.030  2.686   -7.885  1.00 69.40  ? 79  MET A CE  1 
ATOM 497 N N   . MET A 1 63  ? -3.755  7.537   -10.713 1.00 58.92  ? 80  MET A N   1 
ATOM 498 C CA  . MET A 1 63  ? -3.047  8.609   -11.385 1.00 57.14  ? 80  MET A CA  1 
ATOM 499 C C   . MET A 1 63  ? -2.320  9.466   -10.327 1.00 57.94  ? 80  MET A C   1 
ATOM 500 O O   . MET A 1 63  ? -2.884  10.411  -9.770  1.00 49.12  ? 80  MET A O   1 
ATOM 501 C CB  . MET A 1 63  ? -4.033  9.468   -12.173 1.00 60.82  ? 80  MET A CB  1 
ATOM 502 C CG  . MET A 1 63  ? -5.022  8.675   -13.006 1.00 68.14  ? 80  MET A CG  1 
ATOM 503 S SD  . MET A 1 63  ? -4.320  8.070   -14.539 1.00 71.53  ? 80  MET A SD  1 
ATOM 504 C CE  . MET A 1 63  ? -5.199  9.246   -15.604 1.00 88.11  ? 80  MET A CE  1 
ATOM 505 N N   . LEU A 1 64  ? -1.041  9.149   -10.103 1.00 48.91  ? 81  LEU A N   1 
ATOM 506 C CA  . LEU A 1 64  ? -0.335  9.623   -8.937  1.00 45.93  ? 81  LEU A CA  1 
ATOM 507 C C   . LEU A 1 64  ? -0.184  11.116  -8.960  1.00 45.23  ? 81  LEU A C   1 
ATOM 508 O O   . LEU A 1 64  ? -0.312  11.771  -7.947  1.00 54.51  ? 81  LEU A O   1 
ATOM 509 C CB  . LEU A 1 64  ? 1.004   8.913   -8.845  1.00 49.33  ? 81  LEU A CB  1 
ATOM 510 C CG  . LEU A 1 64  ? 0.904   7.394   -8.638  1.00 45.33  ? 81  LEU A CG  1 
ATOM 511 C CD1 . LEU A 1 64  ? 2.291   6.801   -8.593  1.00 48.97  ? 81  LEU A CD1 1 
ATOM 512 C CD2 . LEU A 1 64  ? 0.154   7.092   -7.353  1.00 52.50  ? 81  LEU A CD2 1 
ATOM 513 N N   . ILE A 1 65  ? 0.011   11.646  -10.153 1.00 52.00  ? 82  ILE A N   1 
ATOM 514 C CA  . ILE A 1 65  ? 0.141   13.056  -10.397 1.00 50.62  ? 82  ILE A CA  1 
ATOM 515 C C   . ILE A 1 65  ? -1.223  13.743  -10.630 1.00 47.55  ? 82  ILE A C   1 
ATOM 516 O O   . ILE A 1 65  ? -1.426  14.829  -10.108 1.00 49.47  ? 82  ILE A O   1 
ATOM 517 C CB  . ILE A 1 65  ? 1.162   13.299  -11.544 1.00 50.89  ? 82  ILE A CB  1 
ATOM 518 C CG1 . ILE A 1 65  ? 2.536   12.680  -11.195 1.00 54.91  ? 82  ILE A CG1 1 
ATOM 519 C CG2 . ILE A 1 65  ? 1.281   14.774  -11.872 1.00 55.15  ? 82  ILE A CG2 1 
ATOM 520 C CD1 . ILE A 1 65  ? 3.081   12.957  -9.793  1.00 54.18  ? 82  ILE A CD1 1 
ATOM 521 N N   . THR A 1 66  ? -2.171  13.120  -11.324 1.00 54.06  ? 83  THR A N   1 
ATOM 522 C CA  . THR A 1 66  ? -3.500  13.755  -11.524 1.00 55.65  ? 83  THR A CA  1 
ATOM 523 C C   . THR A 1 66  ? -4.090  14.151  -10.171 1.00 53.83  ? 83  THR A C   1 
ATOM 524 O O   . THR A 1 66  ? -4.564  15.256  -10.023 1.00 55.84  ? 83  THR A O   1 
ATOM 525 C CB  . THR A 1 66  ? -4.527  12.841  -12.233 1.00 62.63  ? 83  THR A CB  1 
ATOM 526 O OG1 . THR A 1 66  ? -4.064  12.503  -13.553 1.00 68.61  ? 83  THR A OG1 1 
ATOM 527 C CG2 . THR A 1 66  ? -5.911  13.533  -12.344 1.00 66.53  ? 83  THR A CG2 1 
ATOM 528 N N   . ASN A 1 67  ? -3.986  13.249  -9.187  1.00 52.25  ? 84  ASN A N   1 
ATOM 529 C CA  . ASN A 1 67  ? -4.555  13.410  -7.860  1.00 49.21  ? 84  ASN A CA  1 
ATOM 530 C C   . ASN A 1 67  ? -3.546  13.768  -6.794  1.00 39.45  ? 84  ASN A C   1 
ATOM 531 O O   . ASN A 1 67  ? -3.808  13.521  -5.672  1.00 44.62  ? 84  ASN A O   1 
ATOM 532 C CB  . ASN A 1 67  ? -5.307  12.125  -7.437  1.00 53.68  ? 84  ASN A CB  1 
ATOM 533 C CG  . ASN A 1 67  ? -6.594  11.928  -8.173  1.00 62.10  ? 84  ASN A CG  1 
ATOM 534 O OD1 . ASN A 1 67  ? -7.170  12.856  -8.734  1.00 78.31  ? 84  ASN A OD1 1 
ATOM 535 N ND2 . ASN A 1 67  ? -7.083  10.712  -8.141  1.00 74.91  ? 84  ASN A ND2 1 
ATOM 536 N N   . TYR A 1 68  ? -2.455  14.454  -7.109  1.00 49.85  ? 85  TYR A N   1 
ATOM 537 C CA  . TYR A 1 68  ? -1.416  14.863  -6.096  1.00 46.83  ? 85  TYR A CA  1 
ATOM 538 C C   . TYR A 1 68  ? -1.980  15.462  -4.803  1.00 49.56  ? 85  TYR A C   1 
ATOM 539 O O   . TYR A 1 68  ? -1.460  15.242  -3.694  1.00 45.87  ? 85  TYR A O   1 
ATOM 540 C CB  . TYR A 1 68  ? -0.443  15.846  -6.748  1.00 50.07  ? 85  TYR A CB  1 
ATOM 541 C CG  . TYR A 1 68  ? 0.938   15.966  -6.105  1.00 43.79  ? 85  TYR A CG  1 
ATOM 542 C CD1 . TYR A 1 68  ? 2.042   15.301  -6.598  1.00 51.65  ? 85  TYR A CD1 1 
ATOM 543 C CD2 . TYR A 1 68  ? 1.118   16.802  -5.052  1.00 50.77  ? 85  TYR A CD2 1 
ATOM 544 C CE1 . TYR A 1 68  ? 3.295   15.438  -5.982  1.00 59.25  ? 85  TYR A CE1 1 
ATOM 545 C CE2 . TYR A 1 68  ? 2.320   16.946  -4.426  1.00 55.06  ? 85  TYR A CE2 1 
ATOM 546 C CZ  . TYR A 1 68  ? 3.409   16.271  -4.884  1.00 52.17  ? 85  TYR A CZ  1 
ATOM 547 O OH  . TYR A 1 68  ? 4.558   16.510  -4.193  1.00 64.11  ? 85  TYR A OH  1 
ATOM 548 N N   . LYS A 1 69  ? -3.059  16.221  -4.937  1.00 62.39  ? 86  LYS A N   1 
ATOM 549 C CA  . LYS A 1 69  ? -3.600  16.953  -3.813  1.00 62.79  ? 86  LYS A CA  1 
ATOM 550 C C   . LYS A 1 69  ? -4.131  16.012  -2.746  1.00 70.08  ? 86  LYS A C   1 
ATOM 551 O O   . LYS A 1 69  ? -4.057  16.359  -1.557  1.00 76.02  ? 86  LYS A O   1 
ATOM 552 C CB  . LYS A 1 69  ? -4.701  17.922  -4.271  1.00 70.72  ? 86  LYS A CB  1 
ATOM 553 C CG  . LYS A 1 69  ? -5.170  18.924  -3.210  1.00 81.73  ? 86  LYS A CG  1 
ATOM 554 C CD  . LYS A 1 69  ? -4.100  19.943  -2.802  1.00 86.55  ? 86  LYS A CD  1 
ATOM 555 C CE  . LYS A 1 69  ? -4.615  20.937  -1.758  1.00 94.90  ? 86  LYS A CE  1 
ATOM 556 N NZ  . LYS A 1 69  ? -3.828  22.209  -1.707  1.00 98.44  ? 86  LYS A NZ  1 
ATOM 557 N N   . ASN A 1 70  ? -4.641  14.839  -3.156  1.00 68.05  ? 87  ASN A N   1 
ATOM 558 C CA  . ASN A 1 70  ? -5.476  13.958  -2.297  1.00 67.14  ? 87  ASN A CA  1 
ATOM 559 C C   . ASN A 1 70  ? -4.852  12.621  -1.911  1.00 69.51  ? 87  ASN A C   1 
ATOM 560 O O   . ASN A 1 70  ? -5.416  11.921  -1.066  1.00 71.24  ? 87  ASN A O   1 
ATOM 561 C CB  . ASN A 1 70  ? -6.783  13.609  -3.023  1.00 76.02  ? 87  ASN A CB  1 
ATOM 562 C CG  . ASN A 1 70  ? -7.560  14.833  -3.473  1.00 90.39  ? 87  ASN A CG  1 
ATOM 563 O OD1 . ASN A 1 70  ? -7.930  14.953  -4.652  1.00 92.57  ? 87  ASN A OD1 1 
ATOM 564 N ND2 . ASN A 1 70  ? -7.809  15.752  -2.542  1.00 91.77  ? 87  ASN A ND2 1 
ATOM 565 N N   . ASN A 1 71  ? -3.717  12.263  -2.531  1.00 64.06  ? 88  ASN A N   1 
ATOM 566 C CA  . ASN A 1 71  ? -3.213  10.883  -2.562  1.00 50.04  ? 88  ASN A CA  1 
ATOM 567 C C   . ASN A 1 71  ? -1.843  10.708  -1.891  1.00 52.98  ? 88  ASN A C   1 
ATOM 568 O O   . ASN A 1 71  ? -1.085  9.789   -2.210  1.00 49.39  ? 88  ASN A O   1 
ATOM 569 C CB  . ASN A 1 71  ? -3.158  10.377  -4.011  1.00 48.44  ? 88  ASN A CB  1 
ATOM 570 C CG  . ASN A 1 71  ? -2.114  11.091  -4.890  1.00 47.93  ? 88  ASN A CG  1 
ATOM 571 O OD1 . ASN A 1 71  ? -1.327  11.977  -4.439  1.00 46.07  ? 88  ASN A OD1 1 
ATOM 572 N ND2 . ASN A 1 71  ? -2.129  10.729  -6.187  1.00 48.87  ? 88  ASN A ND2 1 
ATOM 573 N N   . TYR A 1 72  ? -1.544  11.563  -0.940  1.00 48.92  ? 89  TYR A N   1 
ATOM 574 C CA  . TYR A 1 72  ? -0.254  11.564  -0.299  1.00 49.68  ? 89  TYR A CA  1 
ATOM 575 C C   . TYR A 1 72  ? 0.249   10.168  0.174   1.00 43.66  ? 89  TYR A C   1 
ATOM 576 O O   . TYR A 1 72  ? 1.411   9.832   0.030   1.00 35.50  ? 89  TYR A O   1 
ATOM 577 C CB  . TYR A 1 72  ? -0.315  12.539  0.862   1.00 56.41  ? 89  TYR A CB  1 
ATOM 578 C CG  . TYR A 1 72  ? 0.820   12.419  1.820   1.00 61.23  ? 89  TYR A CG  1 
ATOM 579 C CD1 . TYR A 1 72  ? 2.088   12.817  1.452   1.00 64.02  ? 89  TYR A CD1 1 
ATOM 580 C CD2 . TYR A 1 72  ? 0.619   11.886  3.102   1.00 65.36  ? 89  TYR A CD2 1 
ATOM 581 C CE1 . TYR A 1 72  ? 3.147   12.711  2.335   1.00 76.63  ? 89  TYR A CE1 1 
ATOM 582 C CE2 . TYR A 1 72  ? 1.662   11.784  3.990   1.00 77.45  ? 89  TYR A CE2 1 
ATOM 583 C CZ  . TYR A 1 72  ? 2.932   12.193  3.596   1.00 76.23  ? 89  TYR A CZ  1 
ATOM 584 O OH  . TYR A 1 72  ? 3.992   12.101  4.459   1.00 85.38  ? 89  TYR A OH  1 
ATOM 585 N N   . HIS A 1 73  ? -0.627  9.387   0.755   1.00 43.14  ? 90  HIS A N   1 
ATOM 586 C CA  . HIS A 1 73  ? -0.247  8.063   1.267   1.00 46.44  ? 90  HIS A CA  1 
ATOM 587 C C   . HIS A 1 73  ? 0.061   7.093   0.120   1.00 44.81  ? 90  HIS A C   1 
ATOM 588 O O   . HIS A 1 73  ? 0.861   6.192   0.313   1.00 44.57  ? 90  HIS A O   1 
ATOM 589 C CB  . HIS A 1 73  ? -1.314  7.514   2.215   1.00 45.62  ? 90  HIS A CB  1 
ATOM 590 C CG  . HIS A 1 73  ? -1.453  8.303   3.494   1.00 48.02  ? 90  HIS A CG  1 
ATOM 591 N ND1 . HIS A 1 73  ? -0.467  8.357   4.454   1.00 46.98  ? 90  HIS A ND1 1 
ATOM 592 C CD2 . HIS A 1 73  ? -2.468  9.048   3.977   1.00 48.58  ? 90  HIS A CD2 1 
ATOM 593 C CE1 . HIS A 1 73  ? -0.865  9.104   5.465   1.00 42.41  ? 90  HIS A CE1 1 
ATOM 594 N NE2 . HIS A 1 73  ? -2.071  9.532   5.202   1.00 45.88  ? 90  HIS A NE2 1 
ATOM 595 N N   . LEU A 1 74  ? -0.478  7.337   -1.076  1.00 41.06  ? 91  LEU A N   1 
ATOM 596 C CA  . LEU A 1 74  ? -0.261  6.412   -2.184  1.00 43.59  ? 91  LEU A CA  1 
ATOM 597 C C   . LEU A 1 74  ? 1.043   6.683   -2.838  1.00 38.02  ? 91  LEU A C   1 
ATOM 598 O O   . LEU A 1 74  ? 1.708   5.770   -3.265  1.00 34.57  ? 91  LEU A O   1 
ATOM 599 C CB  . LEU A 1 74  ? -1.366  6.433   -3.235  1.00 40.60  ? 91  LEU A CB  1 
ATOM 600 C CG  . LEU A 1 74  ? -2.758  6.210   -2.664  1.00 46.13  ? 91  LEU A CG  1 
ATOM 601 C CD1 . LEU A 1 74  ? -3.762  6.473   -3.775  1.00 58.37  ? 91  LEU A CD1 1 
ATOM 602 C CD2 . LEU A 1 74  ? -2.892  4.821   -2.141  1.00 49.02  ? 91  LEU A CD2 1 
ATOM 603 N N   . ARG A 1 75  ? 1.382   7.948   -2.955  1.00 40.99  ? 92  ARG A N   1 
ATOM 604 C CA  . ARG A 1 75  ? 2.637   8.335   -3.510  1.00 43.74  ? 92  ARG A CA  1 
ATOM 605 C C   . ARG A 1 75  ? 3.786   7.827   -2.595  1.00 41.73  ? 92  ARG A C   1 
ATOM 606 O O   . ARG A 1 75  ? 4.736   7.270   -3.113  1.00 38.39  ? 92  ARG A O   1 
ATOM 607 C CB  . ARG A 1 75  ? 2.710   9.859   -3.736  1.00 45.59  ? 92  ARG A CB  1 
ATOM 608 C CG  . ARG A 1 75  ? 1.707   10.370  -4.747  1.00 44.86  ? 92  ARG A CG  1 
ATOM 609 C CD  . ARG A 1 75  ? 1.936   11.854  -5.042  1.00 43.53  ? 92  ARG A CD  1 
ATOM 610 N NE  . ARG A 1 75  ? 1.258   12.720  -4.057  1.00 42.89  ? 92  ARG A NE  1 
ATOM 611 C CZ  . ARG A 1 75  ? 1.822   13.441  -3.089  1.00 41.38  ? 92  ARG A CZ  1 
ATOM 612 N NH1 . ARG A 1 75  ? 3.121   13.417  -2.836  1.00 46.82  ? 92  ARG A NH1 1 
ATOM 613 N NH2 . ARG A 1 75  ? 1.041   14.181  -2.295  1.00 47.70  ? 92  ARG A NH2 1 
ATOM 614 N N   . LYS A 1 76  ? 3.658   7.934   -1.267  1.00 39.99  ? 93  LYS A N   1 
ATOM 615 C CA  . LYS A 1 76  ? 4.638   7.319   -0.358  1.00 43.83  ? 93  LYS A CA  1 
ATOM 616 C C   . LYS A 1 76  ? 4.793   5.823   -0.462  1.00 42.26  ? 93  LYS A C   1 
ATOM 617 O O   . LYS A 1 76  ? 5.897   5.309   -0.349  1.00 49.63  ? 93  LYS A O   1 
ATOM 618 C CB  . LYS A 1 76  ? 4.344   7.714   1.085   1.00 56.84  ? 93  LYS A CB  1 
ATOM 619 C CG  . LYS A 1 76  ? 4.528   9.213   1.372   1.00 69.34  ? 93  LYS A CG  1 
ATOM 620 C CD  . LYS A 1 76  ? 5.970   9.731   1.280   1.00 78.88  ? 93  LYS A CD  1 
ATOM 621 C CE  . LYS A 1 76  ? 6.005   11.255  1.466   1.00 94.69  ? 93  LYS A CE  1 
ATOM 622 N NZ  . LYS A 1 76  ? 7.330   11.927  1.254   1.00 102.17 ? 93  LYS A NZ  1 
ATOM 623 N N   . LEU A 1 77  ? 3.673   5.127   -0.574  1.00 43.23  ? 94  LEU A N   1 
ATOM 624 C CA  . LEU A 1 77  ? 3.639   3.711   -0.840  1.00 42.83  ? 94  LEU A CA  1 
ATOM 625 C C   . LEU A 1 77  ? 4.478   3.369   -2.091  1.00 39.49  ? 94  LEU A C   1 
ATOM 626 O O   . LEU A 1 77  ? 5.338   2.472   -2.080  1.00 32.86  ? 94  LEU A O   1 
ATOM 627 C CB  . LEU A 1 77  ? 2.194   3.242   -1.090  1.00 46.09  ? 94  LEU A CB  1 
ATOM 628 C CG  . LEU A 1 77  ? 2.082   1.722   -1.318  1.00 48.70  ? 94  LEU A CG  1 
ATOM 629 C CD1 . LEU A 1 77  ? 2.309   1.037   0.003   1.00 51.25  ? 94  LEU A CD1 1 
ATOM 630 C CD2 . LEU A 1 77  ? 0.738   1.295   -1.868  1.00 55.87  ? 94  LEU A CD2 1 
ATOM 631 N N   . ALA A 1 78  ? 4.169   4.063   -3.170  1.00 35.76  ? 95  ALA A N   1 
ATOM 632 C CA  . ALA A 1 78  ? 4.874   3.842   -4.412  1.00 39.98  ? 95  ALA A CA  1 
ATOM 633 C C   . ALA A 1 78  ? 6.366   4.186   -4.267  1.00 36.87  ? 95  ALA A C   1 
ATOM 634 O O   . ALA A 1 78  ? 7.215   3.436   -4.733  1.00 43.45  ? 95  ALA A O   1 
ATOM 635 C CB  . ALA A 1 78  ? 4.241   4.646   -5.528  1.00 46.14  ? 95  ALA A CB  1 
ATOM 636 N N   . SER A 1 79  ? 6.694   5.272   -3.593  1.00 36.16  ? 96  SER A N   1 
ATOM 637 C CA  . SER A 1 79  ? 8.112   5.546   -3.260  1.00 42.56  ? 96  SER A CA  1 
ATOM 638 C C   . SER A 1 79  ? 8.754   4.400   -2.496  1.00 43.46  ? 96  SER A C   1 
ATOM 639 O O   . SER A 1 79  ? 9.761   3.824   -2.966  1.00 42.41  ? 96  SER A O   1 
ATOM 640 C CB  . SER A 1 79  ? 8.294   6.824   -2.489  1.00 44.99  ? 96  SER A CB  1 
ATOM 641 O OG  . SER A 1 79  ? 7.335   7.799   -2.912  1.00 52.38  ? 96  SER A OG  1 
ATOM 642 N N   . ALA A 1 80  ? 8.147   4.007   -1.377  1.00 37.71  ? 97  ALA A N   1 
ATOM 643 C CA  . ALA A 1 80  ? 8.741   2.956   -0.559  1.00 39.57  ? 97  ALA A CA  1 
ATOM 644 C C   . ALA A 1 80  ? 8.993   1.668   -1.374  1.00 43.66  ? 97  ALA A C   1 
ATOM 645 O O   . ALA A 1 80  ? 10.113  1.074   -1.336  1.00 38.32  ? 97  ALA A O   1 
ATOM 646 C CB  . ALA A 1 80  ? 7.872   2.691   0.646   1.00 45.76  ? 97  ALA A CB  1 
ATOM 647 N N   . PHE A 1 81  ? 8.014   1.310   -2.199  1.00 38.68  ? 98  PHE A N   1 
ATOM 648 C CA  . PHE A 1 81  ? 8.163   0.151   -3.060  1.00 44.27  ? 98  PHE A CA  1 
ATOM 649 C C   . PHE A 1 81  ? 9.348   0.254   -4.022  1.00 46.32  ? 98  PHE A C   1 
ATOM 650 O O   . PHE A 1 81  ? 10.072  -0.697  -4.214  1.00 50.56  ? 98  PHE A O   1 
ATOM 651 C CB  . PHE A 1 81  ? 6.898   -0.072  -3.880  1.00 43.91  ? 98  PHE A CB  1 
ATOM 652 C CG  . PHE A 1 81  ? 6.905   -1.341  -4.730  1.00 43.15  ? 98  PHE A CG  1 
ATOM 653 C CD1 . PHE A 1 81  ? 7.406   -2.524  -4.271  1.00 45.49  ? 98  PHE A CD1 1 
ATOM 654 C CD2 . PHE A 1 81  ? 6.346   -1.329  -5.972  1.00 45.54  ? 98  PHE A CD2 1 
ATOM 655 C CE1 . PHE A 1 81  ? 7.396   -3.659  -5.045  1.00 51.63  ? 98  PHE A CE1 1 
ATOM 656 C CE2 . PHE A 1 81  ? 6.301   -2.463  -6.741  1.00 47.46  ? 98  PHE A CE2 1 
ATOM 657 C CZ  . PHE A 1 81  ? 6.819   -3.636  -6.285  1.00 48.21  ? 98  PHE A CZ  1 
ATOM 658 N N   . MET A 1 82  ? 9.527   1.419   -4.601  1.00 47.76  ? 99  MET A N   1 
ATOM 659 C CA  . MET A 1 82  ? 10.613  1.670   -5.552  1.00 46.98  ? 99  MET A CA  1 
ATOM 660 C C   . MET A 1 82  ? 11.945  1.855   -4.891  1.00 41.13  ? 99  MET A C   1 
ATOM 661 O O   . MET A 1 82  ? 12.907  1.544   -5.494  1.00 49.54  ? 99  MET A O   1 
ATOM 662 C CB  . MET A 1 82  ? 10.370  2.958   -6.309  1.00 52.89  ? 99  MET A CB  1 
ATOM 663 C CG  . MET A 1 82  ? 9.685   2.833   -7.644  1.00 56.57  ? 99  MET A CG  1 
ATOM 664 S SD  . MET A 1 82  ? 9.604   4.513   -8.342  1.00 45.32  ? 99  MET A SD  1 
ATOM 665 C CE  . MET A 1 82  ? 7.876   4.417   -8.685  1.00 47.48  ? 99  MET A CE  1 
ATOM 666 N N   . ASN A 1 83  ? 12.004  2.453   -3.709  1.00 44.38  ? 100 ASN A N   1 
ATOM 667 C CA  . ASN A 1 83  ? 13.231  2.595   -2.958  1.00 49.72  ? 100 ASN A CA  1 
ATOM 668 C C   . ASN A 1 83  ? 13.616  1.343   -2.080  1.00 55.40  ? 100 ASN A C   1 
ATOM 669 O O   . ASN A 1 83  ? 14.579  1.375   -1.300  1.00 64.81  ? 100 ASN A O   1 
ATOM 670 C CB  . ASN A 1 83  ? 13.148  3.865   -2.109  1.00 61.56  ? 100 ASN A CB  1 
ATOM 671 C CG  . ASN A 1 83  ? 13.025  5.146   -2.947  1.00 71.73  ? 100 ASN A CG  1 
ATOM 672 O OD1 . ASN A 1 83  ? 12.402  6.147   -2.527  1.00 73.65  ? 100 ASN A OD1 1 
ATOM 673 N ND2 . ASN A 1 83  ? 13.639  5.132   -4.126  1.00 75.80  ? 100 ASN A ND2 1 
ATOM 674 N N   . GLY A 1 84  ? 12.848  0.263   -2.190  1.00 47.45  ? 101 GLY A N   1 
ATOM 675 C CA  . GLY A 1 84  ? 13.178  -0.965  -1.579  1.00 42.03  ? 101 GLY A CA  1 
ATOM 676 C C   . GLY A 1 84  ? 12.748  -1.147  -0.151  1.00 36.90  ? 101 GLY A C   1 
ATOM 677 O O   . GLY A 1 84  ? 13.236  -2.027  0.480   1.00 39.36  ? 101 GLY A O   1 
ATOM 678 N N   . TYR A 1 85  ? 11.822  -0.347  0.324   1.00 44.16  ? 102 TYR A N   1 
ATOM 679 C CA  . TYR A 1 85  ? 11.465  -0.222  1.718   1.00 43.39  ? 102 TYR A CA  1 
ATOM 680 C C   . TYR A 1 85  ? 10.114  -0.802  2.037   1.00 45.18  ? 102 TYR A C   1 
ATOM 681 O O   . TYR A 1 85  ? 9.661   -0.700  3.201   1.00 41.94  ? 102 TYR A O   1 
ATOM 682 C CB  . TYR A 1 85  ? 11.513  1.251   2.114   1.00 45.84  ? 102 TYR A CB  1 
ATOM 683 C CG  . TYR A 1 85  ? 12.859  1.856   1.937   1.00 52.90  ? 102 TYR A CG  1 
ATOM 684 C CD1 . TYR A 1 85  ? 13.985  1.285   2.552   1.00 60.01  ? 102 TYR A CD1 1 
ATOM 685 C CD2 . TYR A 1 85  ? 13.044  2.993   1.152   1.00 66.07  ? 102 TYR A CD2 1 
ATOM 686 C CE1 . TYR A 1 85  ? 15.244  1.817   2.388   1.00 65.46  ? 102 TYR A CE1 1 
ATOM 687 C CE2 . TYR A 1 85  ? 14.313  3.540   0.982   1.00 74.34  ? 102 TYR A CE2 1 
ATOM 688 C CZ  . TYR A 1 85  ? 15.406  2.947   1.600   1.00 77.39  ? 102 TYR A CZ  1 
ATOM 689 O OH  . TYR A 1 85  ? 16.661  3.488   1.429   1.00 93.80  ? 102 TYR A OH  1 
ATOM 690 N N   . LEU A 1 86  ? 9.458   -1.411  1.035   1.00 44.82  ? 103 LEU A N   1 
ATOM 691 C CA  . LEU A 1 86  ? 8.152   -2.085  1.237   1.00 38.78  ? 103 LEU A CA  1 
ATOM 692 C C   . LEU A 1 86  ? 8.286   -3.541  1.541   1.00 36.76  ? 103 LEU A C   1 
ATOM 693 O O   . LEU A 1 86  ? 8.981   -4.267  0.886   1.00 40.86  ? 103 LEU A O   1 
ATOM 694 C CB  . LEU A 1 86  ? 7.214   -1.910  0.055   1.00 43.43  ? 103 LEU A CB  1 
ATOM 695 C CG  . LEU A 1 86  ? 5.724   -2.275  0.167   1.00 41.72  ? 103 LEU A CG  1 
ATOM 696 C CD1 . LEU A 1 86  ? 5.059   -1.387  1.205   1.00 45.15  ? 103 LEU A CD1 1 
ATOM 697 C CD2 . LEU A 1 86  ? 5.068   -2.074  -1.174  1.00 41.54  ? 103 LEU A CD2 1 
ATOM 698 N N   . ARG A 1 87  ? 7.571   -3.968  2.558   1.00 39.28  ? 104 ARG A N   1 
ATOM 699 C CA  . ARG A 1 87  ? 7.529   -5.339  2.911   1.00 41.07  ? 104 ARG A CA  1 
ATOM 700 C C   . ARG A 1 87  ? 6.054   -5.843  2.818   1.00 38.67  ? 104 ARG A C   1 
ATOM 701 O O   . ARG A 1 87  ? 5.145   -5.121  3.051   1.00 41.46  ? 104 ARG A O   1 
ATOM 702 C CB  . ARG A 1 87  ? 8.184   -5.467  4.276   1.00 37.36  ? 104 ARG A CB  1 
ATOM 703 N N   . PHE A 1 88  ? 5.864   -7.104  2.474   1.00 42.79  ? 105 PHE A N   1 
ATOM 704 C CA  . PHE A 1 88  ? 4.555   -7.776  2.385   1.00 41.23  ? 105 PHE A CA  1 
ATOM 705 C C   . PHE A 1 88  ? 4.435   -9.018  3.308   1.00 37.45  ? 105 PHE A C   1 
ATOM 706 O O   . PHE A 1 88  ? 5.329   -9.861  3.424   1.00 40.41  ? 105 PHE A O   1 
ATOM 707 C CB  . PHE A 1 88  ? 4.331   -8.236  0.952   1.00 43.98  ? 105 PHE A CB  1 
ATOM 708 C CG  . PHE A 1 88  ? 4.699   -7.222  -0.105  1.00 39.88  ? 105 PHE A CG  1 
ATOM 709 C CD1 . PHE A 1 88  ? 3.827   -6.245  -0.477  1.00 44.42  ? 105 PHE A CD1 1 
ATOM 710 C CD2 . PHE A 1 88  ? 5.877   -7.328  -0.797  1.00 44.00  ? 105 PHE A CD2 1 
ATOM 711 C CE1 . PHE A 1 88  ? 4.150   -5.338  -1.481  1.00 47.30  ? 105 PHE A CE1 1 
ATOM 712 C CE2 . PHE A 1 88  ? 6.226   -6.412  -1.791  1.00 40.55  ? 105 PHE A CE2 1 
ATOM 713 C CZ  . PHE A 1 88  ? 5.363   -5.434  -2.154  1.00 45.02  ? 105 PHE A CZ  1 
ATOM 714 N N   . ASP A 1 89  ? 3.319   -9.134  3.973   1.00 39.19  ? 106 ASP A N   1 
ATOM 715 C CA  . ASP A 1 89  ? 3.076   -10.213 4.945   1.00 40.60  ? 106 ASP A CA  1 
ATOM 716 C C   . ASP A 1 89  ? 3.058   -11.649 4.436   1.00 40.10  ? 106 ASP A C   1 
ATOM 717 O O   . ASP A 1 89  ? 3.284   -12.567 5.228   1.00 44.22  ? 106 ASP A O   1 
ATOM 718 C CB  . ASP A 1 89  ? 1.714   -9.926  5.623   1.00 46.15  ? 106 ASP A CB  1 
ATOM 719 C CG  . ASP A 1 89  ? 1.416   -10.861 6.779   1.00 53.93  ? 106 ASP A CG  1 
ATOM 720 O OD1 . ASP A 1 89  ? 1.725   -10.485 7.910   1.00 57.78  ? 106 ASP A OD1 1 
ATOM 721 O OD2 . ASP A 1 89  ? 0.873   -11.969 6.555   1.00 61.06  ? 106 ASP A OD2 1 
ATOM 722 N N   . ASN A 1 90  ? 2.852   -11.828 3.128   1.00 36.91  ? 107 ASN A N   1 
ATOM 723 C CA  . ASN A 1 90  ? 2.498   -13.066 2.495   1.00 38.87  ? 107 ASN A CA  1 
ATOM 724 C C   . ASN A 1 90  ? 2.803   -12.867 1.105   1.00 36.42  ? 107 ASN A C   1 
ATOM 725 O O   . ASN A 1 90  ? 2.650   -11.807 0.681   1.00 30.23  ? 107 ASN A O   1 
ATOM 726 C CB  . ASN A 1 90  ? 0.902   -13.195 2.327   1.00 45.36  ? 107 ASN A CB  1 
ATOM 727 C CG  . ASN A 1 90  ? 0.288   -13.482 3.554   1.00 50.67  ? 107 ASN A CG  1 
ATOM 728 O OD1 . ASN A 1 90  ? -0.547  -12.766 4.044   1.00 47.64  ? 107 ASN A OD1 1 
ATOM 729 N ND2 . ASN A 1 90  ? 0.823   -14.507 4.174   1.00 66.86  ? 107 ASN A ND2 1 
ATOM 730 N N   . GLN A 1 91  ? 2.831   -13.961 0.369   1.00 39.16  ? 108 GLN A N   1 
ATOM 731 C CA  . GLN A 1 91  ? 3.057   -13.962 -1.041  1.00 50.41  ? 108 GLN A CA  1 
ATOM 732 C C   . GLN A 1 91  ? 1.793   -13.598 -1.835  1.00 49.75  ? 108 GLN A C   1 
ATOM 733 O O   . GLN A 1 91  ? 1.845   -13.093 -2.971  1.00 48.10  ? 108 GLN A O   1 
ATOM 734 C CB  . GLN A 1 91  ? 3.506   -15.380 -1.399  1.00 58.35  ? 108 GLN A CB  1 
ATOM 735 C CG  . GLN A 1 91  ? 4.375   -15.435 -2.613  1.00 69.14  ? 108 GLN A CG  1 
ATOM 736 C CD  . GLN A 1 91  ? 4.589   -16.871 -3.031  1.00 91.04  ? 108 GLN A CD  1 
ATOM 737 O OE1 . GLN A 1 91  ? 4.873   -17.735 -2.186  1.00 86.13  ? 108 GLN A OE1 1 
ATOM 738 N NE2 . GLN A 1 91  ? 4.408   -17.149 -4.326  1.00 93.22  ? 108 GLN A NE2 1 
ATOM 739 N N   . VAL A 1 92  ? 0.653   -13.911 -1.237  1.00 44.52  ? 109 VAL A N   1 
ATOM 740 C CA  . VAL A 1 92  ? -0.639  -13.556 -1.761  1.00 40.24  ? 109 VAL A CA  1 
ATOM 741 C C   . VAL A 1 92  ? -0.844  -12.014 -1.775  1.00 34.65  ? 109 VAL A C   1 
ATOM 742 O O   . VAL A 1 92  ? -1.222  -11.428 -2.787  1.00 39.22  ? 109 VAL A O   1 
ATOM 743 C CB  . VAL A 1 92  ? -1.725  -14.252 -0.892  1.00 45.28  ? 109 VAL A CB  1 
ATOM 744 C CG1 . VAL A 1 92  ? -3.117  -13.725 -1.240  1.00 49.12  ? 109 VAL A CG1 1 
ATOM 745 C CG2 . VAL A 1 92  ? -1.631  -15.755 -1.042  1.00 48.19  ? 109 VAL A CG2 1 
ATOM 746 N N   . ILE A 1 93  ? -0.647  -11.402 -0.633  1.00 32.30  ? 110 ILE A N   1 
ATOM 747 C CA  . ILE A 1 93  ? -0.581  -9.949  -0.475  1.00 40.95  ? 110 ILE A CA  1 
ATOM 748 C C   . ILE A 1 93  ? 0.405   -9.327  -1.407  1.00 40.19  ? 110 ILE A C   1 
ATOM 749 O O   . ILE A 1 93  ? 0.098   -8.350  -2.035  1.00 36.48  ? 110 ILE A O   1 
ATOM 750 C CB  . ILE A 1 93  ? -0.229  -9.538  0.952   1.00 41.85  ? 110 ILE A CB  1 
ATOM 751 C CG1 . ILE A 1 93  ? -1.463  -9.791  1.776   1.00 45.76  ? 110 ILE A CG1 1 
ATOM 752 C CG2 . ILE A 1 93  ? 0.240   -8.056  1.017   1.00 45.38  ? 110 ILE A CG2 1 
ATOM 753 C CD1 . ILE A 1 93  ? -1.213  -9.882  3.235   1.00 62.82  ? 110 ILE A CD1 1 
ATOM 754 N N   . ARG A 1 94  ? 1.586   -9.923  -1.490  1.00 42.72  ? 111 ARG A N   1 
ATOM 755 C CA  . ARG A 1 94  ? 2.563   -9.463  -2.429  1.00 43.97  ? 111 ARG A CA  1 
ATOM 756 C C   . ARG A 1 94  ? 1.991   -9.481  -3.836  1.00 41.97  ? 111 ARG A C   1 
ATOM 757 O O   . ARG A 1 94  ? 2.218   -8.523  -4.604  1.00 34.34  ? 111 ARG A O   1 
ATOM 758 C CB  . ARG A 1 94  ? 3.850   -10.250 -2.332  1.00 45.30  ? 111 ARG A CB  1 
ATOM 759 C CG  . ARG A 1 94  ? 4.796   -9.931  -3.472  1.00 60.35  ? 111 ARG A CG  1 
ATOM 760 C CD  . ARG A 1 94  ? 6.107   -10.703 -3.421  1.00 73.69  ? 111 ARG A CD  1 
ATOM 761 N NE  . ARG A 1 94  ? 6.005   -12.135 -3.730  1.00 80.93  ? 111 ARG A NE  1 
ATOM 762 C CZ  . ARG A 1 94  ? 5.858   -12.660 -4.945  1.00 95.10  ? 111 ARG A CZ  1 
ATOM 763 N NH1 . ARG A 1 94  ? 5.753   -11.879 -6.023  1.00 105.53 ? 111 ARG A NH1 1 
ATOM 764 N NH2 . ARG A 1 94  ? 5.796   -13.991 -5.089  1.00 93.74  ? 111 ARG A NH2 1 
ATOM 765 N N   . ASN A 1 95  ? 1.341   -10.591 -4.226  1.00 42.81  ? 112 ASN A N   1 
ATOM 766 C CA  . ASN A 1 95  ? 0.853   -10.677 -5.639  1.00 41.16  ? 112 ASN A CA  1 
ATOM 767 C C   . ASN A 1 95  ? -0.250  -9.655  -5.871  1.00 37.24  ? 112 ASN A C   1 
ATOM 768 O O   . ASN A 1 95  ? -0.402  -9.179  -6.943  1.00 34.62  ? 112 ASN A O   1 
ATOM 769 C CB  . ASN A 1 95  ? 0.352   -12.074 -6.028  1.00 47.66  ? 112 ASN A CB  1 
ATOM 770 C CG  . ASN A 1 95  ? 1.432   -13.138 -6.007  1.00 52.49  ? 112 ASN A CG  1 
ATOM 771 O OD1 . ASN A 1 95  ? 2.629   -12.839 -6.133  1.00 52.50  ? 112 ASN A OD1 1 
ATOM 772 N ND2 . ASN A 1 95  ? 1.003   -14.420 -5.802  1.00 52.93  ? 112 ASN A ND2 1 
ATOM 773 N N   . ILE A 1 96  ? -0.996  -9.310  -4.825  1.00 39.90  ? 113 ILE A N   1 
ATOM 774 C CA  . ILE A 1 96  ? -2.017  -8.322  -4.913  1.00 42.77  ? 113 ILE A CA  1 
ATOM 775 C C   . ILE A 1 96  ? -1.389  -6.927  -5.021  1.00 42.14  ? 113 ILE A C   1 
ATOM 776 O O   . ILE A 1 96  ? -1.785  -6.114  -5.855  1.00 41.72  ? 113 ILE A O   1 
ATOM 777 C CB  . ILE A 1 96  ? -3.028  -8.461  -3.731  1.00 48.13  ? 113 ILE A CB  1 
ATOM 778 C CG1 . ILE A 1 96  ? -3.795  -9.787  -3.808  1.00 42.35  ? 113 ILE A CG1 1 
ATOM 779 C CG2 . ILE A 1 96  ? -4.087  -7.343  -3.782  1.00 51.57  ? 113 ILE A CG2 1 
ATOM 780 C CD1 . ILE A 1 96  ? -4.268  -10.306 -2.487  1.00 46.58  ? 113 ILE A CD1 1 
ATOM 781 N N   . ALA A 1 97  ? -0.396  -6.650  -4.198  1.00 41.40  ? 114 ALA A N   1 
ATOM 782 C CA  . ALA A 1 97  ? 0.250   -5.370  -4.262  1.00 39.66  ? 114 ALA A CA  1 
ATOM 783 C C   . ALA A 1 97  ? 0.873   -5.174  -5.630  1.00 38.56  ? 114 ALA A C   1 
ATOM 784 O O   . ALA A 1 97  ? 0.716   -4.143  -6.204  1.00 41.46  ? 114 ALA A O   1 
ATOM 785 C CB  . ALA A 1 97  ? 1.266   -5.225  -3.179  1.00 37.94  ? 114 ALA A CB  1 
ATOM 786 N N   . TYR A 1 98  ? 1.472   -6.202  -6.192  1.00 39.87  ? 115 TYR A N   1 
ATOM 787 C CA  . TYR A 1 98  ? 2.096   -6.079  -7.484  1.00 42.64  ? 115 TYR A CA  1 
ATOM 788 C C   . TYR A 1 98  ? 1.156   -5.693  -8.549  1.00 43.54  ? 115 TYR A C   1 
ATOM 789 O O   . TYR A 1 98  ? 1.474   -4.826  -9.336  1.00 59.12  ? 115 TYR A O   1 
ATOM 790 C CB  . TYR A 1 98  ? 2.805   -7.369  -7.903  1.00 48.68  ? 115 TYR A CB  1 
ATOM 791 C CG  . TYR A 1 98  ? 4.287   -7.401  -7.514  1.00 52.22  ? 115 TYR A CG  1 
ATOM 792 C CD1 . TYR A 1 98  ? 5.281   -7.655  -8.467  1.00 65.52  ? 115 TYR A CD1 1 
ATOM 793 C CD2 . TYR A 1 98  ? 4.685   -7.170  -6.230  1.00 53.82  ? 115 TYR A CD2 1 
ATOM 794 C CE1 . TYR A 1 98  ? 6.625   -7.670  -8.121  1.00 61.96  ? 115 TYR A CE1 1 
ATOM 795 C CE2 . TYR A 1 98  ? 6.017   -7.244  -5.861  1.00 65.37  ? 115 TYR A CE2 1 
ATOM 796 C CZ  . TYR A 1 98  ? 6.977   -7.478  -6.817  1.00 65.86  ? 115 TYR A CZ  1 
ATOM 797 O OH  . TYR A 1 98  ? 8.290   -7.510  -6.431  1.00 74.12  ? 115 TYR A OH  1 
ATOM 798 N N   . GLU A 1 99  ? -0.005  -6.331  -8.554  1.00 48.42  ? 116 GLU A N   1 
ATOM 799 C CA  . GLU A 1 99  ? -1.097  -6.116  -9.492  1.00 48.62  ? 116 GLU A CA  1 
ATOM 800 C C   . GLU A 1 99  ? -1.701  -4.707  -9.389  1.00 48.25  ? 116 GLU A C   1 
ATOM 801 O O   . GLU A 1 99  ? -2.090  -4.066  -10.383 1.00 46.90  ? 116 GLU A O   1 
ATOM 802 C CB  . GLU A 1 99  ? -2.179  -7.195  -9.180  1.00 57.94  ? 116 GLU A CB  1 
ATOM 803 C CG  . GLU A 1 99  ? -3.438  -7.197  -10.041 1.00 73.29  ? 116 GLU A CG  1 
ATOM 804 C CD  . GLU A 1 99  ? -4.550  -8.078  -9.455  1.00 90.39  ? 116 GLU A CD  1 
ATOM 805 O OE1 . GLU A 1 99  ? -4.295  -9.252  -9.075  1.00 92.41  ? 116 GLU A OE1 1 
ATOM 806 O OE2 . GLU A 1 99  ? -5.702  -7.595  -9.369  1.00 98.90  ? 116 GLU A OE2 1 
ATOM 807 N N   . LEU A 1 100 ? -1.841  -4.256  -8.159  1.00 45.39  ? 117 LEU A N   1 
ATOM 808 C CA  . LEU A 1 100 ? -2.254  -2.902  -7.874  1.00 46.59  ? 117 LEU A CA  1 
ATOM 809 C C   . LEU A 1 100 ? -1.255  -1.958  -8.531  1.00 46.40  ? 117 LEU A C   1 
ATOM 810 O O   . LEU A 1 100 ? -1.617  -1.018  -9.277  1.00 35.00  ? 117 LEU A O   1 
ATOM 811 C CB  . LEU A 1 100 ? -2.319  -2.749  -6.355  1.00 50.46  ? 117 LEU A CB  1 
ATOM 812 C CG  . LEU A 1 100 ? -2.832  -1.527  -5.643  1.00 61.71  ? 117 LEU A CG  1 
ATOM 813 C CD1 . LEU A 1 100 ? -3.324  -1.937  -4.250  1.00 64.94  ? 117 LEU A CD1 1 
ATOM 814 C CD2 . LEU A 1 100 ? -1.750  -0.470  -5.523  1.00 65.22  ? 117 LEU A CD2 1 
ATOM 815 N N   . PHE A 1 101 ? 0.023   -2.212  -8.281  1.00 42.49  ? 118 PHE A N   1 
ATOM 816 C CA  . PHE A 1 101 ? 1.057   -1.298  -8.754  1.00 44.78  ? 118 PHE A CA  1 
ATOM 817 C C   . PHE A 1 101 ? 1.138   -1.214  -10.273 1.00 46.24  ? 118 PHE A C   1 
ATOM 818 O O   . PHE A 1 101 ? 1.437   -0.171  -10.844 1.00 46.91  ? 118 PHE A O   1 
ATOM 819 C CB  . PHE A 1 101 ? 2.434   -1.732  -8.187  1.00 47.30  ? 118 PHE A CB  1 
ATOM 820 C CG  . PHE A 1 101 ? 2.622   -1.440  -6.731  1.00 48.51  ? 118 PHE A CG  1 
ATOM 821 C CD1 . PHE A 1 101 ? 2.347   -0.189  -6.216  1.00 55.12  ? 118 PHE A CD1 1 
ATOM 822 C CD2 . PHE A 1 101 ? 3.137   -2.411  -5.872  1.00 53.19  ? 118 PHE A CD2 1 
ATOM 823 C CE1 . PHE A 1 101 ? 2.563   0.087   -4.878  1.00 57.36  ? 118 PHE A CE1 1 
ATOM 824 C CE2 . PHE A 1 101 ? 3.372   -2.136  -4.547  1.00 50.66  ? 118 PHE A CE2 1 
ATOM 825 C CZ  . PHE A 1 101 ? 3.084   -0.893  -4.046  1.00 57.45  ? 118 PHE A CZ  1 
ATOM 826 N N   . ARG A 1 102 ? 0.873   -2.341  -10.916 1.00 59.71  ? 119 ARG A N   1 
ATOM 827 C CA  . ARG A 1 102 ? 0.912   -2.459  -12.374 1.00 69.04  ? 119 ARG A CA  1 
ATOM 828 C C   . ARG A 1 102 ? -0.034  -1.535  -13.110 1.00 56.10  ? 119 ARG A C   1 
ATOM 829 O O   . ARG A 1 102 ? 0.223   -1.237  -14.257 1.00 60.99  ? 119 ARG A O   1 
ATOM 830 C CB  . ARG A 1 102 ? 0.631   -3.912  -12.840 1.00 74.44  ? 119 ARG A CB  1 
ATOM 831 C CG  . ARG A 1 102 ? 1.877   -4.722  -13.142 1.00 90.44  ? 119 ARG A CG  1 
ATOM 832 C CD  . ARG A 1 102 ? 1.572   -6.184  -13.462 1.00 97.29  ? 119 ARG A CD  1 
ATOM 833 N NE  . ARG A 1 102 ? 1.575   -7.041  -12.274 1.00 104.47 ? 119 ARG A NE  1 
ATOM 834 C CZ  . ARG A 1 102 ? 0.920   -8.202  -12.160 1.00 123.12 ? 119 ARG A CZ  1 
ATOM 835 N NH1 . ARG A 1 102 ? 0.170   -8.681  -13.158 1.00 133.93 ? 119 ARG A NH1 1 
ATOM 836 N NH2 . ARG A 1 102 ? 1.004   -8.899  -11.020 1.00 123.61 ? 119 ARG A NH2 1 
ATOM 837 N N   . LYS A 1 103 ? -1.138  -1.134  -12.503 1.00 57.30  ? 120 LYS A N   1 
ATOM 838 C CA  . LYS A 1 103 ? -2.098  -0.296  -13.212 1.00 72.69  ? 120 LYS A CA  1 
ATOM 839 C C   . LYS A 1 103 ? -1.986  1.179   -12.800 1.00 63.57  ? 120 LYS A C   1 
ATOM 840 O O   . LYS A 1 103 ? -2.606  2.038   -13.421 1.00 76.45  ? 120 LYS A O   1 
ATOM 841 C CB  . LYS A 1 103 ? -3.513  -0.863  -13.053 1.00 84.11  ? 120 LYS A CB  1 
ATOM 842 C CG  . LYS A 1 103 ? -4.145  -0.407  -11.782 1.00 99.90  ? 120 LYS A CG  1 
ATOM 843 C CD  . LYS A 1 103 ? -5.317  -1.254  -11.338 1.00 118.67 ? 120 LYS A CD  1 
ATOM 844 C CE  . LYS A 1 103 ? -5.559  -1.007  -9.850  1.00 127.31 ? 120 LYS A CE  1 
ATOM 845 N NZ  . LYS A 1 103 ? -6.727  -0.132  -9.492  1.00 129.86 ? 120 LYS A NZ  1 
ATOM 846 N N   . MET A 1 104 ? -1.167  1.474   -11.788 1.00 63.90  ? 121 MET A N   1 
ATOM 847 C CA  . MET A 1 104 ? -0.827  2.863   -11.412 1.00 58.08  ? 121 MET A CA  1 
ATOM 848 C C   . MET A 1 104 ? -0.026  3.535   -12.515 1.00 58.34  ? 121 MET A C   1 
ATOM 849 O O   . MET A 1 104 ? 0.606   2.882   -13.338 1.00 66.69  ? 121 MET A O   1 
ATOM 850 C CB  . MET A 1 104 ? -0.029  2.915   -10.113 1.00 59.83  ? 121 MET A CB  1 
ATOM 851 C CG  . MET A 1 104 ? -0.868  3.036   -8.834  1.00 54.93  ? 121 MET A CG  1 
ATOM 852 S SD  . MET A 1 104 ? 0.272   2.893   -7.458  1.00 50.71  ? 121 MET A SD  1 
ATOM 853 C CE  . MET A 1 104 ? -0.709  3.266   -6.017  1.00 58.76  ? 121 MET A CE  1 
ATOM 854 N N   . ARG A 1 105 ? -0.086  4.845   -12.553 1.00 51.86  ? 122 ARG A N   1 
ATOM 855 C CA  . ARG A 1 105 ? 0.748   5.573   -13.470 1.00 64.09  ? 122 ARG A CA  1 
ATOM 856 C C   . ARG A 1 105 ? 1.179   6.940   -12.904 1.00 51.47  ? 122 ARG A C   1 
ATOM 857 O O   . ARG A 1 105 ? 0.683   7.400   -11.900 1.00 45.78  ? 122 ARG A O   1 
ATOM 858 C CB  . ARG A 1 105 ? 0.118   5.600   -14.889 1.00 76.95  ? 122 ARG A CB  1 
ATOM 859 C CG  . ARG A 1 105 ? -1.396  5.604   -14.936 1.00 96.03  ? 122 ARG A CG  1 
ATOM 860 C CD  . ARG A 1 105 ? -2.022  4.616   -15.923 1.00 115.19 ? 122 ARG A CD  1 
ATOM 861 N NE  . ARG A 1 105 ? -3.318  5.145   -16.379 1.00 143.22 ? 122 ARG A NE  1 
ATOM 862 C CZ  . ARG A 1 105 ? -4.458  5.157   -15.669 1.00 165.26 ? 122 ARG A CZ  1 
ATOM 863 N NH1 . ARG A 1 105 ? -4.529  4.656   -14.432 1.00 166.03 ? 122 ARG A NH1 1 
ATOM 864 N NH2 . ARG A 1 105 ? -5.557  5.701   -16.204 1.00 177.58 ? 122 ARG A NH2 1 
ATOM 865 N N   . ILE A 1 106 ? 2.177   7.515   -13.520 1.00 47.86  ? 123 ILE A N   1 
ATOM 866 C CA  . ILE A 1 106 ? 2.765   8.756   -13.075 1.00 57.04  ? 123 ILE A CA  1 
ATOM 867 C C   . ILE A 1 106 ? 2.326   9.781   -14.122 1.00 63.33  ? 123 ILE A C   1 
ATOM 868 O O   . ILE A 1 106 ? 3.072   10.106  -15.053 1.00 67.62  ? 123 ILE A O   1 
ATOM 869 C CB  . ILE A 1 106 ? 4.303   8.621   -12.921 1.00 58.91  ? 123 ILE A CB  1 
ATOM 870 C CG1 . ILE A 1 106 ? 4.603   7.249   -12.278 1.00 62.46  ? 123 ILE A CG1 1 
ATOM 871 C CG2 . ILE A 1 106 ? 4.851   9.780   -12.081 1.00 58.24  ? 123 ILE A CG2 1 
ATOM 872 C CD1 . ILE A 1 106 ? 6.047   6.853   -12.173 1.00 68.83  ? 123 ILE A CD1 1 
ATOM 873 N N   . GLN A 1 107 ? 1.052   10.171  -13.997 1.00 66.88  ? 124 GLN A N   1 
ATOM 874 C CA  . GLN A 1 107 ? 0.387   11.185  -14.832 1.00 78.28  ? 124 GLN A CA  1 
ATOM 875 C C   . GLN A 1 107 ? -0.808  11.733  -14.042 1.00 73.42  ? 124 GLN A C   1 
ATOM 876 O O   . GLN A 1 107 ? -1.133  11.202  -12.968 1.00 62.87  ? 124 GLN A O   1 
ATOM 877 C CB  . GLN A 1 107 ? -0.154  10.669  -16.192 1.00 87.29  ? 124 GLN A CB  1 
ATOM 878 C CG  . GLN A 1 107 ? 0.063   9.205   -16.579 1.00 92.63  ? 124 GLN A CG  1 
ATOM 879 C CD  . GLN A 1 107 ? -0.904  8.731   -17.682 1.00 96.52  ? 124 GLN A CD  1 
ATOM 880 O OE1 . GLN A 1 107 ? -1.779  9.487   -18.151 1.00 97.71  ? 124 GLN A OE1 1 
ATOM 881 N NE2 . GLN A 1 107 ? -0.757  7.463   -18.087 1.00 77.82  ? 124 GLN A NE2 1 
# 
